data_2KWL
#
_entry.id   2KWL
#
_entity_poly.entity_id   1
_entity_poly.type   'polypeptide(L)'
_entity_poly.pdbx_seq_one_letter_code
;GPGSMDNDEIFSKVRSIISEQLDKKEDEITTDSRFVEDLNADSLDIYELLYLLEEAFDDKIPENEANEFETVGDVVNFIK
KRKG
;
_entity_poly.pdbx_strand_id   A
#
# COMPACT_ATOMS: atom_id res chain seq x y z
N GLY A 1 4.68 19.93 14.99
CA GLY A 1 4.67 18.51 15.29
C GLY A 1 5.46 17.70 14.28
N PRO A 2 5.67 16.41 14.58
CA PRO A 2 6.41 15.50 13.71
C PRO A 2 5.64 15.17 12.43
N GLY A 3 6.18 14.24 11.65
CA GLY A 3 5.53 13.85 10.41
C GLY A 3 6.30 14.29 9.18
N SER A 4 7.61 14.47 9.36
CA SER A 4 8.47 14.90 8.26
C SER A 4 9.62 13.92 8.05
N MET A 5 9.44 12.98 7.13
CA MET A 5 10.46 11.98 6.83
C MET A 5 10.04 11.12 5.65
N ASP A 6 11.03 10.54 4.97
CA ASP A 6 10.77 9.67 3.83
C ASP A 6 9.75 8.59 4.19
N ASN A 7 9.77 8.17 5.45
CA ASN A 7 8.86 7.12 5.91
C ASN A 7 7.42 7.46 5.54
N ASP A 8 7.01 8.68 5.85
CA ASP A 8 5.65 9.13 5.54
C ASP A 8 5.60 9.82 4.18
N GLU A 9 6.68 9.69 3.41
CA GLU A 9 6.76 10.31 2.09
C GLU A 9 6.56 9.27 1.00
N ILE A 10 6.86 8.01 1.32
CA ILE A 10 6.72 6.93 0.36
C ILE A 10 5.25 6.67 0.03
N PHE A 11 4.46 6.42 1.05
CA PHE A 11 3.03 6.16 0.86
C PHE A 11 2.31 7.41 0.36
N SER A 12 2.82 8.57 0.76
CA SER A 12 2.22 9.84 0.35
C SER A 12 2.54 10.14 -1.11
N LYS A 13 3.80 10.00 -1.47
CA LYS A 13 4.25 10.27 -2.83
C LYS A 13 3.54 9.34 -3.82
N VAL A 14 3.49 8.05 -3.49
CA VAL A 14 2.84 7.07 -4.34
C VAL A 14 1.37 7.39 -4.53
N ARG A 15 0.69 7.76 -3.44
CA ARG A 15 -0.72 8.10 -3.50
C ARG A 15 -0.94 9.39 -4.26
N SER A 16 0.05 10.28 -4.22
CA SER A 16 -0.05 11.56 -4.91
C SER A 16 -0.29 11.35 -6.40
N ILE A 17 0.13 10.20 -6.91
CA ILE A 17 -0.04 9.89 -8.32
C ILE A 17 -1.48 9.48 -8.63
N ILE A 18 -1.98 8.50 -7.89
CA ILE A 18 -3.35 8.03 -8.07
C ILE A 18 -4.36 9.08 -7.64
N SER A 19 -3.97 9.90 -6.67
CA SER A 19 -4.85 10.95 -6.17
C SER A 19 -5.45 11.76 -7.31
N GLU A 20 -4.72 11.82 -8.42
CA GLU A 20 -5.19 12.56 -9.59
C GLU A 20 -6.54 12.05 -10.06
N GLN A 21 -6.60 10.74 -10.35
CA GLN A 21 -7.84 10.12 -10.81
C GLN A 21 -8.72 9.71 -9.64
N LEU A 22 -8.10 9.08 -8.64
CA LEU A 22 -8.83 8.63 -7.45
C LEU A 22 -9.45 9.82 -6.72
N ASP A 23 -8.80 10.97 -6.80
CA ASP A 23 -9.28 12.18 -6.15
C ASP A 23 -9.58 11.92 -4.67
N LYS A 24 -8.84 10.98 -4.08
CA LYS A 24 -9.04 10.63 -2.67
C LYS A 24 -7.84 11.09 -1.84
N LYS A 25 -7.94 10.90 -0.53
CA LYS A 25 -6.87 11.29 0.38
C LYS A 25 -6.08 10.07 0.84
N GLU A 26 -4.76 10.22 0.92
CA GLU A 26 -3.90 9.12 1.34
C GLU A 26 -4.16 8.77 2.80
N ASP A 27 -4.83 9.66 3.52
CA ASP A 27 -5.14 9.44 4.93
C ASP A 27 -6.41 8.60 5.07
N GLU A 28 -6.87 8.04 3.96
CA GLU A 28 -8.07 7.22 3.96
C GLU A 28 -7.75 5.78 4.35
N ILE A 29 -6.51 5.55 4.77
CA ILE A 29 -6.07 4.21 5.16
C ILE A 29 -7.06 3.58 6.13
N THR A 30 -7.71 2.50 5.69
CA THR A 30 -8.67 1.80 6.52
C THR A 30 -8.98 0.42 5.95
N THR A 31 -9.46 -0.48 6.82
CA THR A 31 -9.79 -1.84 6.40
C THR A 31 -11.15 -1.88 5.72
N ASP A 32 -11.88 -0.78 5.79
CA ASP A 32 -13.20 -0.70 5.19
C ASP A 32 -13.14 -0.04 3.81
N SER A 33 -11.93 0.03 3.26
CA SER A 33 -11.72 0.64 1.94
C SER A 33 -11.29 -0.41 0.92
N ARG A 34 -10.19 -1.10 1.23
CA ARG A 34 -9.67 -2.13 0.34
C ARG A 34 -9.34 -1.55 -1.03
N PHE A 35 -8.94 -2.42 -1.96
CA PHE A 35 -8.60 -2.00 -3.30
C PHE A 35 -9.83 -1.51 -4.05
N VAL A 36 -10.98 -2.10 -3.75
CA VAL A 36 -12.24 -1.73 -4.39
C VAL A 36 -12.53 -0.25 -4.20
N GLU A 37 -12.43 0.21 -2.95
CA GLU A 37 -12.69 1.61 -2.63
C GLU A 37 -11.45 2.46 -2.88
N ASP A 38 -10.35 2.10 -2.21
CA ASP A 38 -9.10 2.83 -2.35
C ASP A 38 -8.63 2.83 -3.81
N LEU A 39 -8.30 1.63 -4.30
CA LEU A 39 -7.83 1.48 -5.68
C LEU A 39 -8.99 1.60 -6.66
N ASN A 40 -8.66 1.75 -7.95
CA ASN A 40 -9.68 1.87 -8.99
C ASN A 40 -9.85 0.55 -9.72
N ALA A 41 -9.68 -0.56 -9.00
CA ALA A 41 -9.83 -1.89 -9.58
C ALA A 41 -10.12 -2.93 -8.52
N ASP A 42 -10.13 -4.19 -8.92
CA ASP A 42 -10.39 -5.28 -7.99
C ASP A 42 -9.11 -6.06 -7.67
N SER A 43 -9.16 -6.88 -6.63
CA SER A 43 -8.00 -7.66 -6.21
C SER A 43 -7.47 -8.50 -7.38
N LEU A 44 -8.33 -8.76 -8.36
CA LEU A 44 -7.96 -9.54 -9.52
C LEU A 44 -6.69 -8.98 -10.16
N ASP A 45 -6.68 -7.68 -10.41
CA ASP A 45 -5.54 -7.03 -11.02
C ASP A 45 -4.44 -6.76 -9.98
N ILE A 46 -4.85 -6.65 -8.72
CA ILE A 46 -3.92 -6.40 -7.64
C ILE A 46 -3.06 -7.63 -7.35
N TYR A 47 -3.59 -8.80 -7.68
CA TYR A 47 -2.89 -10.06 -7.46
C TYR A 47 -1.48 -9.99 -8.02
N GLU A 48 -1.37 -9.63 -9.30
CA GLU A 48 -0.08 -9.53 -9.97
C GLU A 48 0.71 -8.32 -9.46
N LEU A 49 -0.02 -7.28 -9.05
CA LEU A 49 0.61 -6.06 -8.54
C LEU A 49 1.51 -6.38 -7.36
N LEU A 50 0.92 -6.91 -6.30
CA LEU A 50 1.66 -7.26 -5.09
C LEU A 50 2.58 -8.46 -5.34
N TYR A 51 2.08 -9.41 -6.11
CA TYR A 51 2.86 -10.62 -6.43
C TYR A 51 4.23 -10.25 -6.96
N LEU A 52 4.27 -9.30 -7.90
CA LEU A 52 5.54 -8.86 -8.49
C LEU A 52 6.26 -7.90 -7.55
N LEU A 53 5.50 -7.18 -6.74
CA LEU A 53 6.08 -6.23 -5.79
C LEU A 53 6.93 -6.95 -4.75
N GLU A 54 6.38 -8.03 -4.20
CA GLU A 54 7.09 -8.81 -3.19
C GLU A 54 8.35 -9.45 -3.78
N GLU A 55 8.30 -9.76 -5.06
CA GLU A 55 9.44 -10.39 -5.74
C GLU A 55 10.63 -9.43 -5.77
N ALA A 56 10.35 -8.13 -5.79
CA ALA A 56 11.39 -7.12 -5.82
C ALA A 56 12.05 -6.98 -4.46
N PHE A 57 11.38 -7.43 -3.42
CA PHE A 57 11.90 -7.35 -2.06
C PHE A 57 12.33 -8.73 -1.56
N ASP A 58 12.00 -9.77 -2.34
CA ASP A 58 12.34 -11.14 -1.97
C ASP A 58 11.65 -11.53 -0.67
N ASP A 59 10.33 -11.71 -0.73
CA ASP A 59 9.56 -12.10 0.44
C ASP A 59 8.17 -12.56 0.04
N LYS A 60 7.70 -13.62 0.68
CA LYS A 60 6.38 -14.18 0.40
C LYS A 60 5.28 -13.29 0.96
N ILE A 61 4.28 -13.00 0.14
CA ILE A 61 3.17 -12.16 0.56
C ILE A 61 2.23 -12.91 1.50
N PRO A 62 1.69 -14.05 1.02
CA PRO A 62 0.78 -14.88 1.80
C PRO A 62 1.49 -15.59 2.96
N GLU A 63 2.81 -15.44 3.01
CA GLU A 63 3.61 -16.07 4.05
C GLU A 63 4.18 -15.03 5.01
N ASN A 64 5.06 -14.20 4.49
CA ASN A 64 5.69 -13.15 5.30
C ASN A 64 4.69 -12.06 5.65
N GLU A 65 4.16 -11.39 4.63
CA GLU A 65 3.18 -10.32 4.83
C GLU A 65 1.96 -10.84 5.58
N ALA A 66 1.60 -12.10 5.33
CA ALA A 66 0.46 -12.71 5.98
C ALA A 66 0.55 -12.57 7.50
N ASN A 67 1.77 -12.43 8.00
CA ASN A 67 2.00 -12.28 9.44
C ASN A 67 1.19 -11.13 10.00
N GLU A 68 0.93 -10.13 9.16
CA GLU A 68 0.16 -8.97 9.58
C GLU A 68 -0.54 -8.31 8.40
N PHE A 69 -1.09 -9.15 7.52
CA PHE A 69 -1.79 -8.65 6.33
C PHE A 69 -3.30 -8.71 6.53
N GLU A 70 -4.01 -7.81 5.87
CA GLU A 70 -5.47 -7.75 5.98
C GLU A 70 -6.06 -6.90 4.86
N THR A 71 -5.72 -5.61 4.86
CA THR A 71 -6.24 -4.70 3.84
C THR A 71 -5.12 -3.78 3.33
N VAL A 72 -5.49 -2.87 2.44
CA VAL A 72 -4.53 -1.92 1.88
C VAL A 72 -3.76 -1.20 2.99
N GLY A 73 -4.46 -0.83 4.03
CA GLY A 73 -3.83 -0.13 5.15
C GLY A 73 -2.58 -0.84 5.63
N ASP A 74 -2.61 -2.17 5.61
CA ASP A 74 -1.47 -2.96 6.05
C ASP A 74 -0.29 -2.81 5.09
N VAL A 75 -0.57 -2.91 3.80
CA VAL A 75 0.47 -2.78 2.79
C VAL A 75 1.13 -1.40 2.85
N VAL A 76 0.33 -0.37 3.10
CA VAL A 76 0.84 0.99 3.19
C VAL A 76 1.90 1.10 4.27
N ASN A 77 1.53 0.78 5.50
CA ASN A 77 2.46 0.84 6.62
C ASN A 77 3.59 -0.16 6.45
N PHE A 78 3.35 -1.20 5.64
CA PHE A 78 4.35 -2.22 5.40
C PHE A 78 5.46 -1.71 4.50
N ILE A 79 5.10 -1.28 3.29
CA ILE A 79 6.06 -0.76 2.33
C ILE A 79 6.72 0.50 2.86
N LYS A 80 6.06 1.16 3.81
CA LYS A 80 6.58 2.39 4.40
C LYS A 80 7.84 2.10 5.22
N LYS A 81 7.73 1.16 6.15
CA LYS A 81 8.86 0.79 7.00
C LYS A 81 9.81 -0.16 6.26
N ARG A 82 9.24 -0.98 5.39
CA ARG A 82 10.04 -1.94 4.62
C ARG A 82 11.17 -1.23 3.89
N LYS A 83 10.86 -0.07 3.32
CA LYS A 83 11.85 0.71 2.58
C LYS A 83 12.42 1.82 3.45
N GLY A 84 11.54 2.53 4.14
CA GLY A 84 11.99 3.62 5.01
C GLY A 84 12.57 4.78 4.22
N GLY A 1 9.89 16.08 12.43
CA GLY A 1 10.95 15.77 11.48
C GLY A 1 10.48 15.89 10.04
N PRO A 2 10.26 17.12 9.58
CA PRO A 2 9.81 17.39 8.22
C PRO A 2 10.88 17.11 7.18
N GLY A 3 10.94 15.86 6.72
CA GLY A 3 11.94 15.48 5.73
C GLY A 3 12.97 14.53 6.29
N SER A 4 13.14 14.55 7.61
CA SER A 4 14.11 13.68 8.26
C SER A 4 13.90 12.21 7.86
N MET A 5 12.65 11.87 7.57
CA MET A 5 12.32 10.51 7.16
C MET A 5 11.08 10.50 6.26
N ASP A 6 11.05 9.56 5.32
CA ASP A 6 9.93 9.45 4.39
C ASP A 6 8.94 8.38 4.87
N ASN A 7 8.98 8.09 6.17
CA ASN A 7 8.09 7.09 6.75
C ASN A 7 6.63 7.38 6.39
N ASP A 8 6.27 8.65 6.42
CA ASP A 8 4.91 9.06 6.09
C ASP A 8 4.88 9.86 4.79
N GLU A 9 5.98 9.81 4.05
CA GLU A 9 6.07 10.53 2.79
C GLU A 9 5.93 9.58 1.60
N ILE A 10 6.24 8.30 1.82
CA ILE A 10 6.14 7.29 0.78
C ILE A 10 4.69 7.05 0.40
N PHE A 11 3.88 6.69 1.39
CA PHE A 11 2.46 6.42 1.15
C PHE A 11 1.72 7.70 0.75
N SER A 12 2.20 8.83 1.27
CA SER A 12 1.57 10.11 0.99
C SER A 12 1.89 10.56 -0.43
N LYS A 13 3.15 10.45 -0.81
CA LYS A 13 3.59 10.85 -2.15
C LYS A 13 2.91 10.00 -3.22
N VAL A 14 2.90 8.68 -2.99
CA VAL A 14 2.27 7.76 -3.93
C VAL A 14 0.80 8.07 -4.12
N ARG A 15 0.08 8.28 -3.01
CA ARG A 15 -1.34 8.59 -3.05
C ARG A 15 -1.57 9.97 -3.66
N SER A 16 -0.61 10.86 -3.49
CA SER A 16 -0.71 12.21 -4.01
C SER A 16 -0.80 12.21 -5.54
N ILE A 17 -0.23 11.16 -6.15
CA ILE A 17 -0.25 11.03 -7.59
C ILE A 17 -1.62 10.57 -8.09
N ILE A 18 -2.08 9.45 -7.54
CA ILE A 18 -3.38 8.89 -7.92
C ILE A 18 -4.52 9.78 -7.44
N SER A 19 -4.29 10.48 -6.33
CA SER A 19 -5.30 11.37 -5.77
C SER A 19 -5.89 12.28 -6.84
N GLU A 20 -5.08 12.58 -7.85
CA GLU A 20 -5.52 13.45 -8.94
C GLU A 20 -6.77 12.88 -9.62
N GLN A 21 -6.68 11.65 -10.09
CA GLN A 21 -7.81 11.00 -10.74
C GLN A 21 -8.74 10.35 -9.73
N LEU A 22 -8.16 9.63 -8.78
CA LEU A 22 -8.93 8.95 -7.74
C LEU A 22 -9.72 9.97 -6.91
N ASP A 23 -9.16 11.16 -6.77
CA ASP A 23 -9.83 12.22 -6.00
C ASP A 23 -10.13 11.74 -4.58
N LYS A 24 -9.36 10.77 -4.10
CA LYS A 24 -9.56 10.23 -2.76
C LYS A 24 -8.52 10.78 -1.79
N LYS A 25 -8.71 10.52 -0.50
CA LYS A 25 -7.79 10.98 0.53
C LYS A 25 -6.89 9.85 1.00
N GLU A 26 -5.59 10.14 1.12
CA GLU A 26 -4.64 9.14 1.57
C GLU A 26 -4.95 8.67 2.99
N ASP A 27 -5.77 9.44 3.69
CA ASP A 27 -6.16 9.10 5.05
C ASP A 27 -7.34 8.13 5.07
N GLU A 28 -7.66 7.59 3.89
CA GLU A 28 -8.76 6.65 3.76
C GLU A 28 -8.34 5.24 4.17
N ILE A 29 -7.10 5.12 4.61
CA ILE A 29 -6.56 3.83 5.03
C ILE A 29 -7.51 3.12 5.99
N THR A 30 -8.11 2.04 5.52
CA THR A 30 -9.05 1.26 6.33
C THR A 30 -9.35 -0.09 5.71
N THR A 31 -9.83 -1.02 6.52
CA THR A 31 -10.15 -2.36 6.04
C THR A 31 -11.50 -2.39 5.33
N ASP A 32 -12.22 -1.27 5.42
CA ASP A 32 -13.53 -1.16 4.79
C ASP A 32 -13.43 -0.43 3.45
N SER A 33 -12.22 -0.37 2.90
CA SER A 33 -11.99 0.30 1.63
C SER A 33 -11.44 -0.67 0.59
N ARG A 34 -10.33 -1.33 0.94
CA ARG A 34 -9.70 -2.29 0.04
C ARG A 34 -9.29 -1.61 -1.27
N PHE A 35 -8.81 -2.41 -2.21
CA PHE A 35 -8.39 -1.89 -3.51
C PHE A 35 -9.59 -1.40 -4.31
N VAL A 36 -10.74 -2.04 -4.11
CA VAL A 36 -11.96 -1.66 -4.81
C VAL A 36 -12.31 -0.20 -4.56
N GLU A 37 -12.29 0.21 -3.29
CA GLU A 37 -12.60 1.58 -2.92
C GLU A 37 -11.37 2.47 -3.07
N ASP A 38 -10.30 2.11 -2.38
CA ASP A 38 -9.06 2.88 -2.44
C ASP A 38 -8.50 2.92 -3.85
N LEU A 39 -8.10 1.75 -4.35
CA LEU A 39 -7.55 1.65 -5.70
C LEU A 39 -8.64 1.75 -6.75
N ASN A 40 -8.25 1.84 -8.01
CA ASN A 40 -9.19 1.95 -9.11
C ASN A 40 -9.28 0.64 -9.88
N ALA A 41 -9.08 -0.47 -9.18
CA ALA A 41 -9.14 -1.80 -9.79
C ALA A 41 -9.55 -2.85 -8.77
N ASP A 42 -9.56 -4.12 -9.21
CA ASP A 42 -9.93 -5.22 -8.34
C ASP A 42 -8.70 -6.03 -7.93
N SER A 43 -8.83 -6.79 -6.85
CA SER A 43 -7.73 -7.61 -6.35
C SER A 43 -7.13 -8.45 -7.47
N LEU A 44 -7.95 -8.76 -8.47
CA LEU A 44 -7.50 -9.56 -9.61
C LEU A 44 -6.22 -9.00 -10.20
N ASP A 45 -6.22 -7.69 -10.49
CA ASP A 45 -5.06 -7.03 -11.06
C ASP A 45 -4.02 -6.74 -9.99
N ILE A 46 -4.47 -6.69 -8.73
CA ILE A 46 -3.58 -6.41 -7.61
C ILE A 46 -2.72 -7.62 -7.28
N TYR A 47 -3.23 -8.80 -7.61
CA TYR A 47 -2.52 -10.06 -7.35
C TYR A 47 -1.08 -9.98 -7.87
N GLU A 48 -0.95 -9.65 -9.15
CA GLU A 48 0.37 -9.56 -9.77
C GLU A 48 1.14 -8.36 -9.21
N LEU A 49 0.44 -7.28 -8.92
CA LEU A 49 1.06 -6.08 -8.38
C LEU A 49 1.89 -6.41 -7.14
N LEU A 50 1.24 -6.95 -6.13
CA LEU A 50 1.93 -7.32 -4.89
C LEU A 50 2.85 -8.51 -5.11
N TYR A 51 2.37 -9.49 -5.87
CA TYR A 51 3.15 -10.69 -6.16
C TYR A 51 4.52 -10.32 -6.70
N LEU A 52 4.54 -9.43 -7.70
CA LEU A 52 5.80 -9.00 -8.31
C LEU A 52 6.56 -8.05 -7.38
N LEU A 53 5.83 -7.35 -6.53
CA LEU A 53 6.43 -6.41 -5.59
C LEU A 53 7.28 -7.15 -4.56
N GLU A 54 6.70 -8.17 -3.95
CA GLU A 54 7.42 -8.96 -2.94
C GLU A 54 8.64 -9.64 -3.55
N GLU A 55 8.54 -9.97 -4.83
CA GLU A 55 9.64 -10.63 -5.54
C GLU A 55 10.86 -9.71 -5.62
N ALA A 56 10.60 -8.42 -5.72
CA ALA A 56 11.68 -7.44 -5.80
C ALA A 56 12.39 -7.28 -4.47
N PHE A 57 11.73 -7.69 -3.40
CA PHE A 57 12.30 -7.60 -2.06
C PHE A 57 12.67 -8.99 -1.53
N ASP A 58 12.30 -10.01 -2.29
CA ASP A 58 12.60 -11.40 -1.90
C ASP A 58 11.96 -11.72 -0.55
N ASP A 59 10.64 -11.88 -0.55
CA ASP A 59 9.90 -12.20 0.66
C ASP A 59 8.49 -12.68 0.34
N LYS A 60 8.06 -13.73 1.03
CA LYS A 60 6.73 -14.29 0.82
C LYS A 60 5.66 -13.38 1.38
N ILE A 61 4.66 -13.06 0.55
CA ILE A 61 3.57 -12.19 0.97
C ILE A 61 2.60 -12.92 1.89
N PRO A 62 2.04 -14.04 1.39
CA PRO A 62 1.10 -14.85 2.14
C PRO A 62 1.76 -15.59 3.30
N GLU A 63 3.08 -15.43 3.43
CA GLU A 63 3.83 -16.08 4.48
C GLU A 63 4.32 -15.07 5.51
N ASN A 64 5.20 -14.16 5.07
CA ASN A 64 5.75 -13.13 5.95
C ASN A 64 4.73 -12.01 6.16
N GLU A 65 4.38 -11.32 5.08
CA GLU A 65 3.43 -10.23 5.14
C GLU A 65 2.10 -10.70 5.72
N ALA A 66 1.84 -12.00 5.62
CA ALA A 66 0.60 -12.57 6.12
C ALA A 66 0.52 -12.44 7.64
N ASN A 67 1.64 -12.09 8.26
CA ASN A 67 1.70 -11.93 9.71
C ASN A 67 0.73 -10.84 10.18
N GLU A 68 0.48 -9.87 9.31
CA GLU A 68 -0.43 -8.78 9.62
C GLU A 68 -1.06 -8.20 8.36
N PHE A 69 -1.46 -9.09 7.46
CA PHE A 69 -2.09 -8.68 6.19
C PHE A 69 -3.60 -8.82 6.26
N GLU A 70 -4.30 -7.93 5.58
CA GLU A 70 -5.76 -7.96 5.56
C GLU A 70 -6.31 -7.07 4.44
N THR A 71 -5.92 -5.81 4.46
CA THR A 71 -6.37 -4.86 3.45
C THR A 71 -5.24 -3.93 3.02
N VAL A 72 -5.56 -2.98 2.14
CA VAL A 72 -4.57 -2.03 1.65
C VAL A 72 -3.86 -1.35 2.81
N GLY A 73 -4.62 -0.94 3.82
CA GLY A 73 -4.04 -0.28 4.97
C GLY A 73 -2.85 -1.03 5.53
N ASP A 74 -2.93 -2.36 5.52
CA ASP A 74 -1.84 -3.18 6.03
C ASP A 74 -0.59 -3.03 5.17
N VAL A 75 -0.78 -2.95 3.86
CA VAL A 75 0.33 -2.81 2.94
C VAL A 75 0.98 -1.44 3.07
N VAL A 76 0.14 -0.40 3.14
CA VAL A 76 0.63 0.97 3.26
C VAL A 76 1.65 1.09 4.39
N ASN A 77 1.24 0.70 5.59
CA ASN A 77 2.12 0.76 6.76
C ASN A 77 3.28 -0.22 6.61
N PHE A 78 3.09 -1.24 5.78
CA PHE A 78 4.11 -2.24 5.56
C PHE A 78 5.27 -1.68 4.72
N ILE A 79 4.96 -1.26 3.50
CA ILE A 79 5.96 -0.70 2.61
C ILE A 79 6.53 0.59 3.17
N LYS A 80 5.76 1.25 4.03
CA LYS A 80 6.21 2.50 4.65
C LYS A 80 7.45 2.28 5.50
N LYS A 81 7.38 1.29 6.39
CA LYS A 81 8.49 0.97 7.27
C LYS A 81 9.54 0.13 6.54
N ARG A 82 9.10 -0.58 5.51
CA ARG A 82 10.00 -1.43 4.73
C ARG A 82 10.90 -0.58 3.83
N LYS A 83 10.33 0.49 3.27
CA LYS A 83 11.08 1.38 2.41
C LYS A 83 11.72 2.52 3.20
N GLY A 84 10.90 3.21 3.99
CA GLY A 84 11.39 4.31 4.79
C GLY A 84 12.12 5.35 3.97
N GLY A 1 3.51 9.87 15.59
CA GLY A 1 4.77 9.96 14.86
C GLY A 1 5.07 11.36 14.38
N PRO A 2 6.29 11.59 13.90
CA PRO A 2 6.72 12.90 13.39
C PRO A 2 6.04 13.26 12.08
N GLY A 3 6.04 12.33 11.14
CA GLY A 3 5.41 12.57 9.85
C GLY A 3 6.30 13.36 8.92
N SER A 4 7.61 13.30 9.15
CA SER A 4 8.57 14.02 8.33
C SER A 4 9.73 13.11 7.94
N MET A 5 9.42 12.04 7.23
CA MET A 5 10.44 11.09 6.79
C MET A 5 10.09 10.50 5.43
N ASP A 6 11.02 9.74 4.86
CA ASP A 6 10.80 9.12 3.55
C ASP A 6 9.50 8.32 3.54
N ASN A 7 9.24 7.61 4.64
CA ASN A 7 8.04 6.80 4.75
C ASN A 7 6.78 7.65 4.53
N ASP A 8 6.81 8.87 5.03
CA ASP A 8 5.68 9.78 4.88
C ASP A 8 5.65 10.39 3.48
N GLU A 9 6.65 10.05 2.68
CA GLU A 9 6.73 10.56 1.31
C GLU A 9 6.32 9.49 0.31
N ILE A 10 6.51 8.23 0.69
CA ILE A 10 6.17 7.11 -0.18
C ILE A 10 4.66 6.98 -0.34
N PHE A 11 3.95 6.88 0.78
CA PHE A 11 2.51 6.76 0.77
C PHE A 11 1.85 8.04 0.26
N SER A 12 2.52 9.17 0.49
CA SER A 12 2.01 10.46 0.06
C SER A 12 2.21 10.65 -1.44
N LYS A 13 3.41 10.35 -1.92
CA LYS A 13 3.72 10.49 -3.33
C LYS A 13 2.84 9.58 -4.18
N VAL A 14 2.81 8.30 -3.83
CA VAL A 14 1.99 7.33 -4.55
C VAL A 14 0.51 7.70 -4.49
N ARG A 15 0.08 8.19 -3.34
CA ARG A 15 -1.31 8.57 -3.15
C ARG A 15 -1.66 9.79 -4.00
N SER A 16 -0.68 10.68 -4.20
CA SER A 16 -0.89 11.88 -4.98
C SER A 16 -1.21 11.53 -6.43
N ILE A 17 -0.80 10.35 -6.86
CA ILE A 17 -1.04 9.90 -8.22
C ILE A 17 -2.51 9.52 -8.42
N ILE A 18 -3.00 8.63 -7.56
CA ILE A 18 -4.39 8.20 -7.64
C ILE A 18 -5.34 9.27 -7.11
N SER A 19 -4.85 10.05 -6.16
CA SER A 19 -5.66 11.12 -5.57
C SER A 19 -6.32 11.96 -6.65
N GLU A 20 -5.66 12.07 -7.79
CA GLU A 20 -6.19 12.85 -8.91
C GLU A 20 -7.49 12.24 -9.43
N GLN A 21 -7.51 10.92 -9.57
CA GLN A 21 -8.68 10.21 -10.07
C GLN A 21 -9.65 9.92 -8.94
N LEU A 22 -9.15 9.28 -7.88
CA LEU A 22 -9.98 8.95 -6.73
C LEU A 22 -10.53 10.20 -6.07
N ASP A 23 -9.77 11.28 -6.13
CA ASP A 23 -10.19 12.55 -5.53
C ASP A 23 -10.43 12.39 -4.04
N LYS A 24 -9.81 11.38 -3.44
CA LYS A 24 -9.98 11.11 -2.02
C LYS A 24 -8.82 11.70 -1.23
N LYS A 25 -8.84 11.49 0.09
CA LYS A 25 -7.78 11.99 0.96
C LYS A 25 -6.82 10.87 1.36
N GLU A 26 -5.61 11.25 1.75
CA GLU A 26 -4.59 10.28 2.15
C GLU A 26 -5.02 9.57 3.44
N ASP A 27 -5.99 10.14 4.13
CA ASP A 27 -6.49 9.57 5.37
C ASP A 27 -7.50 8.45 5.10
N GLU A 28 -7.58 8.04 3.84
CA GLU A 28 -8.50 6.98 3.44
C GLU A 28 -7.99 5.62 3.89
N ILE A 29 -6.69 5.55 4.18
CA ILE A 29 -6.07 4.30 4.61
C ILE A 29 -6.91 3.62 5.68
N THR A 30 -7.56 2.51 5.30
CA THR A 30 -8.40 1.76 6.23
C THR A 30 -8.78 0.41 5.66
N THR A 31 -9.33 -0.46 6.50
CA THR A 31 -9.73 -1.79 6.08
C THR A 31 -11.08 -1.75 5.37
N ASP A 32 -11.74 -0.60 5.41
CA ASP A 32 -13.03 -0.43 4.77
C ASP A 32 -12.90 0.29 3.43
N SER A 33 -11.72 0.16 2.82
CA SER A 33 -11.45 0.80 1.53
C SER A 33 -11.00 -0.22 0.50
N ARG A 34 -10.02 -1.04 0.87
CA ARG A 34 -9.50 -2.06 -0.02
C ARG A 34 -8.87 -1.43 -1.27
N PHE A 35 -8.43 -2.27 -2.19
CA PHE A 35 -7.82 -1.79 -3.43
C PHE A 35 -8.84 -1.06 -4.29
N VAL A 36 -10.10 -1.45 -4.16
CA VAL A 36 -11.18 -0.83 -4.93
C VAL A 36 -11.29 0.66 -4.61
N GLU A 37 -11.34 0.98 -3.32
CA GLU A 37 -11.45 2.36 -2.88
C GLU A 37 -10.08 3.03 -2.81
N ASP A 38 -9.19 2.44 -2.01
CA ASP A 38 -7.85 2.97 -1.85
C ASP A 38 -7.14 3.09 -3.20
N LEU A 39 -7.25 2.03 -4.01
CA LEU A 39 -6.61 2.01 -5.32
C LEU A 39 -7.66 2.11 -6.43
N ASN A 40 -7.20 2.12 -7.67
CA ASN A 40 -8.10 2.21 -8.82
C ASN A 40 -8.08 0.92 -9.63
N ALA A 41 -8.04 -0.21 -8.93
CA ALA A 41 -8.02 -1.51 -9.59
C ALA A 41 -8.55 -2.59 -8.66
N ASP A 42 -8.92 -3.74 -9.24
CA ASP A 42 -9.45 -4.86 -8.47
C ASP A 42 -8.32 -5.79 -8.05
N SER A 43 -8.57 -6.56 -7.00
CA SER A 43 -7.57 -7.49 -6.48
C SER A 43 -7.01 -8.36 -7.60
N LEU A 44 -7.83 -8.58 -8.63
CA LEU A 44 -7.41 -9.40 -9.77
C LEU A 44 -6.07 -8.92 -10.32
N ASP A 45 -5.96 -7.61 -10.54
CA ASP A 45 -4.73 -7.03 -11.06
C ASP A 45 -3.70 -6.85 -9.95
N ILE A 46 -4.17 -6.78 -8.71
CA ILE A 46 -3.29 -6.61 -7.56
C ILE A 46 -2.55 -7.90 -7.24
N TYR A 47 -3.15 -9.02 -7.62
CA TYR A 47 -2.55 -10.33 -7.37
C TYR A 47 -1.11 -10.37 -7.87
N GLU A 48 -0.93 -10.06 -9.15
CA GLU A 48 0.40 -10.05 -9.77
C GLU A 48 1.23 -8.87 -9.26
N LEU A 49 0.54 -7.79 -8.89
CA LEU A 49 1.21 -6.59 -8.39
C LEU A 49 2.05 -6.92 -7.16
N LEU A 50 1.41 -7.41 -6.12
CA LEU A 50 2.09 -7.76 -4.88
C LEU A 50 2.95 -9.01 -5.06
N TYR A 51 2.45 -9.94 -5.87
CA TYR A 51 3.18 -11.18 -6.14
C TYR A 51 4.59 -10.89 -6.64
N LEU A 52 4.68 -9.99 -7.62
CA LEU A 52 5.97 -9.62 -8.20
C LEU A 52 6.73 -8.65 -7.29
N LEU A 53 5.97 -7.89 -6.50
CA LEU A 53 6.56 -6.92 -5.58
C LEU A 53 7.33 -7.63 -4.47
N GLU A 54 6.67 -8.58 -3.81
CA GLU A 54 7.29 -9.33 -2.72
C GLU A 54 8.47 -10.14 -3.24
N GLU A 55 8.36 -10.62 -4.47
CA GLU A 55 9.42 -11.42 -5.08
C GLU A 55 10.69 -10.60 -5.25
N ALA A 56 10.55 -9.28 -5.17
CA ALA A 56 11.69 -8.39 -5.31
C ALA A 56 12.38 -8.14 -3.97
N PHE A 57 11.64 -8.39 -2.89
CA PHE A 57 12.18 -8.20 -1.55
C PHE A 57 12.50 -9.54 -0.89
N ASP A 58 12.39 -10.62 -1.66
CA ASP A 58 12.65 -11.95 -1.15
C ASP A 58 11.89 -12.21 0.15
N ASP A 59 10.57 -12.32 0.03
CA ASP A 59 9.73 -12.57 1.20
C ASP A 59 8.33 -13.01 0.76
N LYS A 60 7.86 -14.11 1.34
CA LYS A 60 6.54 -14.64 1.03
C LYS A 60 5.44 -13.72 1.54
N ILE A 61 4.46 -13.44 0.70
CA ILE A 61 3.35 -12.58 1.08
C ILE A 61 2.46 -13.25 2.12
N PRO A 62 1.94 -14.44 1.78
CA PRO A 62 1.07 -15.21 2.68
C PRO A 62 1.84 -15.77 3.88
N GLU A 63 3.15 -15.54 3.91
CA GLU A 63 3.98 -16.02 5.00
C GLU A 63 4.45 -14.88 5.87
N ASN A 64 5.28 -14.00 5.31
CA ASN A 64 5.81 -12.85 6.04
C ASN A 64 4.73 -11.79 6.22
N GLU A 65 4.23 -11.27 5.11
CA GLU A 65 3.19 -10.24 5.14
C GLU A 65 1.98 -10.71 5.94
N ALA A 66 1.56 -11.94 5.68
CA ALA A 66 0.42 -12.52 6.39
C ALA A 66 0.58 -12.40 7.90
N ASN A 67 1.83 -12.29 8.35
CA ASN A 67 2.12 -12.18 9.77
C ASN A 67 1.35 -11.02 10.40
N GLU A 68 1.04 -10.02 9.58
CA GLU A 68 0.31 -8.85 10.04
C GLU A 68 -0.40 -8.15 8.88
N PHE A 69 -0.96 -8.94 7.97
CA PHE A 69 -1.67 -8.39 6.82
C PHE A 69 -3.16 -8.37 7.06
N GLU A 70 -3.86 -7.47 6.37
CA GLU A 70 -5.31 -7.35 6.51
C GLU A 70 -5.91 -6.64 5.30
N THR A 71 -5.48 -5.41 5.06
CA THR A 71 -5.98 -4.62 3.94
C THR A 71 -4.88 -3.72 3.37
N VAL A 72 -5.25 -2.92 2.37
CA VAL A 72 -4.29 -2.01 1.74
C VAL A 72 -3.55 -1.19 2.79
N GLY A 73 -4.27 -0.76 3.82
CA GLY A 73 -3.66 0.04 4.86
C GLY A 73 -2.39 -0.59 5.40
N ASP A 74 -2.45 -1.88 5.69
CA ASP A 74 -1.29 -2.61 6.21
C ASP A 74 -0.12 -2.53 5.25
N VAL A 75 -0.42 -2.62 3.95
CA VAL A 75 0.61 -2.55 2.91
C VAL A 75 1.32 -1.20 2.93
N VAL A 76 0.54 -0.13 3.01
CA VAL A 76 1.08 1.22 3.03
C VAL A 76 2.16 1.36 4.11
N ASN A 77 1.84 0.91 5.31
CA ASN A 77 2.78 0.98 6.43
C ASN A 77 3.88 -0.07 6.29
N PHE A 78 3.59 -1.12 5.52
CA PHE A 78 4.55 -2.19 5.31
C PHE A 78 5.69 -1.73 4.40
N ILE A 79 5.35 -1.33 3.18
CA ILE A 79 6.34 -0.86 2.22
C ILE A 79 6.99 0.44 2.69
N LYS A 80 6.30 1.16 3.57
CA LYS A 80 6.80 2.41 4.11
C LYS A 80 8.07 2.19 4.92
N LYS A 81 7.98 1.29 5.90
CA LYS A 81 9.12 0.97 6.75
C LYS A 81 10.09 0.03 6.05
N ARG A 82 9.55 -0.89 5.26
CA ARG A 82 10.36 -1.85 4.53
C ARG A 82 11.42 -1.14 3.69
N LYS A 83 11.01 -0.09 2.99
CA LYS A 83 11.93 0.67 2.16
C LYS A 83 12.54 1.84 2.93
N GLY A 84 11.70 2.51 3.73
CA GLY A 84 12.17 3.63 4.51
C GLY A 84 11.48 3.73 5.86
N GLY A 1 4.23 9.30 15.57
CA GLY A 1 5.48 9.49 14.88
C GLY A 1 5.63 10.88 14.30
N PRO A 2 6.84 11.20 13.83
CA PRO A 2 7.14 12.51 13.24
C PRO A 2 6.47 12.71 11.89
N GLY A 3 6.60 11.71 11.02
CA GLY A 3 6.00 11.79 9.70
C GLY A 3 6.67 12.83 8.82
N SER A 4 7.92 13.15 9.13
CA SER A 4 8.66 14.15 8.36
C SER A 4 9.92 13.54 7.77
N MET A 5 9.78 12.38 7.14
CA MET A 5 10.91 11.70 6.52
C MET A 5 10.48 10.92 5.28
N ASP A 6 11.44 10.34 4.59
CA ASP A 6 11.16 9.56 3.38
C ASP A 6 10.07 8.52 3.65
N ASN A 7 10.10 7.95 4.86
CA ASN A 7 9.12 6.93 5.24
C ASN A 7 7.70 7.42 4.99
N ASP A 8 7.42 8.65 5.42
CA ASP A 8 6.09 9.24 5.24
C ASP A 8 5.99 9.94 3.90
N GLU A 9 7.02 9.78 3.07
CA GLU A 9 7.04 10.41 1.75
C GLU A 9 6.76 9.38 0.66
N ILE A 10 7.03 8.10 0.97
CA ILE A 10 6.80 7.03 0.02
C ILE A 10 5.32 6.88 -0.32
N PHE A 11 4.51 6.69 0.71
CA PHE A 11 3.07 6.53 0.54
C PHE A 11 2.43 7.85 0.10
N SER A 12 2.98 8.96 0.59
CA SER A 12 2.47 10.28 0.26
C SER A 12 2.74 10.62 -1.20
N LYS A 13 3.95 10.33 -1.65
CA LYS A 13 4.34 10.60 -3.04
C LYS A 13 3.56 9.71 -4.00
N VAL A 14 3.49 8.42 -3.69
CA VAL A 14 2.77 7.48 -4.54
C VAL A 14 1.27 7.77 -4.55
N ARG A 15 0.74 8.17 -3.39
CA ARG A 15 -0.67 8.48 -3.26
C ARG A 15 -1.02 9.74 -4.06
N SER A 16 -0.17 10.75 -3.96
CA SER A 16 -0.40 12.01 -4.67
C SER A 16 -0.61 11.76 -6.16
N ILE A 17 -0.08 10.65 -6.65
CA ILE A 17 -0.21 10.29 -8.07
C ILE A 17 -1.67 9.96 -8.41
N ILE A 18 -2.24 9.03 -7.66
CA ILE A 18 -3.63 8.63 -7.89
C ILE A 18 -4.60 9.67 -7.35
N SER A 19 -4.18 10.37 -6.31
CA SER A 19 -5.02 11.39 -5.70
C SER A 19 -5.58 12.35 -6.75
N GLU A 20 -4.82 12.53 -7.83
CA GLU A 20 -5.25 13.41 -8.90
C GLU A 20 -6.49 12.87 -9.60
N GLN A 21 -6.50 11.55 -9.83
CA GLN A 21 -7.62 10.89 -10.50
C GLN A 21 -8.72 10.56 -9.49
N LEU A 22 -8.35 9.85 -8.43
CA LEU A 22 -9.30 9.46 -7.40
C LEU A 22 -9.90 10.68 -6.71
N ASP A 23 -9.10 11.74 -6.61
CA ASP A 23 -9.54 12.98 -5.98
C ASP A 23 -9.93 12.74 -4.52
N LYS A 24 -9.18 11.87 -3.85
CA LYS A 24 -9.44 11.54 -2.46
C LYS A 24 -8.29 12.01 -1.57
N LYS A 25 -8.37 11.66 -0.28
CA LYS A 25 -7.34 12.04 0.67
C LYS A 25 -6.45 10.84 1.00
N GLU A 26 -5.17 11.12 1.27
CA GLU A 26 -4.23 10.06 1.60
C GLU A 26 -4.57 9.41 2.94
N ASP A 27 -5.41 10.09 3.71
CA ASP A 27 -5.83 9.57 5.01
C ASP A 27 -6.99 8.59 4.86
N GLU A 28 -7.27 8.20 3.63
CA GLU A 28 -8.36 7.27 3.35
C GLU A 28 -7.96 5.85 3.74
N ILE A 29 -6.71 5.67 4.15
CA ILE A 29 -6.21 4.37 4.55
C ILE A 29 -7.14 3.69 5.55
N THR A 30 -7.77 2.60 5.12
CA THR A 30 -8.70 1.86 5.98
C THR A 30 -9.00 0.49 5.41
N THR A 31 -9.47 -0.41 6.26
CA THR A 31 -9.80 -1.77 5.84
C THR A 31 -11.16 -1.83 5.15
N ASP A 32 -11.89 -0.72 5.22
CA ASP A 32 -13.20 -0.63 4.60
C ASP A 32 -13.12 0.02 3.22
N SER A 33 -11.92 0.06 2.66
CA SER A 33 -11.70 0.65 1.35
C SER A 33 -11.28 -0.41 0.34
N ARG A 34 -10.24 -1.17 0.68
CA ARG A 34 -9.73 -2.21 -0.19
C ARG A 34 -9.18 -1.62 -1.48
N PHE A 35 -8.79 -2.49 -2.41
CA PHE A 35 -8.24 -2.05 -3.69
C PHE A 35 -9.32 -1.40 -4.56
N VAL A 36 -10.58 -1.79 -4.31
CA VAL A 36 -11.70 -1.24 -5.06
C VAL A 36 -11.89 0.24 -4.78
N GLU A 37 -11.90 0.60 -3.50
CA GLU A 37 -12.07 1.99 -3.10
C GLU A 37 -10.73 2.73 -3.10
N ASP A 38 -9.78 2.21 -2.33
CA ASP A 38 -8.46 2.82 -2.24
C ASP A 38 -7.81 2.90 -3.61
N LEU A 39 -7.80 1.78 -4.32
CA LEU A 39 -7.20 1.72 -5.65
C LEU A 39 -8.27 1.73 -6.73
N ASN A 40 -7.84 1.73 -7.99
CA ASN A 40 -8.77 1.74 -9.12
C ASN A 40 -8.71 0.42 -9.88
N ALA A 41 -8.67 -0.68 -9.15
CA ALA A 41 -8.62 -2.01 -9.75
C ALA A 41 -9.11 -3.08 -8.79
N ASP A 42 -9.50 -4.23 -9.34
CA ASP A 42 -9.99 -5.33 -8.52
C ASP A 42 -8.85 -6.24 -8.09
N SER A 43 -9.06 -6.96 -6.99
CA SER A 43 -8.04 -7.86 -6.47
C SER A 43 -7.51 -8.78 -7.56
N LEU A 44 -8.34 -9.05 -8.56
CA LEU A 44 -7.96 -9.91 -9.66
C LEU A 44 -6.63 -9.46 -10.27
N ASP A 45 -6.53 -8.17 -10.57
CA ASP A 45 -5.32 -7.61 -11.15
C ASP A 45 -4.27 -7.37 -10.07
N ILE A 46 -4.70 -7.27 -8.82
CA ILE A 46 -3.80 -7.03 -7.70
C ILE A 46 -3.04 -8.31 -7.34
N TYR A 47 -3.64 -9.45 -7.66
CA TYR A 47 -3.02 -10.74 -7.37
C TYR A 47 -1.56 -10.77 -7.80
N GLU A 48 -1.33 -10.51 -9.09
CA GLU A 48 0.02 -10.49 -9.63
C GLU A 48 0.79 -9.26 -9.16
N LEU A 49 0.06 -8.16 -8.99
CA LEU A 49 0.66 -6.91 -8.54
C LEU A 49 1.50 -7.12 -7.29
N LEU A 50 0.87 -7.56 -6.22
CA LEU A 50 1.55 -7.80 -4.95
C LEU A 50 2.60 -8.90 -5.11
N TYR A 51 2.35 -9.81 -6.05
CA TYR A 51 3.28 -10.91 -6.30
C TYR A 51 4.65 -10.40 -6.70
N LEU A 52 4.68 -9.47 -7.64
CA LEU A 52 5.93 -8.88 -8.11
C LEU A 52 6.51 -7.92 -7.08
N LEU A 53 5.63 -7.31 -6.28
CA LEU A 53 6.05 -6.37 -5.25
C LEU A 53 6.90 -7.08 -4.19
N GLU A 54 6.44 -8.24 -3.74
CA GLU A 54 7.15 -9.01 -2.73
C GLU A 54 8.43 -9.60 -3.32
N GLU A 55 8.41 -9.91 -4.61
CA GLU A 55 9.56 -10.48 -5.29
C GLU A 55 10.72 -9.48 -5.34
N ALA A 56 10.37 -8.20 -5.44
CA ALA A 56 11.38 -7.15 -5.51
C ALA A 56 12.09 -6.99 -4.16
N PHE A 57 11.47 -7.49 -3.10
CA PHE A 57 12.05 -7.40 -1.76
C PHE A 57 12.50 -8.77 -1.29
N ASP A 58 12.16 -9.80 -2.05
CA ASP A 58 12.53 -11.17 -1.70
C ASP A 58 11.89 -11.59 -0.38
N ASP A 59 10.58 -11.78 -0.42
CA ASP A 59 9.84 -12.18 0.77
C ASP A 59 8.44 -12.67 0.41
N LYS A 60 7.98 -13.72 1.09
CA LYS A 60 6.66 -14.28 0.84
C LYS A 60 5.57 -13.38 1.40
N ILE A 61 4.52 -13.16 0.61
CA ILE A 61 3.41 -12.33 1.03
C ILE A 61 2.59 -13.00 2.13
N PRO A 62 2.07 -14.20 1.82
CA PRO A 62 1.26 -14.97 2.77
C PRO A 62 2.09 -15.52 3.93
N GLU A 63 3.40 -15.27 3.88
CA GLU A 63 4.30 -15.75 4.93
C GLU A 63 4.83 -14.57 5.75
N ASN A 64 5.62 -13.72 5.11
CA ASN A 64 6.19 -12.56 5.79
C ASN A 64 5.13 -11.48 6.01
N GLU A 65 4.58 -10.96 4.92
CA GLU A 65 3.55 -9.93 5.01
C GLU A 65 2.36 -10.41 5.83
N ALA A 66 2.14 -11.72 5.83
CA ALA A 66 1.03 -12.30 6.57
C ALA A 66 1.19 -12.05 8.07
N ASN A 67 2.38 -11.64 8.49
CA ASN A 67 2.66 -11.38 9.89
C ASN A 67 1.67 -10.35 10.45
N GLU A 68 1.17 -9.49 9.59
CA GLU A 68 0.22 -8.47 10.00
C GLU A 68 -0.53 -7.90 8.80
N PHE A 69 -0.96 -8.79 7.90
CA PHE A 69 -1.68 -8.37 6.70
C PHE A 69 -3.18 -8.45 6.92
N GLU A 70 -3.93 -7.54 6.29
CA GLU A 70 -5.37 -7.50 6.43
C GLU A 70 -6.01 -6.81 5.23
N THR A 71 -5.61 -5.56 4.99
CA THR A 71 -6.14 -4.79 3.87
C THR A 71 -5.07 -3.87 3.29
N VAL A 72 -5.46 -3.09 2.28
CA VAL A 72 -4.53 -2.16 1.63
C VAL A 72 -3.81 -1.30 2.67
N GLY A 73 -4.54 -0.85 3.68
CA GLY A 73 -3.95 -0.02 4.72
C GLY A 73 -2.65 -0.61 5.24
N ASP A 74 -2.66 -1.90 5.54
CA ASP A 74 -1.47 -2.57 6.06
C ASP A 74 -0.32 -2.48 5.07
N VAL A 75 -0.63 -2.66 3.78
CA VAL A 75 0.39 -2.59 2.74
C VAL A 75 1.06 -1.23 2.71
N VAL A 76 0.27 -0.17 2.84
CA VAL A 76 0.80 1.19 2.83
C VAL A 76 1.84 1.37 3.91
N ASN A 77 1.51 0.95 5.13
CA ASN A 77 2.43 1.07 6.27
C ASN A 77 3.56 0.05 6.16
N PHE A 78 3.30 -1.02 5.43
CA PHE A 78 4.31 -2.07 5.25
C PHE A 78 5.45 -1.60 4.36
N ILE A 79 5.11 -1.22 3.14
CA ILE A 79 6.10 -0.74 2.19
C ILE A 79 6.78 0.54 2.69
N LYS A 80 6.11 1.22 3.60
CA LYS A 80 6.63 2.47 4.17
C LYS A 80 7.86 2.19 5.04
N LYS A 81 7.71 1.27 5.99
CA LYS A 81 8.80 0.92 6.88
C LYS A 81 9.78 -0.05 6.19
N ARG A 82 9.29 -0.73 5.16
CA ARG A 82 10.12 -1.67 4.42
C ARG A 82 11.40 -1.01 3.94
N LYS A 83 11.31 0.26 3.60
CA LYS A 83 12.46 1.02 3.12
C LYS A 83 12.76 2.20 4.03
N GLY A 84 11.71 2.90 4.46
CA GLY A 84 11.87 4.04 5.33
C GLY A 84 12.08 3.64 6.78
N GLY A 1 4.21 10.24 15.24
CA GLY A 1 5.60 10.01 14.88
C GLY A 1 6.40 11.29 14.83
N PRO A 2 7.68 11.17 14.45
CA PRO A 2 8.59 12.32 14.36
C PRO A 2 8.24 13.24 13.19
N GLY A 3 8.03 12.65 12.02
CA GLY A 3 7.69 13.43 10.85
C GLY A 3 8.89 14.11 10.23
N SER A 4 10.08 13.57 10.50
CA SER A 4 11.31 14.13 9.97
C SER A 4 11.98 13.18 8.99
N MET A 5 11.16 12.40 8.29
CA MET A 5 11.67 11.43 7.32
C MET A 5 10.70 11.29 6.14
N ASP A 6 11.02 10.37 5.24
CA ASP A 6 10.17 10.12 4.08
C ASP A 6 9.12 9.07 4.37
N ASN A 7 8.99 8.70 5.64
CA ASN A 7 8.02 7.71 6.06
C ASN A 7 6.63 8.03 5.52
N ASP A 8 6.20 9.27 5.75
CA ASP A 8 4.89 9.72 5.28
C ASP A 8 5.00 10.36 3.91
N GLU A 9 6.12 10.13 3.23
CA GLU A 9 6.34 10.69 1.90
C GLU A 9 6.16 9.62 0.83
N ILE A 10 6.52 8.39 1.17
CA ILE A 10 6.39 7.27 0.24
C ILE A 10 4.94 7.01 -0.13
N PHE A 11 4.11 6.79 0.89
CA PHE A 11 2.69 6.53 0.67
C PHE A 11 2.00 7.75 0.08
N SER A 12 2.46 8.94 0.47
CA SER A 12 1.88 10.18 -0.02
C SER A 12 2.20 10.38 -1.50
N LYS A 13 3.47 10.19 -1.86
CA LYS A 13 3.91 10.34 -3.24
C LYS A 13 3.20 9.35 -4.15
N VAL A 14 3.00 8.14 -3.65
CA VAL A 14 2.34 7.09 -4.42
C VAL A 14 0.85 7.38 -4.56
N ARG A 15 0.22 7.80 -3.47
CA ARG A 15 -1.20 8.11 -3.47
C ARG A 15 -1.48 9.35 -4.32
N SER A 16 -0.51 10.25 -4.40
CA SER A 16 -0.65 11.47 -5.18
C SER A 16 -0.94 11.16 -6.64
N ILE A 17 -0.54 9.96 -7.08
CA ILE A 17 -0.76 9.54 -8.46
C ILE A 17 -2.21 9.10 -8.67
N ILE A 18 -2.65 8.15 -7.85
CA ILE A 18 -4.02 7.64 -7.94
C ILE A 18 -5.03 8.69 -7.51
N SER A 19 -4.61 9.57 -6.60
CA SER A 19 -5.48 10.62 -6.10
C SER A 19 -6.11 11.40 -7.24
N GLU A 20 -5.40 11.47 -8.37
CA GLU A 20 -5.89 12.18 -9.54
C GLU A 20 -7.11 11.47 -10.14
N GLN A 21 -7.09 10.15 -10.09
CA GLN A 21 -8.19 9.35 -10.64
C GLN A 21 -9.29 9.16 -9.61
N LEU A 22 -8.93 8.64 -8.44
CA LEU A 22 -9.89 8.42 -7.36
C LEU A 22 -10.45 9.74 -6.86
N ASP A 23 -9.63 10.78 -6.92
CA ASP A 23 -10.05 12.11 -6.46
C ASP A 23 -10.32 12.12 -4.96
N LYS A 24 -9.65 11.21 -4.25
CA LYS A 24 -9.83 11.11 -2.80
C LYS A 24 -8.54 11.50 -2.08
N LYS A 25 -8.54 11.34 -0.75
CA LYS A 25 -7.37 11.67 0.05
C LYS A 25 -6.63 10.41 0.47
N GLU A 26 -5.30 10.53 0.57
CA GLU A 26 -4.47 9.40 0.97
C GLU A 26 -4.75 9.00 2.41
N ASP A 27 -5.42 9.87 3.15
CA ASP A 27 -5.75 9.61 4.54
C ASP A 27 -6.97 8.70 4.65
N GLU A 28 -7.38 8.13 3.52
CA GLU A 28 -8.54 7.24 3.49
C GLU A 28 -8.15 5.83 3.93
N ILE A 29 -6.91 5.67 4.36
CA ILE A 29 -6.41 4.38 4.82
C ILE A 29 -7.38 3.74 5.81
N THR A 30 -7.98 2.62 5.42
CA THR A 30 -8.91 1.92 6.27
C THR A 30 -9.19 0.52 5.75
N THR A 31 -9.68 -0.36 6.63
CA THR A 31 -9.99 -1.73 6.25
C THR A 31 -11.33 -1.82 5.54
N ASP A 32 -12.06 -0.71 5.54
CA ASP A 32 -13.37 -0.66 4.88
C ASP A 32 -13.27 0.03 3.53
N SER A 33 -12.07 0.06 2.97
CA SER A 33 -11.84 0.69 1.67
C SER A 33 -11.37 -0.33 0.64
N ARG A 34 -10.32 -1.08 0.99
CA ARG A 34 -9.77 -2.09 0.09
C ARG A 34 -9.32 -1.47 -1.23
N PHE A 35 -8.71 -2.28 -2.08
CA PHE A 35 -8.22 -1.80 -3.36
C PHE A 35 -9.35 -1.25 -4.21
N VAL A 36 -10.56 -1.76 -3.98
CA VAL A 36 -11.74 -1.31 -4.72
C VAL A 36 -12.01 0.18 -4.48
N GLU A 37 -12.02 0.57 -3.21
CA GLU A 37 -12.27 1.96 -2.86
C GLU A 37 -10.97 2.78 -2.91
N ASP A 38 -9.98 2.34 -2.14
CA ASP A 38 -8.69 3.03 -2.10
C ASP A 38 -8.07 3.10 -3.50
N LEU A 39 -7.81 1.95 -4.09
CA LEU A 39 -7.22 1.89 -5.42
C LEU A 39 -8.30 1.94 -6.50
N ASN A 40 -7.87 2.01 -7.75
CA ASN A 40 -8.80 2.07 -8.87
C ASN A 40 -8.80 0.75 -9.65
N ALA A 41 -8.67 -0.35 -8.93
CA ALA A 41 -8.65 -1.67 -9.55
C ALA A 41 -9.07 -2.76 -8.56
N ASP A 42 -9.33 -3.95 -9.07
CA ASP A 42 -9.73 -5.07 -8.23
C ASP A 42 -8.53 -5.90 -7.82
N SER A 43 -8.69 -6.66 -6.73
CA SER A 43 -7.61 -7.51 -6.23
C SER A 43 -7.04 -8.39 -7.34
N LEU A 44 -7.87 -8.67 -8.34
CA LEU A 44 -7.45 -9.50 -9.46
C LEU A 44 -6.15 -8.98 -10.08
N ASP A 45 -6.12 -7.68 -10.34
CA ASP A 45 -4.93 -7.05 -10.92
C ASP A 45 -3.88 -6.79 -9.86
N ILE A 46 -4.32 -6.62 -8.62
CA ILE A 46 -3.42 -6.36 -7.52
C ILE A 46 -2.60 -7.59 -7.17
N TYR A 47 -3.15 -8.76 -7.46
CA TYR A 47 -2.47 -10.02 -7.19
C TYR A 47 -1.07 -10.02 -7.78
N GLU A 48 -0.97 -9.71 -9.06
CA GLU A 48 0.32 -9.68 -9.75
C GLU A 48 1.15 -8.49 -9.26
N LEU A 49 0.48 -7.39 -8.93
CA LEU A 49 1.15 -6.19 -8.46
C LEU A 49 2.04 -6.50 -7.26
N LEU A 50 1.42 -6.98 -6.18
CA LEU A 50 2.15 -7.32 -4.96
C LEU A 50 3.03 -8.55 -5.18
N TYR A 51 2.51 -9.51 -5.93
CA TYR A 51 3.24 -10.74 -6.21
C TYR A 51 4.64 -10.44 -6.73
N LEU A 52 4.72 -9.50 -7.69
CA LEU A 52 6.01 -9.12 -8.27
C LEU A 52 6.75 -8.16 -7.34
N LEU A 53 5.99 -7.40 -6.55
CA LEU A 53 6.58 -6.45 -5.63
C LEU A 53 7.40 -7.16 -4.56
N GLU A 54 6.84 -8.21 -3.98
CA GLU A 54 7.51 -8.98 -2.94
C GLU A 54 8.76 -9.66 -3.51
N GLU A 55 8.71 -10.00 -4.78
CA GLU A 55 9.83 -10.67 -5.44
C GLU A 55 11.05 -9.74 -5.50
N ALA A 56 10.79 -8.45 -5.73
CA ALA A 56 11.86 -7.47 -5.82
C ALA A 56 12.54 -7.28 -4.47
N PHE A 57 11.85 -7.67 -3.40
CA PHE A 57 12.39 -7.55 -2.05
C PHE A 57 12.76 -8.92 -1.48
N ASP A 58 12.42 -9.96 -2.22
CA ASP A 58 12.70 -11.33 -1.79
C ASP A 58 12.01 -11.63 -0.46
N ASP A 59 10.70 -11.81 -0.51
CA ASP A 59 9.92 -12.12 0.69
C ASP A 59 8.53 -12.63 0.31
N LYS A 60 8.03 -13.56 1.10
CA LYS A 60 6.71 -14.15 0.86
C LYS A 60 5.61 -13.22 1.37
N ILE A 61 4.61 -12.96 0.53
CA ILE A 61 3.50 -12.10 0.89
C ILE A 61 2.56 -12.80 1.86
N PRO A 62 2.01 -13.94 1.44
CA PRO A 62 1.08 -14.74 2.25
C PRO A 62 1.78 -15.40 3.43
N GLU A 63 3.09 -15.25 3.50
CA GLU A 63 3.87 -15.83 4.58
C GLU A 63 4.44 -14.75 5.50
N ASN A 64 5.31 -13.92 4.94
CA ASN A 64 5.93 -12.83 5.71
C ASN A 64 4.94 -11.69 5.93
N GLU A 65 4.51 -11.07 4.83
CA GLU A 65 3.57 -9.97 4.90
C GLU A 65 2.26 -10.40 5.59
N ALA A 66 2.00 -11.70 5.58
CA ALA A 66 0.80 -12.24 6.20
C ALA A 66 0.86 -12.10 7.71
N ASN A 67 2.03 -11.76 8.23
CA ASN A 67 2.22 -11.60 9.67
C ASN A 67 1.29 -10.52 10.22
N GLU A 68 0.97 -9.53 9.38
CA GLU A 68 0.09 -8.45 9.78
C GLU A 68 -0.63 -7.86 8.57
N PHE A 69 -1.13 -8.73 7.71
CA PHE A 69 -1.85 -8.29 6.52
C PHE A 69 -3.36 -8.38 6.72
N GLU A 70 -4.08 -7.45 6.10
CA GLU A 70 -5.54 -7.41 6.22
C GLU A 70 -6.16 -6.62 5.07
N THR A 71 -5.76 -5.36 4.95
CA THR A 71 -6.28 -4.51 3.89
C THR A 71 -5.19 -3.59 3.34
N VAL A 72 -5.56 -2.73 2.40
CA VAL A 72 -4.62 -1.80 1.79
C VAL A 72 -3.86 -1.02 2.86
N GLY A 73 -4.57 -0.59 3.89
CA GLY A 73 -3.94 0.16 4.97
C GLY A 73 -2.68 -0.51 5.49
N ASP A 74 -2.71 -1.83 5.59
CA ASP A 74 -1.57 -2.59 6.08
C ASP A 74 -0.40 -2.48 5.10
N VAL A 75 -0.70 -2.55 3.81
CA VAL A 75 0.33 -2.46 2.77
C VAL A 75 1.01 -1.10 2.80
N VAL A 76 0.23 -0.05 2.99
CA VAL A 76 0.76 1.30 3.04
C VAL A 76 1.83 1.44 4.10
N ASN A 77 1.49 1.08 5.33
CA ASN A 77 2.43 1.17 6.44
C ASN A 77 3.51 0.10 6.31
N PHE A 78 3.21 -0.96 5.57
CA PHE A 78 4.16 -2.05 5.37
C PHE A 78 5.34 -1.60 4.52
N ILE A 79 5.05 -1.17 3.29
CA ILE A 79 6.09 -0.71 2.37
C ILE A 79 6.79 0.54 2.93
N LYS A 80 6.08 1.27 3.78
CA LYS A 80 6.64 2.48 4.37
C LYS A 80 7.90 2.17 5.17
N LYS A 81 7.79 1.21 6.09
CA LYS A 81 8.92 0.82 6.91
C LYS A 81 9.85 -0.12 6.15
N ARG A 82 9.28 -0.89 5.22
CA ARG A 82 10.06 -1.83 4.42
C ARG A 82 11.07 -1.09 3.55
N LYS A 83 10.62 0.00 2.93
CA LYS A 83 11.48 0.80 2.06
C LYS A 83 12.19 1.89 2.85
N GLY A 84 11.44 2.58 3.70
CA GLY A 84 12.02 3.64 4.51
C GLY A 84 12.62 4.74 3.68
N GLY A 1 2.89 13.37 13.26
CA GLY A 1 2.25 13.38 11.96
C GLY A 1 3.22 13.20 10.83
N PRO A 2 2.71 13.21 9.58
CA PRO A 2 3.53 13.06 8.38
C PRO A 2 4.41 14.28 8.12
N GLY A 3 5.21 14.21 7.06
CA GLY A 3 6.10 15.31 6.72
C GLY A 3 7.36 15.32 7.56
N SER A 4 7.74 14.17 8.08
CA SER A 4 8.93 14.05 8.92
C SER A 4 10.11 13.55 8.09
N MET A 5 9.97 12.36 7.52
CA MET A 5 11.03 11.77 6.71
C MET A 5 10.45 11.04 5.50
N ASP A 6 11.32 10.40 4.73
CA ASP A 6 10.88 9.66 3.55
C ASP A 6 9.89 8.57 3.92
N ASN A 7 9.91 8.15 5.18
CA ASN A 7 9.01 7.12 5.67
C ASN A 7 7.56 7.45 5.29
N ASP A 8 7.12 8.65 5.64
CA ASP A 8 5.77 9.08 5.33
C ASP A 8 5.70 9.77 3.98
N GLU A 9 6.78 9.64 3.21
CA GLU A 9 6.84 10.26 1.89
C GLU A 9 6.64 9.22 0.78
N ILE A 10 6.93 7.96 1.11
CA ILE A 10 6.78 6.87 0.15
C ILE A 10 5.31 6.70 -0.26
N PHE A 11 4.45 6.50 0.73
CA PHE A 11 3.03 6.33 0.48
C PHE A 11 2.38 7.64 0.05
N SER A 12 2.90 8.74 0.58
CA SER A 12 2.38 10.07 0.26
C SER A 12 2.69 10.44 -1.19
N LYS A 13 3.91 10.13 -1.62
CA LYS A 13 4.34 10.44 -2.98
C LYS A 13 3.62 9.54 -3.99
N VAL A 14 3.55 8.25 -3.69
CA VAL A 14 2.89 7.30 -4.57
C VAL A 14 1.39 7.56 -4.63
N ARG A 15 0.80 7.88 -3.48
CA ARG A 15 -0.63 8.15 -3.41
C ARG A 15 -0.98 9.44 -4.13
N SER A 16 -0.13 10.46 -3.96
CA SER A 16 -0.36 11.75 -4.60
C SER A 16 -0.52 11.60 -6.10
N ILE A 17 0.04 10.52 -6.65
CA ILE A 17 -0.05 10.25 -8.07
C ILE A 17 -1.48 9.92 -8.49
N ILE A 18 -2.07 8.92 -7.82
CA ILE A 18 -3.43 8.51 -8.11
C ILE A 18 -4.44 9.49 -7.54
N SER A 19 -4.06 10.15 -6.45
CA SER A 19 -4.94 11.11 -5.80
C SER A 19 -5.49 12.11 -6.81
N GLU A 20 -4.71 12.38 -7.86
CA GLU A 20 -5.12 13.31 -8.89
C GLU A 20 -6.33 12.78 -9.67
N GLN A 21 -6.31 11.49 -9.97
CA GLN A 21 -7.40 10.86 -10.70
C GLN A 21 -8.51 10.42 -9.75
N LEU A 22 -8.14 9.66 -8.72
CA LEU A 22 -9.12 9.19 -7.75
C LEU A 22 -9.75 10.35 -7.00
N ASP A 23 -8.98 11.42 -6.81
CA ASP A 23 -9.47 12.60 -6.11
C ASP A 23 -9.84 12.27 -4.67
N LYS A 24 -9.15 11.28 -4.11
CA LYS A 24 -9.41 10.86 -2.74
C LYS A 24 -8.34 11.40 -1.80
N LYS A 25 -8.46 11.06 -0.52
CA LYS A 25 -7.49 11.52 0.49
C LYS A 25 -6.53 10.40 0.86
N GLU A 26 -5.25 10.75 0.97
CA GLU A 26 -4.22 9.78 1.33
C GLU A 26 -4.44 9.25 2.74
N ASP A 27 -5.24 9.97 3.52
CA ASP A 27 -5.53 9.58 4.89
C ASP A 27 -6.67 8.55 4.94
N GLU A 28 -7.04 8.03 3.78
CA GLU A 28 -8.11 7.04 3.68
C GLU A 28 -7.63 5.68 4.18
N ILE A 29 -6.35 5.59 4.50
CA ILE A 29 -5.77 4.34 4.99
C ILE A 29 -6.63 3.74 6.10
N THR A 30 -7.31 2.64 5.78
CA THR A 30 -8.16 1.97 6.76
C THR A 30 -8.56 0.58 6.28
N THR A 31 -8.95 -0.27 7.22
CA THR A 31 -9.35 -1.64 6.88
C THR A 31 -10.75 -1.68 6.29
N ASP A 32 -11.44 -0.55 6.34
CA ASP A 32 -12.79 -0.43 5.80
C ASP A 32 -12.78 0.21 4.42
N SER A 33 -11.65 0.12 3.74
CA SER A 33 -11.50 0.69 2.41
C SER A 33 -11.15 -0.38 1.38
N ARG A 34 -10.08 -1.12 1.66
CA ARG A 34 -9.64 -2.18 0.76
C ARG A 34 -9.24 -1.61 -0.59
N PHE A 35 -8.85 -2.49 -1.51
CA PHE A 35 -8.45 -2.07 -2.84
C PHE A 35 -9.63 -1.50 -3.61
N VAL A 36 -10.83 -1.97 -3.29
CA VAL A 36 -12.03 -1.49 -3.95
C VAL A 36 -12.26 -0.01 -3.70
N GLU A 37 -12.19 0.39 -2.44
CA GLU A 37 -12.38 1.79 -2.07
C GLU A 37 -11.08 2.57 -2.20
N ASP A 38 -10.05 2.13 -1.48
CA ASP A 38 -8.75 2.79 -1.52
C ASP A 38 -8.23 2.87 -2.95
N LEU A 39 -7.99 1.71 -3.55
CA LEU A 39 -7.49 1.65 -4.93
C LEU A 39 -8.63 1.70 -5.93
N ASN A 40 -8.28 1.74 -7.21
CA ASN A 40 -9.29 1.78 -8.28
C ASN A 40 -9.31 0.47 -9.06
N ALA A 41 -9.29 -0.64 -8.32
CA ALA A 41 -9.32 -1.96 -8.95
C ALA A 41 -9.63 -3.04 -7.91
N ASP A 42 -9.91 -4.25 -8.40
CA ASP A 42 -10.23 -5.37 -7.53
C ASP A 42 -8.99 -6.21 -7.24
N SER A 43 -9.07 -7.05 -6.21
CA SER A 43 -7.94 -7.90 -5.83
C SER A 43 -7.39 -8.64 -7.05
N LEU A 44 -8.24 -8.87 -8.03
CA LEU A 44 -7.85 -9.58 -9.25
C LEU A 44 -6.58 -8.95 -9.84
N ASP A 45 -6.60 -7.64 -10.00
CA ASP A 45 -5.46 -6.92 -10.56
C ASP A 45 -4.39 -6.70 -9.50
N ILE A 46 -4.78 -6.82 -8.23
CA ILE A 46 -3.86 -6.63 -7.12
C ILE A 46 -2.95 -7.85 -6.95
N TYR A 47 -3.46 -9.02 -7.33
CA TYR A 47 -2.70 -10.26 -7.21
C TYR A 47 -1.31 -10.10 -7.82
N GLU A 48 -1.25 -9.48 -8.99
CA GLU A 48 0.02 -9.26 -9.68
C GLU A 48 0.88 -8.24 -8.93
N LEU A 49 0.23 -7.23 -8.37
CA LEU A 49 0.93 -6.18 -7.63
C LEU A 49 1.75 -6.78 -6.50
N LEU A 50 1.07 -7.44 -5.57
CA LEU A 50 1.73 -8.06 -4.44
C LEU A 50 2.67 -9.18 -4.89
N TYR A 51 2.19 -10.00 -5.82
CA TYR A 51 2.99 -11.10 -6.34
C TYR A 51 4.37 -10.63 -6.77
N LEU A 52 4.40 -9.58 -7.59
CA LEU A 52 5.65 -9.03 -8.08
C LEU A 52 6.44 -8.37 -6.95
N LEU A 53 5.72 -7.87 -5.95
CA LEU A 53 6.35 -7.22 -4.80
C LEU A 53 7.13 -8.23 -3.97
N GLU A 54 6.69 -9.48 -4.00
CA GLU A 54 7.35 -10.55 -3.25
C GLU A 54 8.85 -10.54 -3.51
N GLU A 55 9.22 -10.54 -4.78
CA GLU A 55 10.63 -10.53 -5.18
C GLU A 55 11.28 -9.19 -4.86
N ALA A 56 10.50 -8.12 -4.98
CA ALA A 56 11.01 -6.78 -4.70
C ALA A 56 11.49 -6.66 -3.26
N PHE A 57 10.98 -7.54 -2.40
CA PHE A 57 11.36 -7.52 -0.99
C PHE A 57 11.91 -8.88 -0.56
N ASP A 58 12.05 -9.79 -1.53
CA ASP A 58 12.58 -11.12 -1.26
C ASP A 58 11.84 -11.77 -0.10
N ASP A 59 10.52 -11.89 -0.23
CA ASP A 59 9.70 -12.49 0.81
C ASP A 59 8.32 -12.84 0.27
N LYS A 60 7.76 -13.94 0.76
CA LYS A 60 6.44 -14.38 0.33
C LYS A 60 5.35 -13.45 0.85
N ILE A 61 4.41 -13.09 -0.03
CA ILE A 61 3.32 -12.20 0.34
C ILE A 61 2.31 -12.91 1.22
N PRO A 62 1.73 -14.00 0.69
CA PRO A 62 0.74 -14.80 1.43
C PRO A 62 1.34 -15.56 2.60
N GLU A 63 2.67 -15.48 2.74
CA GLU A 63 3.37 -16.16 3.81
C GLU A 63 3.92 -15.16 4.81
N ASN A 64 4.86 -14.34 4.37
CA ASN A 64 5.48 -13.33 5.23
C ASN A 64 4.51 -12.19 5.53
N GLU A 65 4.10 -11.50 4.47
CA GLU A 65 3.16 -10.39 4.62
C GLU A 65 1.87 -10.85 5.28
N ALA A 66 1.54 -12.13 5.12
CA ALA A 66 0.33 -12.69 5.70
C ALA A 66 0.40 -12.67 7.22
N ASN A 67 1.60 -12.44 7.75
CA ASN A 67 1.80 -12.41 9.20
C ASN A 67 1.08 -11.21 9.83
N GLU A 68 0.67 -10.27 8.98
CA GLU A 68 -0.02 -9.08 9.45
C GLU A 68 -0.70 -8.36 8.28
N PHE A 69 -1.29 -9.13 7.38
CA PHE A 69 -1.97 -8.56 6.22
C PHE A 69 -3.49 -8.55 6.43
N GLU A 70 -4.17 -7.65 5.74
CA GLU A 70 -5.62 -7.53 5.85
C GLU A 70 -6.17 -6.59 4.79
N THR A 71 -5.63 -5.38 4.72
CA THR A 71 -6.07 -4.39 3.76
C THR A 71 -4.90 -3.55 3.26
N VAL A 72 -5.19 -2.58 2.40
CA VAL A 72 -4.17 -1.69 1.86
C VAL A 72 -3.38 -1.01 2.97
N GLY A 73 -4.09 -0.59 4.01
CA GLY A 73 -3.44 0.08 5.13
C GLY A 73 -2.23 -0.68 5.63
N ASP A 74 -2.33 -2.01 5.66
CA ASP A 74 -1.24 -2.85 6.13
C ASP A 74 -0.05 -2.77 5.17
N VAL A 75 -0.35 -2.81 3.88
CA VAL A 75 0.69 -2.74 2.85
C VAL A 75 1.41 -1.40 2.87
N VAL A 76 0.65 -0.33 3.11
CA VAL A 76 1.21 1.00 3.15
C VAL A 76 2.31 1.10 4.20
N ASN A 77 2.00 0.68 5.42
CA ASN A 77 2.95 0.72 6.52
C ASN A 77 4.02 -0.35 6.35
N PHE A 78 3.69 -1.39 5.58
CA PHE A 78 4.61 -2.49 5.34
C PHE A 78 5.72 -2.06 4.38
N ILE A 79 5.33 -1.53 3.22
CA ILE A 79 6.29 -1.08 2.23
C ILE A 79 7.06 0.14 2.71
N LYS A 80 6.50 0.84 3.70
CA LYS A 80 7.13 2.02 4.26
C LYS A 80 8.24 1.64 5.24
N LYS A 81 7.90 0.79 6.21
CA LYS A 81 8.87 0.35 7.20
C LYS A 81 9.97 -0.50 6.55
N ARG A 82 9.58 -1.29 5.55
CA ARG A 82 10.53 -2.15 4.85
C ARG A 82 11.51 -1.31 4.03
N LYS A 83 11.12 -0.09 3.70
CA LYS A 83 11.97 0.80 2.93
C LYS A 83 12.74 1.75 3.84
N GLY A 84 12.01 2.63 4.52
CA GLY A 84 12.64 3.58 5.42
C GLY A 84 11.95 3.65 6.76
N GLY A 1 5.41 9.17 14.62
CA GLY A 1 6.61 9.86 14.18
C GLY A 1 6.40 11.35 14.02
N PRO A 2 7.48 12.08 13.70
CA PRO A 2 7.43 13.53 13.52
C PRO A 2 6.66 13.94 12.27
N GLY A 3 6.89 13.22 11.17
CA GLY A 3 6.22 13.52 9.92
C GLY A 3 7.16 14.06 8.87
N SER A 4 8.31 14.58 9.31
CA SER A 4 9.29 15.13 8.39
C SER A 4 10.32 14.08 7.99
N MET A 5 9.85 13.02 7.34
CA MET A 5 10.73 11.94 6.90
C MET A 5 10.22 11.32 5.60
N ASP A 6 11.14 11.04 4.69
CA ASP A 6 10.79 10.45 3.41
C ASP A 6 10.08 9.11 3.60
N ASN A 7 10.56 8.33 4.56
CA ASN A 7 9.97 7.03 4.86
C ASN A 7 8.46 7.15 5.08
N ASP A 8 8.07 8.10 5.92
CA ASP A 8 6.65 8.33 6.21
C ASP A 8 6.00 9.16 5.13
N GLU A 9 6.78 9.53 4.12
CA GLU A 9 6.27 10.34 3.01
C GLU A 9 6.04 9.47 1.78
N ILE A 10 6.60 8.27 1.79
CA ILE A 10 6.46 7.35 0.67
C ILE A 10 4.99 7.19 0.26
N PHE A 11 4.16 6.83 1.23
CA PHE A 11 2.73 6.64 0.98
C PHE A 11 2.09 7.96 0.53
N SER A 12 2.61 9.06 1.05
CA SER A 12 2.08 10.38 0.70
C SER A 12 2.37 10.73 -0.75
N LYS A 13 3.59 10.44 -1.18
CA LYS A 13 4.00 10.72 -2.56
C LYS A 13 3.22 9.86 -3.54
N VAL A 14 3.19 8.54 -3.30
CA VAL A 14 2.47 7.62 -4.17
C VAL A 14 0.97 7.91 -4.15
N ARG A 15 0.46 8.37 -3.01
CA ARG A 15 -0.95 8.68 -2.87
C ARG A 15 -1.32 9.90 -3.71
N SER A 16 -0.49 10.93 -3.63
CA SER A 16 -0.73 12.17 -4.38
C SER A 16 -0.74 11.90 -5.88
N ILE A 17 -0.06 10.82 -6.29
CA ILE A 17 0.01 10.46 -7.70
C ILE A 17 -1.32 9.89 -8.18
N ILE A 18 -1.82 8.87 -7.48
CA ILE A 18 -3.08 8.24 -7.84
C ILE A 18 -4.27 9.14 -7.49
N SER A 19 -4.10 9.93 -6.43
CA SER A 19 -5.16 10.83 -5.98
C SER A 19 -5.70 11.65 -7.15
N GLU A 20 -4.84 11.90 -8.13
CA GLU A 20 -5.24 12.68 -9.30
C GLU A 20 -6.43 12.05 -10.00
N GLN A 21 -6.29 10.78 -10.38
CA GLN A 21 -7.37 10.06 -11.06
C GLN A 21 -8.34 9.46 -10.05
N LEU A 22 -7.80 8.80 -9.04
CA LEU A 22 -8.62 8.18 -8.01
C LEU A 22 -9.45 9.22 -7.27
N ASP A 23 -9.00 10.47 -7.32
CA ASP A 23 -9.69 11.57 -6.66
C ASP A 23 -9.98 11.22 -5.20
N LYS A 24 -9.11 10.42 -4.60
CA LYS A 24 -9.27 10.01 -3.21
C LYS A 24 -8.27 10.74 -2.31
N LYS A 25 -8.50 10.67 -1.01
CA LYS A 25 -7.62 11.33 -0.04
C LYS A 25 -6.70 10.32 0.63
N GLU A 26 -5.57 10.81 1.15
CA GLU A 26 -4.61 9.95 1.81
C GLU A 26 -5.19 9.36 3.08
N ASP A 27 -6.29 9.94 3.55
CA ASP A 27 -6.94 9.47 4.76
C ASP A 27 -7.85 8.28 4.47
N GLU A 28 -7.77 7.77 3.24
CA GLU A 28 -8.58 6.64 2.82
C GLU A 28 -8.04 5.34 3.41
N ILE A 29 -6.81 5.39 3.92
CA ILE A 29 -6.17 4.23 4.51
C ILE A 29 -7.04 3.63 5.62
N THR A 30 -7.67 2.50 5.33
CA THR A 30 -8.52 1.83 6.30
C THR A 30 -8.89 0.42 5.84
N THR A 31 -9.35 -0.40 6.78
CA THR A 31 -9.72 -1.77 6.46
C THR A 31 -11.12 -1.83 5.82
N ASP A 32 -11.80 -0.70 5.83
CA ASP A 32 -13.15 -0.62 5.25
C ASP A 32 -13.11 0.08 3.90
N SER A 33 -11.96 0.02 3.23
CA SER A 33 -11.80 0.66 1.94
C SER A 33 -11.34 -0.35 0.88
N ARG A 34 -10.25 -1.06 1.19
CA ARG A 34 -9.71 -2.06 0.29
C ARG A 34 -9.32 -1.42 -1.04
N PHE A 35 -8.84 -2.25 -1.97
CA PHE A 35 -8.42 -1.77 -3.29
C PHE A 35 -9.62 -1.24 -4.08
N VAL A 36 -10.79 -1.81 -3.81
CA VAL A 36 -12.01 -1.38 -4.50
C VAL A 36 -12.29 0.09 -4.25
N GLU A 37 -12.30 0.49 -2.99
CA GLU A 37 -12.56 1.88 -2.62
C GLU A 37 -11.28 2.71 -2.71
N ASP A 38 -10.26 2.30 -1.96
CA ASP A 38 -8.98 3.00 -1.94
C ASP A 38 -8.42 3.12 -3.35
N LEU A 39 -8.16 1.97 -3.98
CA LEU A 39 -7.60 1.95 -5.33
C LEU A 39 -8.72 1.96 -6.38
N ASN A 40 -8.34 2.00 -7.65
CA ASN A 40 -9.30 2.01 -8.73
C ASN A 40 -9.26 0.70 -9.51
N ALA A 41 -9.02 -0.39 -8.80
CA ALA A 41 -8.96 -1.71 -9.42
C ALA A 41 -9.33 -2.81 -8.43
N ASP A 42 -9.64 -4.00 -8.94
CA ASP A 42 -10.00 -5.12 -8.09
C ASP A 42 -8.77 -5.94 -7.72
N SER A 43 -8.88 -6.70 -6.64
CA SER A 43 -7.77 -7.53 -6.17
C SER A 43 -7.22 -8.39 -7.31
N LEU A 44 -8.07 -8.69 -8.28
CA LEU A 44 -7.67 -9.50 -9.43
C LEU A 44 -6.41 -8.93 -10.07
N ASP A 45 -6.41 -7.63 -10.34
CA ASP A 45 -5.26 -6.96 -10.95
C ASP A 45 -4.19 -6.67 -9.91
N ILE A 46 -4.61 -6.51 -8.66
CA ILE A 46 -3.68 -6.23 -7.57
C ILE A 46 -2.81 -7.44 -7.25
N TYR A 47 -3.33 -8.62 -7.56
CA TYR A 47 -2.61 -9.87 -7.30
C TYR A 47 -1.19 -9.79 -7.87
N GLU A 48 -1.09 -9.45 -9.15
CA GLU A 48 0.21 -9.36 -9.80
C GLU A 48 1.03 -8.20 -9.22
N LEU A 49 0.34 -7.11 -8.89
CA LEU A 49 0.99 -5.94 -8.33
C LEU A 49 1.84 -6.32 -7.11
N LEU A 50 1.17 -6.87 -6.09
CA LEU A 50 1.85 -7.29 -4.87
C LEU A 50 2.75 -8.49 -5.12
N TYR A 51 2.28 -9.41 -5.96
CA TYR A 51 3.03 -10.61 -6.28
C TYR A 51 4.43 -10.26 -6.79
N LEU A 52 4.49 -9.34 -7.76
CA LEU A 52 5.75 -8.90 -8.32
C LEU A 52 6.50 -7.99 -7.36
N LEU A 53 5.76 -7.30 -6.51
CA LEU A 53 6.35 -6.39 -5.53
C LEU A 53 7.15 -7.16 -4.48
N GLU A 54 6.53 -8.20 -3.94
CA GLU A 54 7.19 -9.03 -2.93
C GLU A 54 8.42 -9.72 -3.49
N GLU A 55 8.37 -10.03 -4.78
CA GLU A 55 9.48 -10.69 -5.46
C GLU A 55 10.71 -9.80 -5.49
N ALA A 56 10.47 -8.49 -5.47
CA ALA A 56 11.57 -7.52 -5.51
C ALA A 56 12.22 -7.37 -4.13
N PHE A 57 11.49 -7.77 -3.09
CA PHE A 57 11.98 -7.69 -1.73
C PHE A 57 12.32 -9.07 -1.18
N ASP A 58 12.19 -10.08 -2.03
CA ASP A 58 12.48 -11.45 -1.64
C ASP A 58 11.74 -11.81 -0.35
N ASP A 59 10.42 -11.94 -0.45
CA ASP A 59 9.60 -12.27 0.70
C ASP A 59 8.20 -12.72 0.27
N LYS A 60 7.66 -13.72 0.95
CA LYS A 60 6.33 -14.23 0.63
C LYS A 60 5.24 -13.32 1.20
N ILE A 61 4.24 -13.04 0.38
CA ILE A 61 3.13 -12.17 0.80
C ILE A 61 2.22 -12.90 1.79
N PRO A 62 1.67 -14.04 1.36
CA PRO A 62 0.77 -14.85 2.19
C PRO A 62 1.50 -15.53 3.34
N GLU A 63 2.82 -15.36 3.37
CA GLU A 63 3.63 -15.96 4.43
C GLU A 63 4.19 -14.89 5.36
N ASN A 64 5.05 -14.03 4.82
CA ASN A 64 5.66 -12.95 5.60
C ASN A 64 4.64 -11.87 5.91
N GLU A 65 4.12 -11.24 4.85
CA GLU A 65 3.14 -10.17 5.01
C GLU A 65 1.92 -10.66 5.79
N ALA A 66 1.56 -11.92 5.58
CA ALA A 66 0.41 -12.51 6.26
C ALA A 66 0.53 -12.36 7.77
N ASN A 67 1.77 -12.18 8.24
CA ASN A 67 2.02 -12.02 9.67
C ASN A 67 1.33 -10.76 10.20
N GLU A 68 0.94 -9.88 9.29
CA GLU A 68 0.28 -8.63 9.67
C GLU A 68 -0.45 -8.03 8.49
N PHE A 69 -1.05 -8.88 7.66
CA PHE A 69 -1.79 -8.43 6.49
C PHE A 69 -3.29 -8.48 6.72
N GLU A 70 -4.03 -7.60 6.06
CA GLU A 70 -5.48 -7.55 6.20
C GLU A 70 -6.11 -6.71 5.09
N THR A 71 -5.65 -5.48 4.95
CA THR A 71 -6.16 -4.58 3.93
C THR A 71 -5.06 -3.67 3.39
N VAL A 72 -5.43 -2.77 2.48
CA VAL A 72 -4.48 -1.85 1.88
C VAL A 72 -3.70 -1.10 2.96
N GLY A 73 -4.39 -0.65 4.00
CA GLY A 73 -3.75 0.07 5.07
C GLY A 73 -2.52 -0.65 5.59
N ASP A 74 -2.56 -1.98 5.60
CA ASP A 74 -1.45 -2.78 6.08
C ASP A 74 -0.25 -2.66 5.12
N VAL A 75 -0.52 -2.71 3.83
CA VAL A 75 0.52 -2.61 2.82
C VAL A 75 1.19 -1.24 2.86
N VAL A 76 0.38 -0.20 3.01
CA VAL A 76 0.90 1.16 3.06
C VAL A 76 1.96 1.31 4.14
N ASN A 77 1.60 0.93 5.36
CA ASN A 77 2.54 1.03 6.49
C ASN A 77 3.66 0.01 6.34
N PHE A 78 3.41 -1.04 5.56
CA PHE A 78 4.41 -2.08 5.34
C PHE A 78 5.52 -1.58 4.43
N ILE A 79 5.17 -1.20 3.21
CA ILE A 79 6.13 -0.71 2.24
C ILE A 79 6.83 0.55 2.76
N LYS A 80 6.19 1.23 3.70
CA LYS A 80 6.75 2.44 4.29
C LYS A 80 8.02 2.13 5.07
N LYS A 81 7.92 1.18 5.99
CA LYS A 81 9.06 0.79 6.81
C LYS A 81 10.02 -0.10 6.02
N ARG A 82 9.47 -0.86 5.08
CA ARG A 82 10.28 -1.74 4.25
C ARG A 82 11.30 -0.96 3.44
N LYS A 83 10.87 0.14 2.83
CA LYS A 83 11.74 0.98 2.03
C LYS A 83 12.42 2.03 2.90
N GLY A 84 11.70 2.52 3.91
CA GLY A 84 12.25 3.52 4.80
C GLY A 84 13.45 3.02 5.58
N GLY A 1 7.12 12.29 18.33
CA GLY A 1 6.47 12.06 17.04
C GLY A 1 6.65 13.21 16.09
N PRO A 2 7.85 13.34 15.51
CA PRO A 2 8.17 14.41 14.57
C PRO A 2 7.44 14.23 13.23
N GLY A 3 7.46 13.01 12.72
CA GLY A 3 6.80 12.74 11.45
C GLY A 3 7.43 13.50 10.30
N SER A 4 8.67 13.90 10.46
CA SER A 4 9.38 14.65 9.44
C SER A 4 10.50 13.81 8.82
N MET A 5 10.15 13.03 7.80
CA MET A 5 11.12 12.18 7.12
C MET A 5 10.51 11.52 5.89
N ASP A 6 11.34 10.85 5.11
CA ASP A 6 10.87 10.17 3.90
C ASP A 6 9.84 9.10 4.24
N ASN A 7 9.83 8.68 5.50
CA ASN A 7 8.89 7.66 5.95
C ASN A 7 7.46 8.05 5.60
N ASP A 8 7.10 9.30 5.87
CA ASP A 8 5.77 9.79 5.58
C ASP A 8 5.68 10.35 4.17
N GLU A 9 6.75 10.14 3.39
CA GLU A 9 6.80 10.63 2.01
C GLU A 9 6.56 9.49 1.02
N ILE A 10 6.89 8.27 1.45
CA ILE A 10 6.73 7.10 0.60
C ILE A 10 5.26 6.91 0.21
N PHE A 11 4.40 6.82 1.21
CA PHE A 11 2.97 6.64 0.97
C PHE A 11 2.35 7.90 0.37
N SER A 12 2.89 9.06 0.74
CA SER A 12 2.40 10.34 0.24
C SER A 12 2.67 10.47 -1.26
N LYS A 13 3.89 10.16 -1.66
CA LYS A 13 4.28 10.24 -3.06
C LYS A 13 3.54 9.20 -3.90
N VAL A 14 3.48 7.97 -3.39
CA VAL A 14 2.80 6.89 -4.08
C VAL A 14 1.30 7.15 -4.19
N ARG A 15 0.70 7.55 -3.07
CA ARG A 15 -0.73 7.84 -3.03
C ARG A 15 -1.06 9.08 -3.86
N SER A 16 -0.10 10.00 -3.93
CA SER A 16 -0.29 11.24 -4.69
C SER A 16 -0.48 10.94 -6.17
N ILE A 17 0.02 9.79 -6.61
CA ILE A 17 -0.09 9.40 -8.01
C ILE A 17 -1.48 8.88 -8.31
N ILE A 18 -1.94 7.90 -7.54
CA ILE A 18 -3.27 7.33 -7.73
C ILE A 18 -4.36 8.30 -7.30
N SER A 19 -4.05 9.14 -6.32
CA SER A 19 -5.00 10.13 -5.81
C SER A 19 -5.60 10.94 -6.96
N GLU A 20 -4.81 11.13 -8.01
CA GLU A 20 -5.27 11.88 -9.18
C GLU A 20 -6.37 11.14 -9.92
N GLN A 21 -6.25 9.82 -9.97
CA GLN A 21 -7.25 8.99 -10.65
C GLN A 21 -8.42 8.68 -9.72
N LEU A 22 -8.11 8.12 -8.55
CA LEU A 22 -9.14 7.77 -7.58
C LEU A 22 -9.75 9.02 -6.96
N ASP A 23 -9.13 10.17 -7.23
CA ASP A 23 -9.62 11.43 -6.70
C ASP A 23 -9.80 11.37 -5.19
N LYS A 24 -9.00 10.52 -4.54
CA LYS A 24 -9.07 10.35 -3.09
C LYS A 24 -7.72 10.64 -2.45
N LYS A 25 -7.74 10.96 -1.16
CA LYS A 25 -6.53 11.25 -0.42
C LYS A 25 -6.11 10.07 0.45
N GLU A 26 -5.01 10.23 1.19
CA GLU A 26 -4.52 9.18 2.06
C GLU A 26 -5.54 8.85 3.15
N ASP A 27 -6.49 9.76 3.36
CA ASP A 27 -7.52 9.58 4.36
C ASP A 27 -8.29 8.28 4.11
N GLU A 28 -8.23 7.79 2.88
CA GLU A 28 -8.92 6.57 2.50
C GLU A 28 -8.20 5.34 3.06
N ILE A 29 -6.92 5.51 3.38
CA ILE A 29 -6.12 4.41 3.92
C ILE A 29 -6.78 3.81 5.16
N THR A 30 -7.46 2.68 4.97
CA THR A 30 -8.13 2.00 6.07
C THR A 30 -8.56 0.60 5.66
N THR A 31 -8.92 -0.21 6.66
CA THR A 31 -9.36 -1.58 6.41
C THR A 31 -10.82 -1.62 5.96
N ASP A 32 -11.49 -0.48 6.05
CA ASP A 32 -12.89 -0.38 5.65
C ASP A 32 -13.02 0.15 4.23
N SER A 33 -11.93 0.03 3.45
CA SER A 33 -11.92 0.50 2.08
C SER A 33 -11.49 -0.62 1.13
N ARG A 34 -10.37 -1.26 1.45
CA ARG A 34 -9.84 -2.34 0.62
C ARG A 34 -9.51 -1.84 -0.78
N PHE A 35 -9.14 -2.77 -1.65
CA PHE A 35 -8.79 -2.43 -3.03
C PHE A 35 -10.02 -1.96 -3.80
N VAL A 36 -11.18 -2.52 -3.45
CA VAL A 36 -12.43 -2.17 -4.11
C VAL A 36 -12.72 -0.67 -3.97
N GLU A 37 -12.61 -0.17 -2.75
CA GLU A 37 -12.86 1.24 -2.48
C GLU A 37 -11.62 2.08 -2.76
N ASP A 38 -10.52 1.74 -2.11
CA ASP A 38 -9.26 2.45 -2.29
C ASP A 38 -8.79 2.35 -3.74
N LEU A 39 -8.48 1.15 -4.18
CA LEU A 39 -8.01 0.93 -5.54
C LEU A 39 -9.18 0.97 -6.53
N ASN A 40 -8.85 0.99 -7.82
CA ASN A 40 -9.88 1.03 -8.86
C ASN A 40 -10.03 -0.34 -9.52
N ALA A 41 -9.88 -1.40 -8.73
CA ALA A 41 -10.01 -2.75 -9.23
C ALA A 41 -10.23 -3.74 -8.09
N ASP A 42 -10.22 -5.04 -8.42
CA ASP A 42 -10.41 -6.09 -7.42
C ASP A 42 -9.09 -6.81 -7.14
N SER A 43 -9.10 -7.66 -6.13
CA SER A 43 -7.91 -8.42 -5.75
C SER A 43 -7.32 -9.13 -6.96
N LEU A 44 -8.17 -9.40 -7.95
CA LEU A 44 -7.72 -10.09 -9.17
C LEU A 44 -6.50 -9.40 -9.76
N ASP A 45 -6.57 -8.09 -9.94
CA ASP A 45 -5.46 -7.32 -10.48
C ASP A 45 -4.41 -7.04 -9.42
N ILE A 46 -4.82 -7.12 -8.16
CA ILE A 46 -3.92 -6.88 -7.04
C ILE A 46 -2.95 -8.02 -6.85
N TYR A 47 -3.38 -9.22 -7.22
CA TYR A 47 -2.55 -10.42 -7.10
C TYR A 47 -1.17 -10.18 -7.72
N GLU A 48 -1.16 -9.78 -8.98
CA GLU A 48 0.09 -9.52 -9.68
C GLU A 48 0.80 -8.29 -9.12
N LEU A 49 0.02 -7.29 -8.75
CA LEU A 49 0.56 -6.06 -8.18
C LEU A 49 1.52 -6.37 -7.03
N LEU A 50 0.99 -7.01 -5.99
CA LEU A 50 1.80 -7.37 -4.82
C LEU A 50 2.82 -8.44 -5.18
N TYR A 51 2.38 -9.45 -5.92
CA TYR A 51 3.25 -10.55 -6.33
C TYR A 51 4.53 -10.02 -6.96
N LEU A 52 4.37 -9.04 -7.84
CA LEU A 52 5.52 -8.43 -8.52
C LEU A 52 6.28 -7.49 -7.60
N LEU A 53 5.55 -6.92 -6.63
CA LEU A 53 6.15 -6.00 -5.68
C LEU A 53 7.11 -6.73 -4.73
N GLU A 54 6.62 -7.81 -4.13
CA GLU A 54 7.43 -8.59 -3.21
C GLU A 54 8.59 -9.27 -3.94
N GLU A 55 8.31 -9.77 -5.15
CA GLU A 55 9.32 -10.44 -5.94
C GLU A 55 10.52 -9.53 -6.19
N ALA A 56 10.27 -8.23 -6.14
CA ALA A 56 11.33 -7.24 -6.37
C ALA A 56 12.17 -7.06 -5.10
N PHE A 57 11.60 -7.43 -3.96
CA PHE A 57 12.31 -7.30 -2.69
C PHE A 57 12.69 -8.66 -2.13
N ASP A 58 12.37 -9.71 -2.88
CA ASP A 58 12.68 -11.07 -2.47
C ASP A 58 12.00 -11.40 -1.14
N ASP A 59 10.70 -11.64 -1.19
CA ASP A 59 9.93 -11.96 0.01
C ASP A 59 8.57 -12.55 -0.35
N LYS A 60 7.94 -13.23 0.60
CA LYS A 60 6.64 -13.83 0.38
C LYS A 60 5.53 -12.96 0.96
N ILE A 61 4.56 -12.62 0.13
CA ILE A 61 3.43 -11.79 0.56
C ILE A 61 2.46 -12.59 1.43
N PRO A 62 1.93 -13.69 0.86
CA PRO A 62 0.99 -14.56 1.57
C PRO A 62 1.65 -15.33 2.70
N GLU A 63 2.96 -15.16 2.86
CA GLU A 63 3.71 -15.83 3.91
C GLU A 63 4.17 -14.85 4.97
N ASN A 64 5.06 -13.95 4.58
CA ASN A 64 5.58 -12.94 5.50
C ASN A 64 4.59 -11.82 5.71
N GLU A 65 4.25 -11.12 4.63
CA GLU A 65 3.31 -10.01 4.70
C GLU A 65 1.96 -10.48 5.22
N ALA A 66 1.70 -11.78 5.10
CA ALA A 66 0.45 -12.36 5.57
C ALA A 66 0.37 -12.37 7.09
N ASN A 67 1.49 -12.06 7.73
CA ASN A 67 1.56 -12.02 9.19
C ASN A 67 0.66 -10.93 9.75
N GLU A 68 0.36 -9.93 8.92
CA GLU A 68 -0.49 -8.82 9.33
C GLU A 68 -1.07 -8.10 8.13
N PHE A 69 -1.52 -8.86 7.14
CA PHE A 69 -2.09 -8.29 5.93
C PHE A 69 -3.61 -8.25 6.01
N GLU A 70 -4.20 -7.30 5.31
CA GLU A 70 -5.66 -7.15 5.30
C GLU A 70 -6.12 -6.29 4.13
N THR A 71 -5.63 -5.05 4.08
CA THR A 71 -5.99 -4.14 3.01
C THR A 71 -4.82 -3.23 2.64
N VAL A 72 -5.06 -2.31 1.72
CA VAL A 72 -4.02 -1.37 1.28
C VAL A 72 -3.37 -0.70 2.47
N GLY A 73 -4.17 -0.34 3.47
CA GLY A 73 -3.65 0.32 4.66
C GLY A 73 -2.45 -0.42 5.24
N ASP A 74 -2.50 -1.74 5.22
CA ASP A 74 -1.41 -2.55 5.75
C ASP A 74 -0.15 -2.40 4.91
N VAL A 75 -0.32 -2.47 3.59
CA VAL A 75 0.80 -2.34 2.67
C VAL A 75 1.45 -0.96 2.80
N VAL A 76 0.61 0.06 2.96
CA VAL A 76 1.11 1.44 3.09
C VAL A 76 2.10 1.56 4.23
N ASN A 77 1.72 1.07 5.40
CA ASN A 77 2.59 1.12 6.58
C ASN A 77 3.70 0.09 6.48
N PHE A 78 3.44 -0.99 5.74
CA PHE A 78 4.41 -2.05 5.57
C PHE A 78 5.59 -1.58 4.72
N ILE A 79 5.30 -1.17 3.48
CA ILE A 79 6.32 -0.70 2.57
C ILE A 79 7.08 0.48 3.16
N LYS A 80 6.45 1.17 4.10
CA LYS A 80 7.06 2.33 4.76
C LYS A 80 8.07 1.88 5.80
N LYS A 81 7.74 0.82 6.54
CA LYS A 81 8.63 0.30 7.57
C LYS A 81 9.71 -0.58 6.96
N ARG A 82 9.42 -1.15 5.80
CA ARG A 82 10.37 -2.01 5.11
C ARG A 82 11.30 -1.20 4.22
N LYS A 83 10.95 0.06 4.01
CA LYS A 83 11.75 0.95 3.17
C LYS A 83 12.46 2.01 4.02
N GLY A 84 11.73 2.58 4.98
CA GLY A 84 12.30 3.59 5.84
C GLY A 84 12.57 3.08 7.25
N GLY A 1 5.52 18.82 5.16
CA GLY A 1 5.60 19.24 3.77
C GLY A 1 6.52 18.35 2.96
N PRO A 2 6.57 18.59 1.64
CA PRO A 2 7.41 17.82 0.73
C PRO A 2 8.90 18.06 0.94
N GLY A 3 9.68 16.98 1.01
CA GLY A 3 11.10 17.11 1.22
C GLY A 3 11.62 16.19 2.30
N SER A 4 10.72 15.75 3.18
CA SER A 4 11.09 14.86 4.28
C SER A 4 11.41 13.46 3.76
N MET A 5 10.48 12.89 3.01
CA MET A 5 10.65 11.56 2.45
C MET A 5 11.03 10.56 3.53
N ASP A 6 10.46 10.74 4.72
CA ASP A 6 10.74 9.85 5.85
C ASP A 6 9.82 8.63 5.82
N ASN A 7 10.01 7.74 6.78
CA ASN A 7 9.20 6.52 6.86
C ASN A 7 7.71 6.85 6.89
N ASP A 8 7.36 7.87 7.67
CA ASP A 8 5.96 8.30 7.78
C ASP A 8 5.54 9.11 6.56
N GLU A 9 6.49 9.37 5.66
CA GLU A 9 6.22 10.13 4.46
C GLU A 9 6.12 9.22 3.24
N ILE A 10 6.65 8.00 3.38
CA ILE A 10 6.61 7.03 2.29
C ILE A 10 5.21 6.86 1.74
N PHE A 11 4.26 6.54 2.61
CA PHE A 11 2.87 6.35 2.21
C PHE A 11 2.26 7.68 1.77
N SER A 12 2.72 8.77 2.38
CA SER A 12 2.20 10.10 2.05
C SER A 12 2.52 10.46 0.61
N LYS A 13 3.78 10.31 0.23
CA LYS A 13 4.23 10.62 -1.13
C LYS A 13 3.60 9.66 -2.13
N VAL A 14 3.65 8.37 -1.83
CA VAL A 14 3.08 7.35 -2.71
C VAL A 14 1.59 7.57 -2.90
N ARG A 15 0.88 7.82 -1.80
CA ARG A 15 -0.56 8.03 -1.85
C ARG A 15 -0.88 9.35 -2.55
N SER A 16 0.01 10.33 -2.41
CA SER A 16 -0.20 11.63 -3.02
C SER A 16 -0.20 11.52 -4.54
N ILE A 17 0.45 10.48 -5.05
CA ILE A 17 0.52 10.26 -6.49
C ILE A 17 -0.83 9.82 -7.05
N ILE A 18 -1.40 8.76 -6.47
CA ILE A 18 -2.69 8.25 -6.90
C ILE A 18 -3.83 9.14 -6.42
N SER A 19 -3.63 9.77 -5.26
CA SER A 19 -4.64 10.65 -4.69
C SER A 19 -5.11 11.68 -5.73
N GLU A 20 -4.22 12.05 -6.63
CA GLU A 20 -4.54 13.02 -7.67
C GLU A 20 -5.63 12.49 -8.60
N GLN A 21 -5.50 11.23 -8.99
CA GLN A 21 -6.47 10.60 -9.87
C GLN A 21 -7.65 10.05 -9.09
N LEU A 22 -7.36 9.23 -8.08
CA LEU A 22 -8.41 8.64 -7.25
C LEU A 22 -9.15 9.71 -6.47
N ASP A 23 -8.56 10.90 -6.40
CA ASP A 23 -9.17 12.01 -5.68
C ASP A 23 -9.54 11.60 -4.26
N LYS A 24 -8.68 10.81 -3.63
CA LYS A 24 -8.91 10.35 -2.26
C LYS A 24 -7.71 10.64 -1.39
N LYS A 25 -7.96 10.77 -0.08
CA LYS A 25 -6.89 11.05 0.87
C LYS A 25 -6.52 9.79 1.66
N GLU A 26 -5.44 9.87 2.41
CA GLU A 26 -4.98 8.74 3.21
C GLU A 26 -6.01 8.38 4.29
N ASP A 27 -6.91 9.32 4.56
CA ASP A 27 -7.94 9.10 5.57
C ASP A 27 -8.78 7.87 5.24
N GLU A 28 -8.74 7.46 3.98
CA GLU A 28 -9.49 6.28 3.54
C GLU A 28 -8.83 5.00 4.02
N ILE A 29 -7.54 5.08 4.34
CA ILE A 29 -6.80 3.91 4.81
C ILE A 29 -7.52 3.23 5.97
N THR A 30 -8.18 2.12 5.67
CA THR A 30 -8.91 1.36 6.68
C THR A 30 -9.08 -0.09 6.27
N THR A 31 -9.53 -0.92 7.21
CA THR A 31 -9.74 -2.33 6.94
C THR A 31 -11.06 -2.58 6.22
N ASP A 32 -11.87 -1.52 6.11
CA ASP A 32 -13.16 -1.62 5.45
C ASP A 32 -13.14 -0.88 4.11
N SER A 33 -11.96 -0.78 3.52
CA SER A 33 -11.80 -0.09 2.24
C SER A 33 -11.33 -1.05 1.16
N ARG A 34 -10.22 -1.73 1.41
CA ARG A 34 -9.66 -2.67 0.46
C ARG A 34 -9.33 -2.00 -0.87
N PHE A 35 -8.82 -2.77 -1.81
CA PHE A 35 -8.45 -2.24 -3.13
C PHE A 35 -9.69 -1.76 -3.87
N VAL A 36 -10.83 -2.42 -3.61
CA VAL A 36 -12.08 -2.06 -4.26
C VAL A 36 -12.45 -0.61 -3.98
N GLU A 37 -12.42 -0.23 -2.71
CA GLU A 37 -12.74 1.13 -2.30
C GLU A 37 -11.54 2.06 -2.44
N ASP A 38 -10.44 1.70 -1.78
CA ASP A 38 -9.22 2.49 -1.84
C ASP A 38 -8.73 2.63 -3.28
N LEU A 39 -8.35 1.50 -3.88
CA LEU A 39 -7.86 1.50 -5.26
C LEU A 39 -9.02 1.50 -6.24
N ASN A 40 -8.69 1.58 -7.53
CA ASN A 40 -9.71 1.58 -8.58
C ASN A 40 -9.67 0.28 -9.38
N ALA A 41 -9.57 -0.84 -8.67
CA ALA A 41 -9.53 -2.15 -9.31
C ALA A 41 -9.80 -3.26 -8.29
N ASP A 42 -9.80 -4.49 -8.77
CA ASP A 42 -10.05 -5.65 -7.91
C ASP A 42 -8.76 -6.40 -7.62
N SER A 43 -8.77 -7.21 -6.58
CA SER A 43 -7.59 -7.99 -6.19
C SER A 43 -7.05 -8.77 -7.38
N LEU A 44 -7.91 -9.06 -8.34
CA LEU A 44 -7.51 -9.80 -9.54
C LEU A 44 -6.28 -9.17 -10.19
N ASP A 45 -6.35 -7.86 -10.40
CA ASP A 45 -5.24 -7.14 -11.01
C ASP A 45 -4.16 -6.84 -9.98
N ILE A 46 -4.56 -6.61 -8.74
CA ILE A 46 -3.62 -6.32 -7.68
C ILE A 46 -2.67 -7.49 -7.44
N TYR A 47 -3.13 -8.69 -7.78
CA TYR A 47 -2.33 -9.89 -7.61
C TYR A 47 -0.93 -9.70 -8.18
N GLU A 48 -0.86 -9.09 -9.37
CA GLU A 48 0.42 -8.85 -10.03
C GLU A 48 1.19 -7.74 -9.32
N LEU A 49 0.45 -6.74 -8.83
CA LEU A 49 1.06 -5.61 -8.15
C LEU A 49 1.90 -6.08 -6.96
N LEU A 50 1.23 -6.75 -6.01
CA LEU A 50 1.91 -7.26 -4.82
C LEU A 50 2.94 -8.32 -5.19
N TYR A 51 2.59 -9.15 -6.16
CA TYR A 51 3.48 -10.21 -6.62
C TYR A 51 4.76 -9.64 -7.22
N LEU A 52 4.64 -8.48 -7.84
CA LEU A 52 5.79 -7.82 -8.45
C LEU A 52 6.70 -7.22 -7.40
N LEU A 53 6.15 -6.33 -6.58
CA LEU A 53 6.92 -5.68 -5.52
C LEU A 53 7.53 -6.71 -4.58
N GLU A 54 6.70 -7.64 -4.11
CA GLU A 54 7.17 -8.68 -3.20
C GLU A 54 8.36 -9.42 -3.79
N GLU A 55 8.39 -9.52 -5.12
CA GLU A 55 9.49 -10.20 -5.81
C GLU A 55 10.79 -9.41 -5.70
N ALA A 56 10.66 -8.09 -5.67
CA ALA A 56 11.82 -7.22 -5.56
C ALA A 56 12.38 -7.23 -4.15
N PHE A 57 11.56 -7.63 -3.18
CA PHE A 57 11.98 -7.68 -1.78
C PHE A 57 12.29 -9.12 -1.36
N ASP A 58 12.18 -10.04 -2.32
CA ASP A 58 12.46 -11.45 -2.05
C ASP A 58 11.68 -11.92 -0.81
N ASP A 59 10.36 -11.94 -0.92
CA ASP A 59 9.51 -12.37 0.18
C ASP A 59 8.09 -12.65 -0.30
N LYS A 60 7.56 -13.81 0.06
CA LYS A 60 6.21 -14.20 -0.33
C LYS A 60 5.17 -13.33 0.38
N ILE A 61 4.23 -12.81 -0.40
CA ILE A 61 3.17 -11.96 0.15
C ILE A 61 2.22 -12.77 1.03
N PRO A 62 1.62 -13.82 0.44
CA PRO A 62 0.68 -14.69 1.14
C PRO A 62 1.37 -15.56 2.20
N GLU A 63 2.68 -15.39 2.33
CA GLU A 63 3.46 -16.15 3.29
C GLU A 63 3.91 -15.27 4.45
N ASN A 64 4.80 -14.31 4.15
CA ASN A 64 5.32 -13.40 5.17
C ASN A 64 4.32 -12.29 5.45
N GLU A 65 4.01 -11.50 4.42
CA GLU A 65 3.07 -10.39 4.56
C GLU A 65 1.71 -10.90 5.04
N ALA A 66 1.44 -12.18 4.81
CA ALA A 66 0.18 -12.78 5.22
C ALA A 66 0.07 -12.85 6.74
N ASN A 67 1.19 -12.60 7.42
CA ASN A 67 1.22 -12.63 8.87
C ASN A 67 0.27 -11.59 9.47
N GLU A 68 0.04 -10.52 8.72
CA GLU A 68 -0.85 -9.45 9.18
C GLU A 68 -1.43 -8.69 7.98
N PHE A 69 -1.85 -9.44 6.96
CA PHE A 69 -2.43 -8.84 5.76
C PHE A 69 -3.95 -8.85 5.83
N GLU A 70 -4.57 -7.81 5.27
CA GLU A 70 -6.03 -7.71 5.27
C GLU A 70 -6.50 -6.81 4.14
N THR A 71 -6.17 -5.52 4.23
CA THR A 71 -6.56 -4.55 3.21
C THR A 71 -5.42 -3.60 2.88
N VAL A 72 -5.69 -2.63 2.01
CA VAL A 72 -4.69 -1.65 1.62
C VAL A 72 -4.00 -1.05 2.84
N GLY A 73 -4.80 -0.73 3.86
CA GLY A 73 -4.25 -0.15 5.07
C GLY A 73 -3.04 -0.90 5.58
N ASP A 74 -3.10 -2.23 5.51
CA ASP A 74 -1.99 -3.07 5.98
C ASP A 74 -0.74 -2.84 5.12
N VAL A 75 -0.90 -2.94 3.82
CA VAL A 75 0.21 -2.75 2.89
C VAL A 75 0.91 -1.41 3.15
N VAL A 76 0.13 -0.36 3.35
CA VAL A 76 0.67 0.96 3.62
C VAL A 76 1.68 0.92 4.77
N ASN A 77 1.22 0.48 5.93
CA ASN A 77 2.08 0.40 7.11
C ASN A 77 3.14 -0.69 6.94
N PHE A 78 2.87 -1.63 6.04
CA PHE A 78 3.80 -2.71 5.77
C PHE A 78 5.05 -2.20 5.06
N ILE A 79 4.84 -1.64 3.86
CA ILE A 79 5.95 -1.10 3.07
C ILE A 79 6.65 0.03 3.81
N LYS A 80 5.94 0.66 4.75
CA LYS A 80 6.50 1.75 5.52
C LYS A 80 7.65 1.27 6.40
N LYS A 81 7.40 0.23 7.18
CA LYS A 81 8.42 -0.34 8.07
C LYS A 81 9.36 -1.24 7.29
N ARG A 82 8.88 -1.77 6.17
CA ARG A 82 9.68 -2.66 5.34
C ARG A 82 11.02 -2.02 4.98
N LYS A 83 10.99 -0.70 4.76
CA LYS A 83 12.19 0.04 4.40
C LYS A 83 12.56 1.04 5.49
N GLY A 84 11.54 1.68 6.07
CA GLY A 84 11.77 2.65 7.11
C GLY A 84 11.30 2.16 8.47
N GLY A 1 5.43 8.73 13.94
CA GLY A 1 6.08 9.69 14.81
C GLY A 1 7.07 10.56 14.05
N PRO A 2 7.72 11.48 14.77
CA PRO A 2 8.70 12.40 14.19
C PRO A 2 9.99 11.68 13.76
N GLY A 3 10.81 12.38 13.00
CA GLY A 3 12.07 11.80 12.53
C GLY A 3 11.97 11.28 11.11
N SER A 4 10.75 11.05 10.64
CA SER A 4 10.52 10.55 9.29
C SER A 4 10.21 11.69 8.33
N MET A 5 11.06 11.84 7.32
CA MET A 5 10.87 12.90 6.32
C MET A 5 10.61 12.31 4.94
N ASP A 6 11.10 11.10 4.72
CA ASP A 6 10.91 10.42 3.44
C ASP A 6 10.18 9.09 3.63
N ASN A 7 10.60 8.33 4.64
CA ASN A 7 9.98 7.04 4.92
C ASN A 7 8.47 7.17 5.06
N ASP A 8 8.03 8.14 5.85
CA ASP A 8 6.61 8.38 6.07
C ASP A 8 6.03 9.20 4.94
N GLU A 9 6.86 9.55 3.96
CA GLU A 9 6.42 10.34 2.81
C GLU A 9 6.26 9.46 1.58
N ILE A 10 6.81 8.25 1.65
CA ILE A 10 6.73 7.32 0.53
C ILE A 10 5.29 7.16 0.05
N PHE A 11 4.41 6.81 0.98
CA PHE A 11 2.99 6.63 0.65
C PHE A 11 2.37 7.95 0.20
N SER A 12 2.85 9.05 0.77
CA SER A 12 2.33 10.38 0.44
C SER A 12 2.64 10.73 -1.01
N LYS A 13 3.88 10.53 -1.41
CA LYS A 13 4.31 10.84 -2.78
C LYS A 13 3.60 9.91 -3.77
N VAL A 14 3.57 8.62 -3.45
CA VAL A 14 2.92 7.65 -4.32
C VAL A 14 1.42 7.87 -4.39
N ARG A 15 0.84 8.29 -3.28
CA ARG A 15 -0.60 8.54 -3.22
C ARG A 15 -0.97 9.76 -4.08
N SER A 16 -0.19 10.82 -3.96
CA SER A 16 -0.44 12.04 -4.71
C SER A 16 -0.52 11.75 -6.20
N ILE A 17 0.11 10.66 -6.62
CA ILE A 17 0.11 10.27 -8.02
C ILE A 17 -1.27 9.81 -8.46
N ILE A 18 -1.83 8.84 -7.74
CA ILE A 18 -3.15 8.32 -8.05
C ILE A 18 -4.25 9.29 -7.62
N SER A 19 -3.97 10.06 -6.57
CA SER A 19 -4.93 11.04 -6.07
C SER A 19 -5.49 11.90 -7.19
N GLU A 20 -4.68 12.10 -8.24
CA GLU A 20 -5.10 12.90 -9.38
C GLU A 20 -6.25 12.22 -10.12
N GLN A 21 -6.13 10.92 -10.31
CA GLN A 21 -7.16 10.15 -11.02
C GLN A 21 -8.27 9.74 -10.07
N LEU A 22 -7.90 9.10 -8.96
CA LEU A 22 -8.86 8.65 -7.96
C LEU A 22 -9.61 9.82 -7.35
N ASP A 23 -8.93 10.97 -7.26
CA ASP A 23 -9.52 12.17 -6.70
C ASP A 23 -9.96 11.94 -5.25
N LYS A 24 -9.33 10.96 -4.60
CA LYS A 24 -9.66 10.64 -3.22
C LYS A 24 -8.64 11.27 -2.26
N LYS A 25 -8.83 11.01 -0.97
CA LYS A 25 -7.93 11.56 0.04
C LYS A 25 -6.96 10.49 0.54
N GLU A 26 -5.75 10.91 0.89
CA GLU A 26 -4.73 9.99 1.38
C GLU A 26 -5.14 9.39 2.72
N ASP A 27 -6.12 10.02 3.37
CA ASP A 27 -6.60 9.55 4.66
C ASP A 27 -7.66 8.46 4.49
N GLU A 28 -7.79 7.96 3.27
CA GLU A 28 -8.76 6.92 2.96
C GLU A 28 -8.28 5.57 3.49
N ILE A 29 -7.05 5.53 3.98
CA ILE A 29 -6.48 4.30 4.52
C ILE A 29 -7.38 3.70 5.60
N THR A 30 -7.99 2.56 5.29
CA THR A 30 -8.87 1.90 6.23
C THR A 30 -9.21 0.48 5.77
N THR A 31 -9.70 -0.34 6.69
CA THR A 31 -10.05 -1.72 6.37
C THR A 31 -11.38 -1.78 5.60
N ASP A 32 -12.17 -0.73 5.71
CA ASP A 32 -13.45 -0.66 5.03
C ASP A 32 -13.31 0.03 3.68
N SER A 33 -12.12 -0.03 3.10
CA SER A 33 -11.86 0.61 1.81
C SER A 33 -11.42 -0.43 0.79
N ARG A 34 -10.33 -1.13 1.08
CA ARG A 34 -9.81 -2.16 0.17
C ARG A 34 -9.46 -1.55 -1.18
N PHE A 35 -9.01 -2.40 -2.10
CA PHE A 35 -8.64 -1.96 -3.44
C PHE A 35 -9.87 -1.52 -4.23
N VAL A 36 -11.02 -2.08 -3.87
CA VAL A 36 -12.27 -1.76 -4.55
C VAL A 36 -12.63 -0.29 -4.37
N GLU A 37 -12.60 0.17 -3.12
CA GLU A 37 -12.93 1.56 -2.81
C GLU A 37 -11.70 2.45 -2.99
N ASP A 38 -10.63 2.13 -2.27
CA ASP A 38 -9.40 2.91 -2.35
C ASP A 38 -8.88 2.96 -3.78
N LEU A 39 -8.60 1.80 -4.35
CA LEU A 39 -8.09 1.73 -5.72
C LEU A 39 -9.24 1.64 -6.72
N ASN A 40 -8.91 1.67 -8.00
CA ASN A 40 -9.91 1.59 -9.06
C ASN A 40 -9.85 0.25 -9.77
N ALA A 41 -9.75 -0.82 -9.00
CA ALA A 41 -9.68 -2.17 -9.56
C ALA A 41 -9.96 -3.22 -8.50
N ASP A 42 -10.01 -4.49 -8.92
CA ASP A 42 -10.26 -5.59 -7.99
C ASP A 42 -8.97 -6.30 -7.62
N SER A 43 -8.98 -7.00 -6.49
CA SER A 43 -7.80 -7.72 -6.02
C SER A 43 -7.24 -8.61 -7.12
N LEU A 44 -8.10 -9.01 -8.05
CA LEU A 44 -7.70 -9.87 -9.15
C LEU A 44 -6.47 -9.31 -9.86
N ASP A 45 -6.53 -8.03 -10.21
CA ASP A 45 -5.43 -7.36 -10.88
C ASP A 45 -4.34 -6.96 -9.89
N ILE A 46 -4.73 -6.80 -8.64
CA ILE A 46 -3.80 -6.41 -7.58
C ILE A 46 -2.86 -7.55 -7.23
N TYR A 47 -3.34 -8.79 -7.40
CA TYR A 47 -2.54 -9.97 -7.11
C TYR A 47 -1.14 -9.86 -7.72
N GLU A 48 -1.10 -9.63 -9.03
CA GLU A 48 0.17 -9.51 -9.73
C GLU A 48 0.96 -8.31 -9.21
N LEU A 49 0.25 -7.30 -8.72
CA LEU A 49 0.89 -6.11 -8.19
C LEU A 49 1.76 -6.45 -6.98
N LEU A 50 1.14 -6.99 -5.94
CA LEU A 50 1.86 -7.36 -4.72
C LEU A 50 2.74 -8.58 -4.97
N TYR A 51 2.29 -9.46 -5.86
CA TYR A 51 3.03 -10.67 -6.18
C TYR A 51 4.42 -10.34 -6.72
N LEU A 52 4.46 -9.46 -7.71
CA LEU A 52 5.73 -9.04 -8.31
C LEU A 52 6.49 -8.10 -7.40
N LEU A 53 5.75 -7.38 -6.55
CA LEU A 53 6.36 -6.43 -5.62
C LEU A 53 7.23 -7.16 -4.61
N GLU A 54 6.67 -8.19 -3.97
CA GLU A 54 7.40 -8.97 -2.98
C GLU A 54 8.61 -9.66 -3.61
N GLU A 55 8.48 -10.00 -4.90
CA GLU A 55 9.57 -10.66 -5.61
C GLU A 55 10.78 -9.74 -5.76
N ALA A 56 10.52 -8.43 -5.73
CA ALA A 56 11.59 -7.45 -5.87
C ALA A 56 12.30 -7.23 -4.54
N PHE A 57 11.63 -7.59 -3.45
CA PHE A 57 12.21 -7.43 -2.12
C PHE A 57 12.58 -8.79 -1.52
N ASP A 58 12.34 -9.85 -2.29
CA ASP A 58 12.64 -11.21 -1.84
C ASP A 58 11.99 -11.49 -0.49
N ASP A 59 10.68 -11.69 -0.50
CA ASP A 59 9.93 -11.96 0.73
C ASP A 59 8.54 -12.51 0.40
N LYS A 60 8.09 -13.46 1.20
CA LYS A 60 6.78 -14.06 1.00
C LYS A 60 5.67 -13.14 1.51
N ILE A 61 4.66 -12.91 0.68
CA ILE A 61 3.55 -12.05 1.04
C ILE A 61 2.63 -12.74 2.05
N PRO A 62 2.11 -13.91 1.66
CA PRO A 62 1.21 -14.69 2.53
C PRO A 62 1.93 -15.30 3.72
N GLU A 63 3.25 -15.11 3.77
CA GLU A 63 4.05 -15.65 4.86
C GLU A 63 4.59 -14.51 5.73
N ASN A 64 5.45 -13.68 5.15
CA ASN A 64 6.04 -12.57 5.87
C ASN A 64 5.02 -11.45 6.09
N GLU A 65 4.53 -10.89 4.99
CA GLU A 65 3.55 -9.81 5.06
C GLU A 65 2.29 -10.27 5.81
N ALA A 66 2.06 -11.58 5.81
CA ALA A 66 0.90 -12.15 6.49
C ALA A 66 0.99 -11.94 8.00
N ASN A 67 2.16 -11.53 8.46
CA ASN A 67 2.37 -11.29 9.89
C ASN A 67 1.42 -10.21 10.41
N GLU A 68 1.01 -9.32 9.52
CA GLU A 68 0.10 -8.24 9.90
C GLU A 68 -0.62 -7.69 8.67
N PHE A 69 -1.07 -8.59 7.79
CA PHE A 69 -1.77 -8.20 6.58
C PHE A 69 -3.28 -8.23 6.79
N GLU A 70 -3.99 -7.34 6.11
CA GLU A 70 -5.44 -7.26 6.22
C GLU A 70 -6.05 -6.53 5.03
N THR A 71 -5.76 -5.24 4.93
CA THR A 71 -6.28 -4.42 3.83
C THR A 71 -5.20 -3.52 3.25
N VAL A 72 -5.57 -2.69 2.29
CA VAL A 72 -4.63 -1.77 1.66
C VAL A 72 -3.84 -0.99 2.70
N GLY A 73 -4.55 -0.53 3.75
CA GLY A 73 -3.90 0.23 4.79
C GLY A 73 -2.64 -0.44 5.31
N ASP A 74 -2.66 -1.77 5.38
CA ASP A 74 -1.52 -2.53 5.85
C ASP A 74 -0.36 -2.44 4.86
N VAL A 75 -0.67 -2.61 3.58
CA VAL A 75 0.35 -2.54 2.53
C VAL A 75 0.98 -1.16 2.46
N VAL A 76 0.18 -0.13 2.72
CA VAL A 76 0.67 1.24 2.68
C VAL A 76 1.77 1.46 3.71
N ASN A 77 1.48 1.15 4.97
CA ASN A 77 2.45 1.30 6.04
C ASN A 77 3.54 0.24 5.96
N PHE A 78 3.23 -0.87 5.29
CA PHE A 78 4.18 -1.96 5.13
C PHE A 78 5.35 -1.54 4.24
N ILE A 79 5.04 -1.18 3.00
CA ILE A 79 6.06 -0.76 2.05
C ILE A 79 6.83 0.46 2.58
N LYS A 80 6.18 1.23 3.44
CA LYS A 80 6.80 2.43 4.01
C LYS A 80 8.02 2.05 4.84
N LYS A 81 7.84 1.12 5.77
CA LYS A 81 8.92 0.67 6.64
C LYS A 81 9.81 -0.34 5.91
N ARG A 82 9.22 -1.06 4.96
CA ARG A 82 9.96 -2.07 4.20
C ARG A 82 10.95 -1.40 3.25
N LYS A 83 10.62 -0.19 2.81
CA LYS A 83 11.48 0.55 1.89
C LYS A 83 12.32 1.57 2.66
N GLY A 84 11.75 2.12 3.72
CA GLY A 84 12.46 3.12 4.51
C GLY A 84 13.09 2.52 5.76
N GLY A 1 7.30 15.35 13.02
CA GLY A 1 8.00 14.52 12.04
C GLY A 1 9.30 15.14 11.60
N PRO A 2 10.13 14.35 10.91
CA PRO A 2 11.43 14.80 10.41
C PRO A 2 11.30 15.82 9.28
N GLY A 3 10.44 15.51 8.31
CA GLY A 3 10.23 16.40 7.19
C GLY A 3 10.81 15.85 5.90
N SER A 4 11.91 15.13 6.01
CA SER A 4 12.57 14.55 4.84
C SER A 4 11.79 13.34 4.32
N MET A 5 12.36 12.67 3.32
CA MET A 5 11.71 11.50 2.74
C MET A 5 11.62 10.36 3.76
N ASP A 6 10.51 10.31 4.48
CA ASP A 6 10.30 9.27 5.49
C ASP A 6 9.07 8.44 5.16
N ASN A 7 8.70 7.54 6.07
CA ASN A 7 7.55 6.67 5.87
C ASN A 7 6.30 7.50 5.58
N ASP A 8 6.14 8.60 6.30
CA ASP A 8 4.98 9.47 6.11
C ASP A 8 5.02 10.14 4.75
N GLU A 9 6.17 10.05 4.08
CA GLU A 9 6.33 10.65 2.76
C GLU A 9 6.14 9.60 1.67
N ILE A 10 6.43 8.34 2.00
CA ILE A 10 6.29 7.25 1.05
C ILE A 10 4.83 7.02 0.67
N PHE A 11 3.99 6.82 1.67
CA PHE A 11 2.56 6.59 1.45
C PHE A 11 1.89 7.86 0.95
N SER A 12 2.41 9.01 1.39
CA SER A 12 1.84 10.29 0.99
C SER A 12 2.19 10.62 -0.45
N LYS A 13 3.44 10.36 -0.84
CA LYS A 13 3.90 10.61 -2.20
C LYS A 13 3.21 9.69 -3.19
N VAL A 14 3.24 8.39 -2.91
CA VAL A 14 2.62 7.40 -3.77
C VAL A 14 1.11 7.64 -3.89
N ARG A 15 0.50 8.05 -2.80
CA ARG A 15 -0.93 8.32 -2.78
C ARG A 15 -1.27 9.54 -3.63
N SER A 16 -0.47 10.59 -3.47
CA SER A 16 -0.68 11.83 -4.22
C SER A 16 -0.74 11.55 -5.72
N ILE A 17 -0.11 10.46 -6.14
CA ILE A 17 -0.09 10.08 -7.55
C ILE A 17 -1.48 9.68 -8.04
N ILE A 18 -2.09 8.73 -7.35
CA ILE A 18 -3.42 8.26 -7.70
C ILE A 18 -4.49 9.27 -7.27
N SER A 19 -4.22 9.98 -6.19
CA SER A 19 -5.15 10.97 -5.66
C SER A 19 -5.63 11.91 -6.77
N GLU A 20 -4.77 12.10 -7.78
CA GLU A 20 -5.10 12.98 -8.89
C GLU A 20 -6.38 12.54 -9.57
N GLN A 21 -6.41 11.28 -10.02
CA GLN A 21 -7.59 10.73 -10.69
C GLN A 21 -8.59 10.19 -9.68
N LEU A 22 -8.09 9.43 -8.71
CA LEU A 22 -8.94 8.84 -7.68
C LEU A 22 -9.63 9.92 -6.87
N ASP A 23 -9.00 11.08 -6.78
CA ASP A 23 -9.56 12.20 -6.04
C ASP A 23 -9.95 11.78 -4.62
N LYS A 24 -9.22 10.80 -4.08
CA LYS A 24 -9.50 10.30 -2.74
C LYS A 24 -8.55 10.93 -1.72
N LYS A 25 -8.75 10.59 -0.45
CA LYS A 25 -7.91 11.11 0.62
C LYS A 25 -6.91 10.07 1.08
N GLU A 26 -5.70 10.52 1.42
CA GLU A 26 -4.65 9.61 1.88
C GLU A 26 -5.02 8.99 3.22
N ASP A 27 -5.99 9.60 3.91
CA ASP A 27 -6.44 9.10 5.20
C ASP A 27 -7.50 8.02 5.03
N GLU A 28 -7.68 7.56 3.80
CA GLU A 28 -8.66 6.53 3.50
C GLU A 28 -8.18 5.16 3.97
N ILE A 29 -6.94 5.11 4.45
CA ILE A 29 -6.36 3.86 4.93
C ILE A 29 -7.29 3.17 5.92
N THR A 30 -7.91 2.08 5.47
CA THR A 30 -8.82 1.32 6.32
C THR A 30 -9.16 -0.03 5.69
N THR A 31 -9.62 -0.96 6.52
CA THR A 31 -9.97 -2.29 6.06
C THR A 31 -11.35 -2.30 5.40
N ASP A 32 -12.07 -1.19 5.54
CA ASP A 32 -13.40 -1.08 4.96
C ASP A 32 -13.34 -0.39 3.60
N SER A 33 -12.15 -0.33 3.03
CA SER A 33 -11.95 0.30 1.73
C SER A 33 -11.39 -0.69 0.72
N ARG A 34 -10.30 -1.35 1.09
CA ARG A 34 -9.66 -2.33 0.22
C ARG A 34 -9.17 -1.68 -1.07
N PHE A 35 -8.71 -2.50 -2.00
CA PHE A 35 -8.22 -2.01 -3.28
C PHE A 35 -9.36 -1.41 -4.11
N VAL A 36 -10.55 -1.97 -3.96
CA VAL A 36 -11.71 -1.50 -4.69
C VAL A 36 -11.98 -0.02 -4.41
N GLU A 37 -12.00 0.33 -3.13
CA GLU A 37 -12.25 1.72 -2.73
C GLU A 37 -10.95 2.53 -2.74
N ASP A 38 -9.97 2.06 -1.99
CA ASP A 38 -8.68 2.74 -1.91
C ASP A 38 -8.02 2.81 -3.29
N LEU A 39 -7.72 1.64 -3.86
CA LEU A 39 -7.10 1.57 -5.17
C LEU A 39 -8.13 1.76 -6.27
N ASN A 40 -7.68 1.61 -7.53
CA ASN A 40 -8.56 1.77 -8.67
C ASN A 40 -8.63 0.48 -9.48
N ALA A 41 -8.88 -0.63 -8.81
CA ALA A 41 -8.97 -1.93 -9.47
C ALA A 41 -9.36 -3.02 -8.48
N ASP A 42 -9.37 -4.27 -8.96
CA ASP A 42 -9.73 -5.40 -8.12
C ASP A 42 -8.49 -6.23 -7.77
N SER A 43 -8.63 -7.10 -6.77
CA SER A 43 -7.54 -7.94 -6.33
C SER A 43 -6.89 -8.65 -7.52
N LEU A 44 -7.68 -8.88 -8.56
CA LEU A 44 -7.19 -9.55 -9.76
C LEU A 44 -5.91 -8.90 -10.27
N ASP A 45 -5.93 -7.58 -10.41
CA ASP A 45 -4.77 -6.84 -10.88
C ASP A 45 -3.76 -6.63 -9.75
N ILE A 46 -4.24 -6.74 -8.51
CA ILE A 46 -3.39 -6.56 -7.35
C ILE A 46 -2.49 -7.78 -7.12
N TYR A 47 -2.97 -8.94 -7.55
CA TYR A 47 -2.22 -10.18 -7.39
C TYR A 47 -0.80 -10.02 -7.94
N GLU A 48 -0.70 -9.48 -9.15
CA GLU A 48 0.61 -9.27 -9.78
C GLU A 48 1.36 -8.13 -9.12
N LEU A 49 0.63 -7.14 -8.64
CA LEU A 49 1.23 -5.98 -7.97
C LEU A 49 2.04 -6.42 -6.75
N LEU A 50 1.36 -7.05 -5.80
CA LEU A 50 2.00 -7.52 -4.59
C LEU A 50 3.01 -8.62 -4.90
N TYR A 51 2.71 -9.44 -5.90
CA TYR A 51 3.60 -10.52 -6.30
C TYR A 51 4.90 -9.98 -6.88
N LEU A 52 4.79 -8.84 -7.55
CA LEU A 52 5.95 -8.20 -8.17
C LEU A 52 6.86 -7.57 -7.11
N LEU A 53 6.29 -6.65 -6.33
CA LEU A 53 7.04 -5.97 -5.27
C LEU A 53 7.65 -6.98 -4.30
N GLU A 54 6.83 -7.91 -3.84
CA GLU A 54 7.28 -8.94 -2.90
C GLU A 54 8.48 -9.70 -3.48
N GLU A 55 8.52 -9.81 -4.79
CA GLU A 55 9.60 -10.53 -5.46
C GLU A 55 10.89 -9.71 -5.43
N ALA A 56 10.75 -8.41 -5.25
CA ALA A 56 11.90 -7.51 -5.20
C ALA A 56 12.47 -7.44 -3.78
N PHE A 57 11.66 -7.81 -2.80
CA PHE A 57 12.09 -7.79 -1.40
C PHE A 57 12.43 -9.19 -0.92
N ASP A 58 12.37 -10.16 -1.82
CA ASP A 58 12.67 -11.54 -1.50
C ASP A 58 11.88 -11.99 -0.27
N ASP A 59 10.55 -11.99 -0.39
CA ASP A 59 9.69 -12.40 0.70
C ASP A 59 8.28 -12.68 0.20
N LYS A 60 7.73 -13.82 0.58
CA LYS A 60 6.38 -14.21 0.18
C LYS A 60 5.34 -13.33 0.84
N ILE A 61 4.37 -12.88 0.06
CA ILE A 61 3.31 -12.02 0.58
C ILE A 61 2.40 -12.79 1.54
N PRO A 62 1.82 -13.89 1.05
CA PRO A 62 0.93 -14.74 1.85
C PRO A 62 1.68 -15.50 2.94
N GLU A 63 2.99 -15.33 2.98
CA GLU A 63 3.82 -16.00 3.97
C GLU A 63 4.34 -15.01 5.01
N ASN A 64 5.18 -14.07 4.57
CA ASN A 64 5.74 -13.07 5.47
C ASN A 64 4.71 -11.97 5.76
N GLU A 65 4.28 -11.28 4.72
CA GLU A 65 3.30 -10.21 4.87
C GLU A 65 2.03 -10.72 5.54
N ALA A 66 1.78 -12.02 5.40
CA ALA A 66 0.60 -12.64 6.00
C ALA A 66 0.61 -12.51 7.51
N ASN A 67 1.77 -12.16 8.06
CA ASN A 67 1.91 -12.01 9.50
C ASN A 67 0.88 -11.02 10.05
N GLU A 68 0.51 -10.06 9.23
CA GLU A 68 -0.47 -9.05 9.63
C GLU A 68 -1.11 -8.40 8.41
N PHE A 69 -1.44 -9.22 7.41
CA PHE A 69 -2.07 -8.72 6.19
C PHE A 69 -3.58 -8.85 6.27
N GLU A 70 -4.29 -7.94 5.60
CA GLU A 70 -5.74 -7.94 5.59
C GLU A 70 -6.28 -7.03 4.49
N THR A 71 -5.80 -5.79 4.48
CA THR A 71 -6.24 -4.82 3.48
C THR A 71 -5.10 -3.89 3.09
N VAL A 72 -5.40 -2.92 2.22
CA VAL A 72 -4.40 -1.97 1.76
C VAL A 72 -3.71 -1.30 2.95
N GLY A 73 -4.49 -0.94 3.96
CA GLY A 73 -3.93 -0.30 5.13
C GLY A 73 -2.76 -1.07 5.71
N ASP A 74 -2.84 -2.40 5.66
CA ASP A 74 -1.79 -3.25 6.19
C ASP A 74 -0.52 -3.14 5.33
N VAL A 75 -0.71 -2.91 4.04
CA VAL A 75 0.42 -2.78 3.12
C VAL A 75 1.05 -1.40 3.22
N VAL A 76 0.21 -0.37 3.29
CA VAL A 76 0.69 1.01 3.39
C VAL A 76 1.68 1.15 4.54
N ASN A 77 1.29 0.69 5.71
CA ASN A 77 2.15 0.77 6.90
C ASN A 77 3.30 -0.22 6.80
N PHE A 78 3.13 -1.25 5.99
CA PHE A 78 4.16 -2.27 5.81
C PHE A 78 5.34 -1.71 5.01
N ILE A 79 5.07 -1.26 3.79
CA ILE A 79 6.11 -0.71 2.93
C ILE A 79 6.67 0.58 3.51
N LYS A 80 5.89 1.22 4.39
CA LYS A 80 6.32 2.46 5.02
C LYS A 80 7.53 2.23 5.92
N LYS A 81 7.41 1.28 6.82
CA LYS A 81 8.51 0.95 7.73
C LYS A 81 9.55 0.07 7.05
N ARG A 82 9.09 -0.81 6.18
CA ARG A 82 9.98 -1.71 5.45
C ARG A 82 11.08 -0.93 4.73
N LYS A 83 10.69 0.19 4.12
CA LYS A 83 11.63 1.03 3.39
C LYS A 83 12.09 2.20 4.25
N GLY A 84 11.13 2.92 4.82
CA GLY A 84 11.46 4.06 5.67
C GLY A 84 11.43 3.71 7.14
N GLY A 1 14.67 15.21 13.62
CA GLY A 1 13.62 14.34 13.11
C GLY A 1 13.45 14.47 11.61
N PRO A 2 12.84 15.58 11.18
CA PRO A 2 12.59 15.86 9.76
C PRO A 2 13.88 16.14 8.99
N GLY A 3 13.73 16.54 7.73
CA GLY A 3 14.88 16.84 6.91
C GLY A 3 14.92 16.00 5.65
N SER A 4 14.45 14.76 5.74
CA SER A 4 14.44 13.86 4.59
C SER A 4 13.13 13.07 4.54
N MET A 5 12.86 12.47 3.38
CA MET A 5 11.65 11.67 3.20
C MET A 5 11.55 10.59 4.26
N ASP A 6 10.41 10.54 4.94
CA ASP A 6 10.18 9.54 5.97
C ASP A 6 8.98 8.66 5.63
N ASN A 7 8.64 7.74 6.54
CA ASN A 7 7.51 6.85 6.32
C ASN A 7 6.24 7.63 6.01
N ASP A 8 6.01 8.70 6.77
CA ASP A 8 4.84 9.53 6.57
C ASP A 8 4.88 10.22 5.22
N GLU A 9 6.04 10.18 4.57
CA GLU A 9 6.20 10.80 3.27
C GLU A 9 6.09 9.78 2.15
N ILE A 10 6.36 8.52 2.48
CA ILE A 10 6.28 7.44 1.50
C ILE A 10 4.84 7.19 1.06
N PHE A 11 3.97 6.96 2.04
CA PHE A 11 2.56 6.71 1.76
C PHE A 11 1.87 7.97 1.24
N SER A 12 2.35 9.12 1.69
CA SER A 12 1.79 10.40 1.27
C SER A 12 2.20 10.74 -0.16
N LYS A 13 3.47 10.49 -0.48
CA LYS A 13 4.00 10.76 -1.81
C LYS A 13 3.35 9.86 -2.85
N VAL A 14 3.35 8.56 -2.57
CA VAL A 14 2.75 7.59 -3.48
C VAL A 14 1.26 7.81 -3.62
N ARG A 15 0.61 8.20 -2.54
CA ARG A 15 -0.82 8.46 -2.54
C ARG A 15 -1.16 9.68 -3.38
N SER A 16 -0.40 10.75 -3.19
CA SER A 16 -0.62 11.99 -3.93
C SER A 16 -0.60 11.74 -5.43
N ILE A 17 0.09 10.68 -5.84
CA ILE A 17 0.19 10.32 -7.25
C ILE A 17 -1.16 9.84 -7.79
N ILE A 18 -1.75 8.86 -7.12
CA ILE A 18 -3.04 8.32 -7.53
C ILE A 18 -4.17 9.26 -7.15
N SER A 19 -3.97 10.02 -6.08
CA SER A 19 -4.99 10.96 -5.61
C SER A 19 -5.48 11.83 -6.76
N GLU A 20 -4.61 12.07 -7.74
CA GLU A 20 -4.97 12.90 -8.89
C GLU A 20 -6.08 12.24 -9.71
N GLN A 21 -5.94 10.94 -9.95
CA GLN A 21 -6.92 10.19 -10.72
C GLN A 21 -8.06 9.72 -9.82
N LEU A 22 -7.71 9.05 -8.73
CA LEU A 22 -8.70 8.54 -7.79
C LEU A 22 -9.51 9.67 -7.18
N ASP A 23 -8.86 10.83 -7.01
CA ASP A 23 -9.53 11.99 -6.44
C ASP A 23 -10.01 11.71 -5.04
N LYS A 24 -9.40 10.71 -4.39
CA LYS A 24 -9.78 10.34 -3.03
C LYS A 24 -8.85 10.99 -2.01
N LYS A 25 -9.11 10.71 -0.73
CA LYS A 25 -8.28 11.27 0.35
C LYS A 25 -7.32 10.21 0.88
N GLU A 26 -6.15 10.67 1.33
CA GLU A 26 -5.14 9.77 1.88
C GLU A 26 -5.64 9.12 3.17
N ASP A 27 -6.68 9.69 3.75
CA ASP A 27 -7.24 9.18 4.99
C ASP A 27 -8.26 8.07 4.70
N GLU A 28 -8.29 7.61 3.46
CA GLU A 28 -9.20 6.55 3.05
C GLU A 28 -8.73 5.19 3.57
N ILE A 29 -7.53 5.18 4.16
CA ILE A 29 -6.98 3.94 4.70
C ILE A 29 -7.95 3.25 5.65
N THR A 30 -8.50 2.13 5.20
CA THR A 30 -9.45 1.36 6.01
C THR A 30 -9.68 -0.02 5.42
N THR A 31 -10.12 -0.95 6.27
CA THR A 31 -10.37 -2.32 5.84
C THR A 31 -11.74 -2.43 5.17
N ASP A 32 -12.53 -1.37 5.27
CA ASP A 32 -13.86 -1.35 4.67
C ASP A 32 -13.82 -0.74 3.27
N SER A 33 -12.62 -0.56 2.74
CA SER A 33 -12.44 0.03 1.41
C SER A 33 -11.79 -0.97 0.47
N ARG A 34 -10.60 -1.44 0.83
CA ARG A 34 -9.88 -2.40 0.01
C ARG A 34 -9.49 -1.79 -1.33
N PHE A 35 -8.99 -2.63 -2.24
CA PHE A 35 -8.58 -2.16 -3.56
C PHE A 35 -9.78 -1.67 -4.36
N VAL A 36 -10.93 -2.30 -4.15
CA VAL A 36 -12.15 -1.93 -4.84
C VAL A 36 -12.46 -0.45 -4.65
N GLU A 37 -12.47 0.00 -3.40
CA GLU A 37 -12.76 1.39 -3.08
C GLU A 37 -11.50 2.24 -3.19
N ASP A 38 -10.47 1.86 -2.43
CA ASP A 38 -9.20 2.59 -2.43
C ASP A 38 -8.61 2.63 -3.84
N LEU A 39 -8.25 1.46 -4.36
CA LEU A 39 -7.66 1.36 -5.68
C LEU A 39 -8.74 1.49 -6.76
N ASN A 40 -8.30 1.56 -8.01
CA ASN A 40 -9.23 1.69 -9.14
C ASN A 40 -9.32 0.39 -9.93
N ALA A 41 -9.25 -0.73 -9.20
CA ALA A 41 -9.33 -2.04 -9.84
C ALA A 41 -9.69 -3.13 -8.83
N ASP A 42 -9.72 -4.38 -9.28
CA ASP A 42 -10.04 -5.50 -8.40
C ASP A 42 -8.79 -6.26 -8.01
N SER A 43 -8.88 -7.03 -6.93
CA SER A 43 -7.75 -7.81 -6.45
C SER A 43 -7.14 -8.65 -7.57
N LEU A 44 -7.96 -8.97 -8.56
CA LEU A 44 -7.50 -9.77 -9.70
C LEU A 44 -6.24 -9.17 -10.31
N ASP A 45 -6.28 -7.87 -10.58
CA ASP A 45 -5.14 -7.17 -11.16
C ASP A 45 -4.10 -6.85 -10.09
N ILE A 46 -4.54 -6.77 -8.85
CA ILE A 46 -3.65 -6.46 -7.74
C ILE A 46 -2.76 -7.65 -7.40
N TYR A 47 -3.22 -8.85 -7.73
CA TYR A 47 -2.45 -10.07 -7.48
C TYR A 47 -1.03 -9.93 -8.00
N GLU A 48 -0.89 -9.48 -9.24
CA GLU A 48 0.42 -9.29 -9.85
C GLU A 48 1.16 -8.10 -9.23
N LEU A 49 0.41 -7.05 -8.94
CA LEU A 49 0.99 -5.85 -8.35
C LEU A 49 1.83 -6.20 -7.11
N LEU A 50 1.18 -6.78 -6.12
CA LEU A 50 1.86 -7.17 -4.89
C LEU A 50 2.86 -8.30 -5.14
N TYR A 51 2.44 -9.27 -5.96
CA TYR A 51 3.30 -10.40 -6.29
C TYR A 51 4.66 -9.94 -6.78
N LEU A 52 4.66 -8.93 -7.65
CA LEU A 52 5.90 -8.38 -8.20
C LEU A 52 6.61 -7.53 -7.16
N LEU A 53 5.84 -6.87 -6.30
CA LEU A 53 6.41 -6.02 -5.26
C LEU A 53 7.27 -6.83 -4.30
N GLU A 54 6.74 -7.94 -3.80
CA GLU A 54 7.47 -8.80 -2.89
C GLU A 54 8.71 -9.38 -3.55
N GLU A 55 8.57 -9.80 -4.81
CA GLU A 55 9.67 -10.37 -5.55
C GLU A 55 10.85 -9.40 -5.62
N ALA A 56 10.55 -8.11 -5.53
CA ALA A 56 11.58 -7.08 -5.57
C ALA A 56 12.28 -6.94 -4.22
N PHE A 57 11.61 -7.41 -3.17
CA PHE A 57 12.16 -7.34 -1.82
C PHE A 57 12.56 -8.72 -1.32
N ASP A 58 12.51 -9.70 -2.22
CA ASP A 58 12.88 -11.07 -1.87
C ASP A 58 12.13 -11.53 -0.62
N ASP A 59 10.83 -11.76 -0.76
CA ASP A 59 10.00 -12.19 0.37
C ASP A 59 8.65 -12.70 -0.13
N LYS A 60 7.91 -13.35 0.77
CA LYS A 60 6.61 -13.89 0.43
C LYS A 60 5.49 -13.05 1.04
N ILE A 61 4.50 -12.70 0.24
CA ILE A 61 3.37 -11.90 0.70
C ILE A 61 2.49 -12.70 1.65
N PRO A 62 1.96 -13.83 1.17
CA PRO A 62 1.10 -14.71 1.97
C PRO A 62 1.86 -15.42 3.08
N GLU A 63 3.15 -15.13 3.19
CA GLU A 63 3.99 -15.75 4.22
C GLU A 63 4.40 -14.72 5.27
N ASN A 64 5.19 -13.74 4.86
CA ASN A 64 5.66 -12.70 5.76
C ASN A 64 4.57 -11.67 6.02
N GLU A 65 4.15 -10.98 4.95
CA GLU A 65 3.10 -9.97 5.07
C GLU A 65 1.83 -10.57 5.65
N ALA A 66 1.57 -11.82 5.32
CA ALA A 66 0.37 -12.51 5.82
C ALA A 66 0.29 -12.44 7.34
N ASN A 67 1.44 -12.29 7.98
CA ASN A 67 1.51 -12.21 9.44
C ASN A 67 0.71 -11.02 9.94
N GLU A 68 0.57 -10.01 9.09
CA GLU A 68 -0.18 -8.80 9.46
C GLU A 68 -0.87 -8.19 8.24
N PHE A 69 -1.41 -9.05 7.39
CA PHE A 69 -2.10 -8.60 6.18
C PHE A 69 -3.60 -8.73 6.34
N GLU A 70 -4.34 -7.83 5.69
CA GLU A 70 -5.80 -7.84 5.77
C GLU A 70 -6.40 -7.00 4.64
N THR A 71 -6.01 -5.74 4.58
CA THR A 71 -6.51 -4.83 3.56
C THR A 71 -5.44 -3.83 3.13
N VAL A 72 -5.81 -2.92 2.23
CA VAL A 72 -4.88 -1.92 1.74
C VAL A 72 -4.18 -1.21 2.89
N GLY A 73 -4.95 -0.82 3.90
CA GLY A 73 -4.38 -0.14 5.04
C GLY A 73 -3.16 -0.86 5.61
N ASP A 74 -3.17 -2.18 5.53
CA ASP A 74 -2.06 -2.99 6.04
C ASP A 74 -0.80 -2.75 5.20
N VAL A 75 -0.96 -2.79 3.88
CA VAL A 75 0.17 -2.58 2.97
C VAL A 75 0.75 -1.19 3.14
N VAL A 76 -0.12 -0.18 3.19
CA VAL A 76 0.32 1.20 3.35
C VAL A 76 1.29 1.34 4.52
N ASN A 77 0.89 0.82 5.68
CA ASN A 77 1.72 0.90 6.87
C ASN A 77 2.89 -0.09 6.78
N PHE A 78 2.74 -1.09 5.92
CA PHE A 78 3.78 -2.10 5.74
C PHE A 78 4.98 -1.52 4.99
N ILE A 79 4.73 -1.09 3.76
CA ILE A 79 5.79 -0.51 2.93
C ILE A 79 6.37 0.73 3.58
N LYS A 80 5.62 1.34 4.49
CA LYS A 80 6.07 2.53 5.20
C LYS A 80 7.28 2.22 6.08
N LYS A 81 7.14 1.21 6.93
CA LYS A 81 8.21 0.82 7.83
C LYS A 81 9.24 -0.04 7.09
N ARG A 82 8.78 -0.79 6.09
CA ARG A 82 9.65 -1.65 5.31
C ARG A 82 10.65 -0.82 4.51
N LYS A 83 10.25 0.39 4.15
CA LYS A 83 11.11 1.28 3.37
C LYS A 83 11.87 2.24 4.29
N GLY A 84 11.17 2.78 5.28
CA GLY A 84 11.79 3.70 6.21
C GLY A 84 11.87 5.11 5.66
N GLY A 1 3.72 16.83 16.63
CA GLY A 1 5.15 16.62 16.75
C GLY A 1 5.81 16.36 15.41
N PRO A 2 7.16 16.29 15.41
CA PRO A 2 7.94 16.04 14.20
C PRO A 2 7.78 14.62 13.68
N GLY A 3 8.54 14.28 12.66
CA GLY A 3 8.47 12.95 12.09
C GLY A 3 8.41 12.97 10.58
N SER A 4 8.06 14.12 10.01
CA SER A 4 7.97 14.26 8.56
C SER A 4 9.26 13.83 7.89
N MET A 5 9.25 12.65 7.28
CA MET A 5 10.42 12.12 6.60
C MET A 5 10.00 11.22 5.44
N ASP A 6 11.00 10.61 4.78
CA ASP A 6 10.74 9.73 3.66
C ASP A 6 9.71 8.67 4.02
N ASN A 7 9.77 8.22 5.27
CA ASN A 7 8.83 7.20 5.74
C ASN A 7 7.39 7.57 5.41
N ASP A 8 7.00 8.78 5.78
CA ASP A 8 5.65 9.26 5.51
C ASP A 8 5.58 10.00 4.17
N GLU A 9 6.64 9.86 3.38
CA GLU A 9 6.70 10.51 2.07
C GLU A 9 6.44 9.51 0.95
N ILE A 10 6.73 8.24 1.22
CA ILE A 10 6.53 7.18 0.23
C ILE A 10 5.04 6.98 -0.07
N PHE A 11 4.27 6.72 0.98
CA PHE A 11 2.83 6.50 0.82
C PHE A 11 2.13 7.79 0.40
N SER A 12 2.68 8.92 0.83
CA SER A 12 2.11 10.23 0.50
C SER A 12 2.38 10.58 -0.95
N LYS A 13 3.62 10.40 -1.38
CA LYS A 13 4.01 10.71 -2.75
C LYS A 13 3.24 9.83 -3.74
N VAL A 14 3.14 8.54 -3.43
CA VAL A 14 2.44 7.60 -4.29
C VAL A 14 0.97 7.98 -4.43
N ARG A 15 0.34 8.29 -3.30
CA ARG A 15 -1.07 8.68 -3.29
C ARG A 15 -1.27 10.02 -3.99
N SER A 16 -0.26 10.87 -3.93
CA SER A 16 -0.33 12.20 -4.54
C SER A 16 -0.44 12.07 -6.06
N ILE A 17 0.11 11.00 -6.61
CA ILE A 17 0.07 10.76 -8.04
C ILE A 17 -1.31 10.27 -8.48
N ILE A 18 -1.77 9.20 -7.85
CA ILE A 18 -3.08 8.63 -8.17
C ILE A 18 -4.21 9.58 -7.76
N SER A 19 -3.96 10.37 -6.72
CA SER A 19 -4.96 11.31 -6.23
C SER A 19 -5.55 12.12 -7.37
N GLU A 20 -4.76 12.32 -8.43
CA GLU A 20 -5.20 13.08 -9.59
C GLU A 20 -6.48 12.47 -10.17
N GLN A 21 -6.40 11.20 -10.54
CA GLN A 21 -7.54 10.50 -11.12
C GLN A 21 -8.45 9.94 -10.03
N LEU A 22 -7.84 9.30 -9.03
CA LEU A 22 -8.59 8.72 -7.92
C LEU A 22 -9.37 9.79 -7.16
N ASP A 23 -8.82 11.00 -7.13
CA ASP A 23 -9.46 12.12 -6.45
C ASP A 23 -9.77 11.76 -5.00
N LYS A 24 -8.97 10.84 -4.44
CA LYS A 24 -9.16 10.41 -3.06
C LYS A 24 -8.06 10.96 -2.17
N LYS A 25 -8.22 10.80 -0.86
CA LYS A 25 -7.24 11.27 0.10
C LYS A 25 -6.40 10.11 0.64
N GLU A 26 -5.11 10.37 0.85
CA GLU A 26 -4.20 9.34 1.36
C GLU A 26 -4.63 8.89 2.75
N ASP A 27 -5.48 9.68 3.40
CA ASP A 27 -5.97 9.35 4.73
C ASP A 27 -7.13 8.37 4.68
N GLU A 28 -7.34 7.79 3.49
CA GLU A 28 -8.43 6.83 3.30
C GLU A 28 -8.01 5.44 3.76
N ILE A 29 -6.82 5.36 4.36
CA ILE A 29 -6.31 4.08 4.85
C ILE A 29 -7.29 3.42 5.82
N THR A 30 -7.88 2.32 5.39
CA THR A 30 -8.84 1.60 6.22
C THR A 30 -9.13 0.22 5.64
N THR A 31 -9.65 -0.67 6.48
CA THR A 31 -9.98 -2.03 6.05
C THR A 31 -11.31 -2.07 5.34
N ASP A 32 -12.11 -1.02 5.51
CA ASP A 32 -13.43 -0.94 4.88
C ASP A 32 -13.32 -0.28 3.51
N SER A 33 -12.10 0.04 3.10
CA SER A 33 -11.86 0.67 1.81
C SER A 33 -11.37 -0.35 0.78
N ARG A 34 -10.25 -0.99 1.08
CA ARG A 34 -9.68 -1.99 0.19
C ARG A 34 -9.23 -1.35 -1.12
N PHE A 35 -8.82 -2.19 -2.07
CA PHE A 35 -8.37 -1.70 -3.37
C PHE A 35 -9.53 -1.15 -4.18
N VAL A 36 -10.74 -1.66 -3.90
CA VAL A 36 -11.94 -1.22 -4.59
C VAL A 36 -12.24 0.25 -4.31
N GLU A 37 -12.21 0.61 -3.02
CA GLU A 37 -12.49 1.99 -2.61
C GLU A 37 -11.23 2.84 -2.70
N ASP A 38 -10.19 2.42 -1.98
CA ASP A 38 -8.93 3.15 -1.97
C ASP A 38 -8.36 3.27 -3.39
N LEU A 39 -8.20 2.14 -4.05
CA LEU A 39 -7.68 2.12 -5.42
C LEU A 39 -8.81 2.03 -6.44
N ASN A 40 -8.44 1.99 -7.71
CA ASN A 40 -9.42 1.89 -8.79
C ASN A 40 -9.29 0.57 -9.54
N ALA A 41 -9.13 -0.52 -8.79
CA ALA A 41 -8.99 -1.84 -9.39
C ALA A 41 -9.37 -2.92 -8.39
N ASP A 42 -9.72 -4.11 -8.91
CA ASP A 42 -10.10 -5.22 -8.06
C ASP A 42 -8.88 -6.05 -7.66
N SER A 43 -9.01 -6.78 -6.56
CA SER A 43 -7.91 -7.61 -6.06
C SER A 43 -7.36 -8.50 -7.17
N LEU A 44 -8.21 -8.81 -8.15
CA LEU A 44 -7.80 -9.66 -9.27
C LEU A 44 -6.55 -9.11 -9.94
N ASP A 45 -6.56 -7.81 -10.23
CA ASP A 45 -5.41 -7.16 -10.87
C ASP A 45 -4.33 -6.85 -9.86
N ILE A 46 -4.72 -6.75 -8.59
CA ILE A 46 -3.77 -6.45 -7.51
C ILE A 46 -2.94 -7.68 -7.16
N TYR A 47 -3.49 -8.85 -7.42
CA TYR A 47 -2.79 -10.10 -7.14
C TYR A 47 -1.39 -10.09 -7.72
N GLU A 48 -1.29 -9.77 -9.01
CA GLU A 48 0.01 -9.72 -9.68
C GLU A 48 0.84 -8.54 -9.18
N LEU A 49 0.17 -7.45 -8.83
CA LEU A 49 0.85 -6.25 -8.34
C LEU A 49 1.73 -6.59 -7.15
N LEU A 50 1.11 -7.11 -6.08
CA LEU A 50 1.85 -7.48 -4.88
C LEU A 50 2.72 -8.70 -5.13
N TYR A 51 2.20 -9.65 -5.89
CA TYR A 51 2.93 -10.88 -6.20
C TYR A 51 4.28 -10.56 -6.82
N LEU A 52 4.29 -9.66 -7.79
CA LEU A 52 5.53 -9.26 -8.45
C LEU A 52 6.36 -8.34 -7.56
N LEU A 53 5.68 -7.60 -6.69
CA LEU A 53 6.36 -6.68 -5.78
C LEU A 53 7.23 -7.45 -4.78
N GLU A 54 6.64 -8.46 -4.14
CA GLU A 54 7.36 -9.26 -3.16
C GLU A 54 8.54 -9.98 -3.82
N GLU A 55 8.38 -10.32 -5.09
CA GLU A 55 9.42 -11.01 -5.83
C GLU A 55 10.67 -10.15 -5.95
N ALA A 56 10.47 -8.84 -6.01
CA ALA A 56 11.59 -7.90 -6.12
C ALA A 56 12.33 -7.77 -4.80
N PHE A 57 11.66 -8.15 -3.71
CA PHE A 57 12.26 -8.06 -2.38
C PHE A 57 12.57 -9.46 -1.84
N ASP A 58 12.23 -10.48 -2.62
CA ASP A 58 12.47 -11.86 -2.23
C ASP A 58 11.88 -12.16 -0.86
N ASP A 59 10.55 -12.28 -0.81
CA ASP A 59 9.86 -12.55 0.44
C ASP A 59 8.42 -13.01 0.19
N LYS A 60 8.01 -14.08 0.85
CA LYS A 60 6.67 -14.61 0.69
C LYS A 60 5.64 -13.65 1.27
N ILE A 61 4.65 -13.29 0.46
CA ILE A 61 3.60 -12.38 0.89
C ILE A 61 2.59 -13.09 1.80
N PRO A 62 1.98 -14.16 1.29
CA PRO A 62 1.00 -14.95 2.03
C PRO A 62 1.64 -15.73 3.18
N GLU A 63 2.96 -15.64 3.29
CA GLU A 63 3.68 -16.34 4.34
C GLU A 63 4.24 -15.37 5.37
N ASN A 64 5.17 -14.52 4.93
CA ASN A 64 5.78 -13.54 5.82
C ASN A 64 4.85 -12.35 6.04
N GLU A 65 4.54 -11.64 4.95
CA GLU A 65 3.66 -10.48 5.02
C GLU A 65 2.31 -10.86 5.61
N ALA A 66 1.95 -12.14 5.48
CA ALA A 66 0.68 -12.63 5.99
C ALA A 66 0.65 -12.59 7.51
N ASN A 67 1.81 -12.34 8.12
CA ASN A 67 1.91 -12.27 9.57
C ASN A 67 1.17 -11.06 10.12
N GLU A 68 0.85 -10.12 9.24
CA GLU A 68 0.14 -8.91 9.62
C GLU A 68 -0.53 -8.25 8.42
N PHE A 69 -1.10 -9.08 7.54
CA PHE A 69 -1.77 -8.58 6.36
C PHE A 69 -3.28 -8.65 6.52
N GLU A 70 -3.98 -7.69 5.92
CA GLU A 70 -5.43 -7.64 5.99
C GLU A 70 -6.01 -6.84 4.83
N THR A 71 -5.69 -5.55 4.79
CA THR A 71 -6.18 -4.67 3.74
C THR A 71 -5.09 -3.73 3.25
N VAL A 72 -5.44 -2.85 2.31
CA VAL A 72 -4.49 -1.90 1.76
C VAL A 72 -3.72 -1.18 2.87
N GLY A 73 -4.44 -0.77 3.90
CA GLY A 73 -3.82 -0.07 5.01
C GLY A 73 -2.61 -0.81 5.55
N ASP A 74 -2.68 -2.14 5.56
CA ASP A 74 -1.58 -2.95 6.06
C ASP A 74 -0.38 -2.88 5.12
N VAL A 75 -0.66 -2.75 3.82
CA VAL A 75 0.40 -2.67 2.83
C VAL A 75 1.05 -1.28 2.84
N VAL A 76 0.23 -0.24 2.95
CA VAL A 76 0.73 1.13 2.96
C VAL A 76 1.79 1.32 4.05
N ASN A 77 1.47 0.87 5.25
CA ASN A 77 2.39 0.99 6.38
C ASN A 77 3.52 -0.03 6.26
N PHE A 78 3.28 -1.09 5.50
CA PHE A 78 4.29 -2.13 5.30
C PHE A 78 5.45 -1.62 4.45
N ILE A 79 5.14 -1.24 3.21
CA ILE A 79 6.16 -0.72 2.30
C ILE A 79 6.76 0.58 2.83
N LYS A 80 6.02 1.26 3.69
CA LYS A 80 6.48 2.53 4.27
C LYS A 80 7.75 2.31 5.09
N LYS A 81 7.69 1.37 6.03
CA LYS A 81 8.82 1.07 6.89
C LYS A 81 9.82 0.17 6.16
N ARG A 82 9.31 -0.70 5.29
CA ARG A 82 10.16 -1.61 4.54
C ARG A 82 11.13 -0.85 3.65
N LYS A 83 10.63 0.17 2.96
CA LYS A 83 11.45 0.98 2.09
C LYS A 83 12.10 2.13 2.84
N GLY A 84 11.30 2.82 3.65
CA GLY A 84 11.82 3.93 4.43
C GLY A 84 12.09 3.56 5.87
N GLY A 1 9.92 11.88 13.11
CA GLY A 1 9.86 13.28 13.45
C GLY A 1 8.47 13.86 13.28
N PRO A 2 8.24 15.05 13.84
CA PRO A 2 6.95 15.74 13.76
C PRO A 2 6.64 16.24 12.35
N GLY A 3 6.21 15.33 11.49
CA GLY A 3 5.90 15.70 10.12
C GLY A 3 7.14 15.96 9.29
N SER A 4 8.26 15.36 9.69
CA SER A 4 9.52 15.54 8.98
C SER A 4 10.18 14.19 8.72
N MET A 5 9.83 13.57 7.61
CA MET A 5 10.39 12.27 7.24
C MET A 5 9.90 11.83 5.87
N ASP A 6 10.74 11.09 5.15
CA ASP A 6 10.40 10.61 3.83
C ASP A 6 9.74 9.23 3.91
N ASN A 7 10.22 8.41 4.83
CA ASN A 7 9.69 7.06 5.00
C ASN A 7 8.18 7.09 5.18
N ASP A 8 7.71 7.96 6.07
CA ASP A 8 6.28 8.09 6.34
C ASP A 8 5.59 8.85 5.21
N GLU A 9 6.38 9.38 4.28
CA GLU A 9 5.85 10.13 3.15
C GLU A 9 5.77 9.26 1.91
N ILE A 10 6.44 8.12 1.94
CA ILE A 10 6.45 7.18 0.82
C ILE A 10 5.03 6.89 0.35
N PHE A 11 4.17 6.46 1.27
CA PHE A 11 2.79 6.14 0.95
C PHE A 11 2.06 7.37 0.42
N SER A 12 2.47 8.54 0.90
CA SER A 12 1.84 9.80 0.48
C SER A 12 2.23 10.14 -0.95
N LYS A 13 3.51 9.98 -1.27
CA LYS A 13 4.01 10.27 -2.61
C LYS A 13 3.37 9.35 -3.64
N VAL A 14 3.29 8.06 -3.31
CA VAL A 14 2.70 7.07 -4.20
C VAL A 14 1.22 7.36 -4.44
N ARG A 15 0.50 7.64 -3.35
CA ARG A 15 -0.93 7.93 -3.44
C ARG A 15 -1.17 9.26 -4.16
N SER A 16 -0.21 10.17 -4.04
CA SER A 16 -0.33 11.48 -4.67
C SER A 16 -0.42 11.34 -6.19
N ILE A 17 0.08 10.23 -6.71
CA ILE A 17 0.05 9.98 -8.14
C ILE A 17 -1.35 9.54 -8.59
N ILE A 18 -1.88 8.50 -7.94
CA ILE A 18 -3.20 8.00 -8.28
C ILE A 18 -4.29 8.95 -7.82
N SER A 19 -4.01 9.69 -6.75
CA SER A 19 -4.97 10.65 -6.22
C SER A 19 -5.52 11.54 -7.32
N GLU A 20 -4.71 11.76 -8.36
CA GLU A 20 -5.12 12.61 -9.48
C GLU A 20 -6.40 12.08 -10.11
N GLN A 21 -6.38 10.82 -10.53
CA GLN A 21 -7.54 10.20 -11.16
C GLN A 21 -8.49 9.63 -10.10
N LEU A 22 -7.93 8.90 -9.14
CA LEU A 22 -8.72 8.31 -8.08
C LEU A 22 -9.44 9.37 -7.26
N ASP A 23 -8.87 10.58 -7.24
CA ASP A 23 -9.47 11.69 -6.50
C ASP A 23 -9.77 11.28 -5.07
N LYS A 24 -8.99 10.37 -4.53
CA LYS A 24 -9.17 9.89 -3.17
C LYS A 24 -8.12 10.48 -2.23
N LYS A 25 -8.33 10.31 -0.93
CA LYS A 25 -7.40 10.82 0.07
C LYS A 25 -6.53 9.70 0.63
N GLU A 26 -5.22 9.95 0.69
CA GLU A 26 -4.28 8.95 1.20
C GLU A 26 -4.53 8.69 2.69
N ASP A 27 -5.26 9.60 3.33
CA ASP A 27 -5.56 9.47 4.75
C ASP A 27 -6.79 8.59 4.96
N GLU A 28 -7.24 7.93 3.89
CA GLU A 28 -8.41 7.06 3.97
C GLU A 28 -8.01 5.64 4.37
N ILE A 29 -6.78 5.49 4.83
CA ILE A 29 -6.27 4.19 5.25
C ILE A 29 -7.23 3.52 6.22
N THR A 30 -7.84 2.42 5.78
CA THR A 30 -8.78 1.68 6.61
C THR A 30 -9.08 0.32 6.02
N THR A 31 -9.55 -0.61 6.85
CA THR A 31 -9.88 -1.96 6.41
C THR A 31 -11.25 -1.98 5.74
N ASP A 32 -11.98 -0.88 5.82
CA ASP A 32 -13.31 -0.78 5.22
C ASP A 32 -13.22 -0.14 3.84
N SER A 33 -12.01 -0.08 3.28
CA SER A 33 -11.80 0.51 1.97
C SER A 33 -11.32 -0.54 0.97
N ARG A 34 -10.19 -1.17 1.28
CA ARG A 34 -9.62 -2.18 0.40
C ARG A 34 -9.22 -1.59 -0.94
N PHE A 35 -8.84 -2.46 -1.87
CA PHE A 35 -8.42 -2.02 -3.20
C PHE A 35 -9.62 -1.48 -3.99
N VAL A 36 -10.80 -2.01 -3.70
CA VAL A 36 -12.02 -1.57 -4.37
C VAL A 36 -12.29 -0.10 -4.13
N GLU A 37 -12.22 0.31 -2.87
CA GLU A 37 -12.46 1.70 -2.50
C GLU A 37 -11.20 2.54 -2.68
N ASP A 38 -10.13 2.13 -2.01
CA ASP A 38 -8.85 2.84 -2.09
C ASP A 38 -8.34 2.86 -3.53
N LEU A 39 -8.02 1.69 -4.06
CA LEU A 39 -7.52 1.58 -5.42
C LEU A 39 -8.67 1.58 -6.44
N ASN A 40 -8.33 1.49 -7.71
CA ASN A 40 -9.33 1.47 -8.77
C ASN A 40 -9.31 0.14 -9.52
N ALA A 41 -9.01 -0.93 -8.79
CA ALA A 41 -8.96 -2.26 -9.38
C ALA A 41 -9.26 -3.33 -8.34
N ASP A 42 -9.78 -4.47 -8.80
CA ASP A 42 -10.10 -5.57 -7.90
C ASP A 42 -8.85 -6.37 -7.55
N SER A 43 -8.94 -7.14 -6.46
CA SER A 43 -7.81 -7.95 -6.02
C SER A 43 -7.25 -8.79 -7.16
N LEU A 44 -8.11 -9.10 -8.13
CA LEU A 44 -7.70 -9.90 -9.28
C LEU A 44 -6.49 -9.28 -9.97
N ASP A 45 -6.56 -7.98 -10.23
CA ASP A 45 -5.47 -7.26 -10.88
C ASP A 45 -4.38 -6.91 -9.88
N ILE A 46 -4.75 -6.84 -8.61
CA ILE A 46 -3.79 -6.52 -7.56
C ILE A 46 -2.88 -7.70 -7.25
N TYR A 47 -3.38 -8.90 -7.50
CA TYR A 47 -2.61 -10.12 -7.26
C TYR A 47 -1.22 -10.01 -7.88
N GLU A 48 -1.17 -9.48 -9.09
CA GLU A 48 0.11 -9.32 -9.80
C GLU A 48 0.94 -8.21 -9.18
N LEU A 49 0.28 -7.15 -8.75
CA LEU A 49 0.96 -6.01 -8.13
C LEU A 49 1.77 -6.46 -6.91
N LEU A 50 1.08 -7.03 -5.94
CA LEU A 50 1.74 -7.51 -4.72
C LEU A 50 2.72 -8.63 -5.04
N TYR A 51 2.34 -9.51 -5.96
CA TYR A 51 3.18 -10.63 -6.36
C TYR A 51 4.47 -10.14 -7.00
N LEU A 52 4.40 -8.99 -7.67
CA LEU A 52 5.56 -8.40 -8.33
C LEU A 52 6.50 -7.78 -7.30
N LEU A 53 5.98 -6.83 -6.53
CA LEU A 53 6.77 -6.15 -5.52
C LEU A 53 7.35 -7.14 -4.52
N GLU A 54 6.50 -8.02 -4.00
CA GLU A 54 6.92 -9.02 -3.03
C GLU A 54 8.12 -9.81 -3.55
N GLU A 55 8.20 -9.94 -4.86
CA GLU A 55 9.30 -10.67 -5.49
C GLU A 55 10.57 -9.84 -5.49
N ALA A 56 10.41 -8.52 -5.62
CA ALA A 56 11.55 -7.62 -5.64
C ALA A 56 12.18 -7.51 -4.25
N PHE A 57 11.41 -7.86 -3.22
CA PHE A 57 11.89 -7.80 -1.85
C PHE A 57 12.25 -9.19 -1.34
N ASP A 58 12.22 -10.18 -2.23
CA ASP A 58 12.54 -11.56 -1.87
C ASP A 58 11.75 -11.98 -0.64
N ASP A 59 10.42 -11.97 -0.75
CA ASP A 59 9.56 -12.37 0.36
C ASP A 59 8.14 -12.62 -0.14
N LYS A 60 7.53 -13.70 0.35
CA LYS A 60 6.17 -14.05 -0.04
C LYS A 60 5.16 -13.17 0.67
N ILE A 61 4.10 -12.81 -0.04
CA ILE A 61 3.05 -11.97 0.53
C ILE A 61 2.23 -12.73 1.55
N PRO A 62 1.65 -13.86 1.13
CA PRO A 62 0.82 -14.71 1.99
C PRO A 62 1.65 -15.42 3.06
N GLU A 63 2.96 -15.23 3.02
CA GLU A 63 3.86 -15.85 3.98
C GLU A 63 4.47 -14.80 4.91
N ASN A 64 5.28 -13.92 4.34
CA ASN A 64 5.93 -12.87 5.12
C ASN A 64 4.94 -11.78 5.51
N GLU A 65 4.36 -11.12 4.50
CA GLU A 65 3.39 -10.07 4.73
C GLU A 65 2.20 -10.59 5.53
N ALA A 66 1.96 -11.89 5.43
CA ALA A 66 0.84 -12.52 6.14
C ALA A 66 1.01 -12.39 7.65
N ASN A 67 2.21 -12.04 8.08
CA ASN A 67 2.50 -11.87 9.50
C ASN A 67 1.54 -10.88 10.14
N GLU A 68 1.04 -9.94 9.34
CA GLU A 68 0.11 -8.93 9.82
C GLU A 68 -0.62 -8.26 8.67
N PHE A 69 -1.05 -9.06 7.69
CA PHE A 69 -1.75 -8.56 6.53
C PHE A 69 -3.27 -8.59 6.76
N GLU A 70 -3.97 -7.66 6.12
CA GLU A 70 -5.43 -7.58 6.26
C GLU A 70 -6.04 -6.77 5.12
N THR A 71 -5.66 -5.50 5.05
CA THR A 71 -6.17 -4.61 4.02
C THR A 71 -5.08 -3.68 3.50
N VAL A 72 -5.44 -2.79 2.58
CA VAL A 72 -4.49 -1.84 2.00
C VAL A 72 -3.72 -1.11 3.10
N GLY A 73 -4.43 -0.70 4.14
CA GLY A 73 -3.80 0.00 5.24
C GLY A 73 -2.54 -0.70 5.73
N ASP A 74 -2.59 -2.02 5.78
CA ASP A 74 -1.44 -2.80 6.24
C ASP A 74 -0.27 -2.66 5.27
N VAL A 75 -0.56 -2.73 3.97
CA VAL A 75 0.46 -2.62 2.95
C VAL A 75 1.12 -1.23 2.98
N VAL A 76 0.31 -0.22 3.28
CA VAL A 76 0.82 1.16 3.35
C VAL A 76 1.94 1.28 4.37
N ASN A 77 1.63 0.95 5.61
CA ASN A 77 2.61 1.03 6.69
C ASN A 77 3.70 -0.03 6.52
N PHE A 78 3.38 -1.08 5.76
CA PHE A 78 4.33 -2.16 5.52
C PHE A 78 5.45 -1.70 4.60
N ILE A 79 5.09 -1.28 3.39
CA ILE A 79 6.06 -0.81 2.42
C ILE A 79 6.79 0.42 2.92
N LYS A 80 6.14 1.16 3.81
CA LYS A 80 6.73 2.37 4.37
C LYS A 80 8.01 2.05 5.15
N LYS A 81 7.92 1.06 6.05
CA LYS A 81 9.06 0.66 6.86
C LYS A 81 9.97 -0.28 6.06
N ARG A 82 9.40 -0.98 5.09
CA ARG A 82 10.16 -1.90 4.28
C ARG A 82 11.36 -1.20 3.63
N LYS A 83 11.14 0.02 3.18
CA LYS A 83 12.20 0.81 2.54
C LYS A 83 12.66 1.94 3.45
N GLY A 84 11.70 2.59 4.12
CA GLY A 84 12.04 3.68 5.02
C GLY A 84 12.69 4.84 4.30
N GLY A 1 2.84 18.61 7.44
CA GLY A 1 4.02 17.76 7.48
C GLY A 1 5.18 18.35 6.69
N PRO A 2 6.26 17.57 6.56
CA PRO A 2 7.46 17.99 5.83
C PRO A 2 7.22 18.08 4.33
N GLY A 3 6.50 17.09 3.79
CA GLY A 3 6.21 17.07 2.37
C GLY A 3 7.40 16.62 1.55
N SER A 4 8.31 15.88 2.17
CA SER A 4 9.50 15.39 1.49
C SER A 4 9.58 13.88 1.55
N MET A 5 10.60 13.31 0.91
CA MET A 5 10.79 11.87 0.89
C MET A 5 11.23 11.36 2.25
N ASP A 6 10.43 10.48 2.84
CA ASP A 6 10.73 9.92 4.16
C ASP A 6 9.94 8.64 4.40
N ASN A 7 10.41 7.82 5.33
CA ASN A 7 9.76 6.57 5.66
C ASN A 7 8.28 6.79 5.97
N ASP A 8 8.01 7.78 6.82
CA ASP A 8 6.63 8.09 7.21
C ASP A 8 5.96 8.96 6.14
N GLU A 9 6.70 9.28 5.09
CA GLU A 9 6.18 10.09 3.99
C GLU A 9 5.85 9.24 2.78
N ILE A 10 6.33 7.99 2.79
CA ILE A 10 6.09 7.07 1.69
C ILE A 10 4.61 7.02 1.34
N PHE A 11 3.78 6.72 2.33
CA PHE A 11 2.34 6.64 2.13
C PHE A 11 1.76 7.99 1.73
N SER A 12 2.49 9.06 2.06
CA SER A 12 2.05 10.41 1.74
C SER A 12 2.30 10.73 0.27
N LYS A 13 3.51 10.43 -0.20
CA LYS A 13 3.88 10.68 -1.59
C LYS A 13 3.03 9.85 -2.53
N VAL A 14 2.85 8.57 -2.18
CA VAL A 14 2.07 7.66 -3.00
C VAL A 14 0.61 8.11 -3.08
N ARG A 15 0.06 8.52 -1.93
CA ARG A 15 -1.33 8.96 -1.87
C ARG A 15 -1.50 10.28 -2.62
N SER A 16 -0.45 11.10 -2.64
CA SER A 16 -0.50 12.38 -3.32
C SER A 16 -0.71 12.19 -4.82
N ILE A 17 0.01 11.24 -5.40
CA ILE A 17 -0.10 10.95 -6.83
C ILE A 17 -1.50 10.48 -7.19
N ILE A 18 -1.95 9.44 -6.50
CA ILE A 18 -3.28 8.89 -6.74
C ILE A 18 -4.38 9.88 -6.37
N SER A 19 -4.10 10.71 -5.36
CA SER A 19 -5.05 11.70 -4.90
C SER A 19 -5.62 12.50 -6.07
N GLU A 20 -4.83 12.62 -7.14
CA GLU A 20 -5.25 13.36 -8.32
C GLU A 20 -6.56 12.81 -8.87
N GLN A 21 -6.58 11.52 -9.18
CA GLN A 21 -7.78 10.88 -9.71
C GLN A 21 -8.65 10.35 -8.57
N LEU A 22 -8.04 9.68 -7.61
CA LEU A 22 -8.76 9.12 -6.47
C LEU A 22 -9.44 10.22 -5.67
N ASP A 23 -8.81 11.39 -5.63
CA ASP A 23 -9.36 12.53 -4.90
C ASP A 23 -9.73 12.13 -3.48
N LYS A 24 -8.99 11.19 -2.92
CA LYS A 24 -9.23 10.72 -1.57
C LYS A 24 -8.07 11.07 -0.64
N LYS A 25 -8.29 10.97 0.66
CA LYS A 25 -7.26 11.28 1.64
C LYS A 25 -6.68 9.99 2.24
N GLU A 26 -5.52 10.12 2.88
CA GLU A 26 -4.86 8.98 3.49
C GLU A 26 -5.69 8.42 4.65
N ASP A 27 -6.64 9.21 5.12
CA ASP A 27 -7.51 8.81 6.22
C ASP A 27 -8.44 7.68 5.79
N GLU A 28 -8.45 7.38 4.49
CA GLU A 28 -9.29 6.33 3.96
C GLU A 28 -8.72 4.95 4.28
N ILE A 29 -7.44 4.93 4.66
CA ILE A 29 -6.77 3.67 4.99
C ILE A 29 -7.57 2.88 6.01
N THR A 30 -8.22 1.81 5.54
CA THR A 30 -9.03 0.97 6.41
C THR A 30 -9.39 -0.34 5.72
N THR A 31 -9.98 -1.26 6.48
CA THR A 31 -10.38 -2.56 5.93
C THR A 31 -11.70 -2.46 5.18
N ASP A 32 -12.35 -1.31 5.28
CA ASP A 32 -13.61 -1.08 4.59
C ASP A 32 -13.41 -0.31 3.29
N SER A 33 -12.21 -0.45 2.72
CA SER A 33 -11.87 0.23 1.48
C SER A 33 -11.40 -0.77 0.42
N ARG A 34 -10.39 -1.55 0.76
CA ARG A 34 -9.84 -2.53 -0.15
C ARG A 34 -9.34 -1.87 -1.44
N PHE A 35 -8.83 -2.68 -2.35
CA PHE A 35 -8.32 -2.18 -3.62
C PHE A 35 -9.43 -1.55 -4.45
N VAL A 36 -10.64 -2.11 -4.33
CA VAL A 36 -11.79 -1.60 -5.07
C VAL A 36 -12.02 -0.12 -4.78
N GLU A 37 -12.05 0.23 -3.49
CA GLU A 37 -12.26 1.62 -3.09
C GLU A 37 -10.95 2.40 -3.11
N ASP A 38 -9.96 1.91 -2.35
CA ASP A 38 -8.66 2.57 -2.29
C ASP A 38 -8.01 2.64 -3.67
N LEU A 39 -7.70 1.47 -4.23
CA LEU A 39 -7.08 1.39 -5.55
C LEU A 39 -8.09 1.67 -6.64
N ASN A 40 -7.60 1.81 -7.88
CA ASN A 40 -8.48 2.07 -9.02
C ASN A 40 -8.62 0.82 -9.88
N ALA A 41 -8.64 -0.34 -9.23
CA ALA A 41 -8.78 -1.60 -9.94
C ALA A 41 -9.23 -2.72 -9.00
N ASP A 42 -9.27 -3.94 -9.51
CA ASP A 42 -9.67 -5.09 -8.71
C ASP A 42 -8.47 -5.95 -8.33
N SER A 43 -8.66 -6.83 -7.35
CA SER A 43 -7.59 -7.70 -6.88
C SER A 43 -6.96 -8.46 -8.05
N LEU A 44 -7.73 -8.62 -9.12
CA LEU A 44 -7.26 -9.32 -10.31
C LEU A 44 -5.90 -8.77 -10.76
N ASP A 45 -5.82 -7.46 -10.90
CA ASP A 45 -4.58 -6.81 -11.33
C ASP A 45 -3.62 -6.66 -10.16
N ILE A 46 -4.16 -6.67 -8.95
CA ILE A 46 -3.34 -6.53 -7.74
C ILE A 46 -2.54 -7.80 -7.49
N TYR A 47 -3.04 -8.93 -7.96
CA TYR A 47 -2.37 -10.21 -7.80
C TYR A 47 -0.90 -10.11 -8.19
N GLU A 48 -0.65 -9.64 -9.41
CA GLU A 48 0.70 -9.49 -9.91
C GLU A 48 1.41 -8.32 -9.23
N LEU A 49 0.65 -7.27 -8.93
CA LEU A 49 1.21 -6.09 -8.28
C LEU A 49 2.00 -6.48 -7.03
N LEU A 50 1.33 -7.11 -6.08
CA LEU A 50 1.97 -7.54 -4.85
C LEU A 50 2.95 -8.69 -5.10
N TYR A 51 2.52 -9.64 -5.91
CA TYR A 51 3.35 -10.79 -6.25
C TYR A 51 4.73 -10.35 -6.72
N LEU A 52 4.76 -9.32 -7.57
CA LEU A 52 6.01 -8.80 -8.10
C LEU A 52 6.70 -7.91 -7.08
N LEU A 53 5.92 -7.30 -6.21
CA LEU A 53 6.46 -6.42 -5.17
C LEU A 53 7.28 -7.21 -4.16
N GLU A 54 6.70 -8.27 -3.63
CA GLU A 54 7.37 -9.11 -2.65
C GLU A 54 8.58 -9.80 -3.27
N GLU A 55 8.44 -10.21 -4.53
CA GLU A 55 9.53 -10.89 -5.23
C GLU A 55 10.75 -9.98 -5.34
N ALA A 56 10.52 -8.68 -5.27
CA ALA A 56 11.61 -7.70 -5.36
C ALA A 56 12.33 -7.56 -4.01
N PHE A 57 11.65 -7.96 -2.95
CA PHE A 57 12.22 -7.87 -1.60
C PHE A 57 12.56 -9.25 -1.07
N ASP A 58 12.48 -10.26 -1.94
CA ASP A 58 12.78 -11.64 -1.56
C ASP A 58 11.98 -12.04 -0.32
N ASP A 59 10.67 -12.21 -0.51
CA ASP A 59 9.78 -12.59 0.59
C ASP A 59 8.44 -13.07 0.07
N LYS A 60 7.71 -13.81 0.89
CA LYS A 60 6.40 -14.33 0.51
C LYS A 60 5.29 -13.47 1.09
N ILE A 61 4.29 -13.17 0.26
CA ILE A 61 3.16 -12.35 0.68
C ILE A 61 2.25 -13.12 1.63
N PRO A 62 1.73 -14.25 1.16
CA PRO A 62 0.84 -15.11 1.95
C PRO A 62 1.57 -15.80 3.09
N GLU A 63 2.88 -15.60 3.16
CA GLU A 63 3.68 -16.21 4.21
C GLU A 63 4.20 -15.15 5.18
N ASN A 64 5.06 -14.27 4.68
CA ASN A 64 5.63 -13.21 5.50
C ASN A 64 4.59 -12.12 5.79
N GLU A 65 4.11 -11.47 4.74
CA GLU A 65 3.11 -10.42 4.88
C GLU A 65 1.86 -10.94 5.57
N ALA A 66 1.62 -12.25 5.43
CA ALA A 66 0.45 -12.88 6.05
C ALA A 66 0.53 -12.80 7.57
N ASN A 67 1.69 -12.46 8.09
CA ASN A 67 1.90 -12.35 9.52
C ASN A 67 0.97 -11.31 10.14
N GLU A 68 0.51 -10.38 9.30
CA GLU A 68 -0.38 -9.32 9.76
C GLU A 68 -1.07 -8.64 8.57
N PHE A 69 -1.49 -9.44 7.60
CA PHE A 69 -2.16 -8.92 6.41
C PHE A 69 -3.68 -8.95 6.59
N GLU A 70 -4.36 -7.99 5.96
CA GLU A 70 -5.81 -7.91 6.05
C GLU A 70 -6.38 -7.14 4.86
N THR A 71 -5.96 -5.89 4.70
CA THR A 71 -6.43 -5.06 3.61
C THR A 71 -5.34 -4.11 3.14
N VAL A 72 -5.68 -3.25 2.18
CA VAL A 72 -4.72 -2.29 1.63
C VAL A 72 -4.02 -1.52 2.75
N GLY A 73 -4.79 -1.14 3.77
CA GLY A 73 -4.22 -0.41 4.88
C GLY A 73 -2.95 -1.04 5.41
N ASP A 74 -3.02 -2.33 5.72
CA ASP A 74 -1.87 -3.06 6.23
C ASP A 74 -0.68 -2.94 5.27
N VAL A 75 -0.96 -3.05 3.98
CA VAL A 75 0.08 -2.97 2.96
C VAL A 75 0.78 -1.61 3.00
N VAL A 76 -0.01 -0.56 3.24
CA VAL A 76 0.53 0.80 3.31
C VAL A 76 1.62 0.90 4.39
N ASN A 77 1.26 0.61 5.63
CA ASN A 77 2.19 0.66 6.75
C ASN A 77 3.24 -0.44 6.63
N PHE A 78 2.90 -1.49 5.89
CA PHE A 78 3.81 -2.61 5.70
C PHE A 78 5.06 -2.19 4.93
N ILE A 79 4.85 -1.72 3.70
CA ILE A 79 5.96 -1.28 2.87
C ILE A 79 6.73 -0.13 3.52
N LYS A 80 6.06 0.57 4.42
CA LYS A 80 6.68 1.69 5.12
C LYS A 80 7.86 1.22 5.97
N LYS A 81 7.61 0.22 6.81
CA LYS A 81 8.65 -0.33 7.67
C LYS A 81 9.63 -1.20 6.87
N ARG A 82 9.09 -1.90 5.87
CA ARG A 82 9.90 -2.77 5.03
C ARG A 82 11.06 -2.00 4.42
N LYS A 83 10.79 -0.81 3.91
CA LYS A 83 11.81 0.03 3.30
C LYS A 83 12.51 0.88 4.36
N GLY A 84 11.72 1.50 5.23
CA GLY A 84 12.27 2.34 6.28
C GLY A 84 11.62 2.10 7.62
N GLY A 1 7.27 8.29 15.41
CA GLY A 1 7.94 9.47 15.93
C GLY A 1 8.90 10.08 14.93
N PRO A 2 9.56 11.17 15.34
CA PRO A 2 10.51 11.89 14.48
C PRO A 2 11.79 11.08 14.24
N GLY A 3 12.52 11.44 13.19
CA GLY A 3 13.75 10.73 12.88
C GLY A 3 13.58 9.75 11.73
N SER A 4 12.56 9.97 10.90
CA SER A 4 12.30 9.10 9.78
C SER A 4 12.85 9.69 8.48
N MET A 5 12.77 8.92 7.40
CA MET A 5 13.25 9.37 6.11
C MET A 5 12.17 9.25 5.04
N ASP A 6 11.35 10.30 4.92
CA ASP A 6 10.27 10.31 3.93
C ASP A 6 9.33 9.14 4.17
N ASN A 7 9.29 8.63 5.39
CA ASN A 7 8.43 7.50 5.73
C ASN A 7 6.98 7.79 5.35
N ASP A 8 6.49 8.96 5.72
CA ASP A 8 5.13 9.36 5.41
C ASP A 8 5.07 10.10 4.07
N GLU A 9 6.17 10.05 3.33
CA GLU A 9 6.24 10.72 2.04
C GLU A 9 6.12 9.71 0.90
N ILE A 10 6.53 8.48 1.17
CA ILE A 10 6.47 7.41 0.17
C ILE A 10 5.04 7.18 -0.31
N PHE A 11 4.15 6.89 0.64
CA PHE A 11 2.76 6.65 0.32
C PHE A 11 2.06 7.93 -0.13
N SER A 12 2.50 9.06 0.42
CA SER A 12 1.93 10.35 0.09
C SER A 12 2.23 10.72 -1.37
N LYS A 13 3.49 10.54 -1.76
CA LYS A 13 3.91 10.85 -3.12
C LYS A 13 3.27 9.90 -4.12
N VAL A 14 3.27 8.61 -3.79
CA VAL A 14 2.70 7.59 -4.65
C VAL A 14 1.18 7.75 -4.74
N ARG A 15 0.56 8.13 -3.64
CA ARG A 15 -0.88 8.32 -3.59
C ARG A 15 -1.30 9.51 -4.44
N SER A 16 -0.57 10.62 -4.32
CA SER A 16 -0.87 11.83 -5.07
C SER A 16 -0.94 11.53 -6.56
N ILE A 17 -0.27 10.47 -6.98
CA ILE A 17 -0.26 10.08 -8.39
C ILE A 17 -1.64 9.57 -8.82
N ILE A 18 -2.15 8.59 -8.10
CA ILE A 18 -3.46 8.02 -8.41
C ILE A 18 -4.58 8.94 -7.96
N SER A 19 -4.32 9.73 -6.93
CA SER A 19 -5.31 10.65 -6.40
C SER A 19 -5.91 11.49 -7.52
N GLU A 20 -5.11 11.75 -8.55
CA GLU A 20 -5.56 12.54 -9.69
C GLU A 20 -6.68 11.83 -10.44
N GLN A 21 -6.52 10.52 -10.63
CA GLN A 21 -7.52 9.73 -11.34
C GLN A 21 -8.62 9.27 -10.39
N LEU A 22 -8.24 8.64 -9.30
CA LEU A 22 -9.19 8.15 -8.31
C LEU A 22 -9.98 9.31 -7.69
N ASP A 23 -9.32 10.45 -7.58
CA ASP A 23 -9.95 11.65 -7.01
C ASP A 23 -10.38 11.39 -5.57
N LYS A 24 -9.63 10.55 -4.87
CA LYS A 24 -9.93 10.21 -3.48
C LYS A 24 -8.96 10.91 -2.54
N LYS A 25 -9.12 10.65 -1.24
CA LYS A 25 -8.26 11.24 -0.23
C LYS A 25 -7.22 10.25 0.27
N GLU A 26 -6.01 10.72 0.53
CA GLU A 26 -4.94 9.86 1.00
C GLU A 26 -5.26 9.32 2.40
N ASP A 27 -6.20 9.97 3.06
CA ASP A 27 -6.60 9.54 4.41
C ASP A 27 -7.66 8.44 4.35
N GLU A 28 -7.87 7.90 3.16
CA GLU A 28 -8.85 6.85 2.95
C GLU A 28 -8.33 5.51 3.48
N ILE A 29 -7.08 5.51 3.92
CA ILE A 29 -6.45 4.30 4.46
C ILE A 29 -7.33 3.65 5.52
N THR A 30 -7.96 2.53 5.16
CA THR A 30 -8.83 1.81 6.08
C THR A 30 -9.16 0.42 5.56
N THR A 31 -9.61 -0.45 6.45
CA THR A 31 -9.96 -1.82 6.08
C THR A 31 -11.35 -1.87 5.45
N ASP A 32 -12.07 -0.76 5.51
CA ASP A 32 -13.40 -0.69 4.94
C ASP A 32 -13.36 -0.21 3.50
N SER A 33 -12.23 0.37 3.11
CA SER A 33 -12.06 0.87 1.75
C SER A 33 -11.64 -0.25 0.80
N ARG A 34 -10.59 -0.99 1.19
CA ARG A 34 -10.08 -2.08 0.39
C ARG A 34 -9.55 -1.57 -0.96
N PHE A 35 -9.16 -2.51 -1.82
CA PHE A 35 -8.64 -2.15 -3.14
C PHE A 35 -9.72 -1.53 -4.02
N VAL A 36 -10.97 -1.90 -3.75
CA VAL A 36 -12.10 -1.38 -4.51
C VAL A 36 -12.27 0.13 -4.29
N GLU A 37 -12.26 0.53 -3.03
CA GLU A 37 -12.41 1.94 -2.68
C GLU A 37 -11.07 2.66 -2.73
N ASP A 38 -10.12 2.18 -1.94
CA ASP A 38 -8.78 2.77 -1.89
C ASP A 38 -8.14 2.79 -3.28
N LEU A 39 -7.89 1.60 -3.83
CA LEU A 39 -7.29 1.48 -5.15
C LEU A 39 -8.36 1.49 -6.24
N ASN A 40 -7.92 1.35 -7.49
CA ASN A 40 -8.83 1.33 -8.62
C ASN A 40 -8.75 0.01 -9.37
N ALA A 41 -8.65 -1.08 -8.62
CA ALA A 41 -8.57 -2.41 -9.23
C ALA A 41 -8.98 -3.49 -8.22
N ASP A 42 -9.61 -4.55 -8.72
CA ASP A 42 -10.06 -5.64 -7.88
C ASP A 42 -8.89 -6.52 -7.47
N SER A 43 -9.09 -7.33 -6.44
CA SER A 43 -8.05 -8.23 -5.95
C SER A 43 -7.39 -8.98 -7.09
N LEU A 44 -8.17 -9.24 -8.14
CA LEU A 44 -7.66 -9.95 -9.30
C LEU A 44 -6.37 -9.32 -9.82
N ASP A 45 -6.39 -8.00 -9.94
CA ASP A 45 -5.21 -7.26 -10.42
C ASP A 45 -4.20 -7.07 -9.30
N ILE A 46 -4.69 -7.03 -8.06
CA ILE A 46 -3.82 -6.86 -6.90
C ILE A 46 -2.87 -8.03 -6.75
N TYR A 47 -3.33 -9.22 -7.13
CA TYR A 47 -2.52 -10.43 -7.03
C TYR A 47 -1.13 -10.20 -7.62
N GLU A 48 -1.09 -9.56 -8.79
CA GLU A 48 0.17 -9.28 -9.46
C GLU A 48 0.95 -8.19 -8.73
N LEU A 49 0.24 -7.19 -8.23
CA LEU A 49 0.86 -6.08 -7.51
C LEU A 49 1.72 -6.60 -6.37
N LEU A 50 1.11 -7.30 -5.43
CA LEU A 50 1.83 -7.85 -4.28
C LEU A 50 2.83 -8.91 -4.73
N TYR A 51 2.40 -9.79 -5.63
CA TYR A 51 3.26 -10.85 -6.14
C TYR A 51 4.60 -10.27 -6.61
N LEU A 52 4.53 -9.27 -7.48
CA LEU A 52 5.74 -8.63 -8.01
C LEU A 52 6.50 -7.91 -6.91
N LEU A 53 5.78 -7.43 -5.90
CA LEU A 53 6.39 -6.72 -4.79
C LEU A 53 7.24 -7.66 -3.95
N GLU A 54 6.87 -8.94 -3.93
CA GLU A 54 7.61 -9.93 -3.17
C GLU A 54 9.09 -9.86 -3.47
N GLU A 55 9.43 -9.88 -4.76
CA GLU A 55 10.83 -9.81 -5.18
C GLU A 55 11.42 -8.43 -4.90
N ALA A 56 10.59 -7.40 -5.04
CA ALA A 56 11.03 -6.03 -4.80
C ALA A 56 11.51 -5.85 -3.37
N PHE A 57 11.09 -6.75 -2.48
CA PHE A 57 11.49 -6.68 -1.09
C PHE A 57 12.12 -8.00 -0.64
N ASP A 58 12.31 -8.91 -1.58
CA ASP A 58 12.91 -10.20 -1.30
C ASP A 58 12.23 -10.87 -0.10
N ASP A 59 10.92 -11.07 -0.22
CA ASP A 59 10.14 -11.70 0.84
C ASP A 59 8.78 -12.15 0.33
N LYS A 60 8.24 -13.21 0.93
CA LYS A 60 6.95 -13.73 0.53
C LYS A 60 5.81 -12.84 1.04
N ILE A 61 4.85 -12.57 0.17
CA ILE A 61 3.71 -11.73 0.53
C ILE A 61 2.75 -12.48 1.44
N PRO A 62 2.23 -13.60 0.95
CA PRO A 62 1.28 -14.45 1.71
C PRO A 62 1.95 -15.14 2.88
N GLU A 63 3.26 -14.99 3.00
CA GLU A 63 4.02 -15.60 4.09
C GLU A 63 4.52 -14.55 5.07
N ASN A 64 5.39 -13.67 4.59
CA ASN A 64 5.96 -12.62 5.42
C ASN A 64 4.92 -11.54 5.70
N GLU A 65 4.45 -10.88 4.64
CA GLU A 65 3.46 -9.82 4.77
C GLU A 65 2.19 -10.35 5.47
N ALA A 66 1.97 -11.65 5.35
CA ALA A 66 0.80 -12.27 5.96
C ALA A 66 0.86 -12.19 7.48
N ASN A 67 2.03 -11.84 8.00
CA ASN A 67 2.23 -11.72 9.44
C ASN A 67 1.33 -10.65 10.03
N GLU A 68 0.93 -9.69 9.19
CA GLU A 68 0.06 -8.61 9.63
C GLU A 68 -0.66 -7.98 8.44
N PHE A 69 -1.14 -8.82 7.54
CA PHE A 69 -1.86 -8.36 6.35
C PHE A 69 -3.37 -8.43 6.56
N GLU A 70 -4.10 -7.53 5.91
CA GLU A 70 -5.56 -7.49 6.03
C GLU A 70 -6.17 -6.69 4.89
N THR A 71 -5.76 -5.43 4.79
CA THR A 71 -6.28 -4.55 3.74
C THR A 71 -5.18 -3.62 3.21
N VAL A 72 -5.56 -2.74 2.29
CA VAL A 72 -4.61 -1.80 1.71
C VAL A 72 -3.86 -1.03 2.80
N GLY A 73 -4.60 -0.56 3.79
CA GLY A 73 -3.98 0.18 4.89
C GLY A 73 -2.77 -0.53 5.45
N ASP A 74 -2.79 -1.85 5.43
CA ASP A 74 -1.68 -2.65 5.95
C ASP A 74 -0.47 -2.56 5.04
N VAL A 75 -0.72 -2.55 3.73
CA VAL A 75 0.35 -2.46 2.75
C VAL A 75 0.96 -1.06 2.72
N VAL A 76 0.12 -0.06 2.89
CA VAL A 76 0.57 1.33 2.88
C VAL A 76 1.61 1.57 3.97
N ASN A 77 1.29 1.14 5.19
CA ASN A 77 2.20 1.30 6.32
C ASN A 77 3.37 0.34 6.22
N PHE A 78 3.15 -0.79 5.57
CA PHE A 78 4.19 -1.81 5.40
C PHE A 78 5.30 -1.29 4.49
N ILE A 79 4.94 -0.96 3.27
CA ILE A 79 5.92 -0.46 2.30
C ILE A 79 6.59 0.81 2.81
N LYS A 80 5.95 1.47 3.76
CA LYS A 80 6.48 2.70 4.33
C LYS A 80 7.61 2.41 5.31
N LYS A 81 7.43 1.36 6.11
CA LYS A 81 8.43 0.96 7.09
C LYS A 81 9.56 0.16 6.42
N ARG A 82 9.22 -0.53 5.35
CA ARG A 82 10.20 -1.33 4.62
C ARG A 82 11.11 -0.46 3.79
N LYS A 83 10.59 0.69 3.34
CA LYS A 83 11.35 1.63 2.53
C LYS A 83 12.04 2.66 3.41
N GLY A 84 11.25 3.35 4.23
CA GLY A 84 11.81 4.36 5.12
C GLY A 84 12.51 5.48 4.36
N GLY A 1 14.44 12.19 -1.10
CA GLY A 1 15.61 12.95 -0.69
C GLY A 1 15.49 13.49 0.71
N PRO A 2 16.37 14.44 1.06
CA PRO A 2 16.39 15.05 2.39
C PRO A 2 15.17 15.96 2.63
N GLY A 3 14.22 15.47 3.43
CA GLY A 3 13.03 16.24 3.71
C GLY A 3 11.79 15.62 3.13
N SER A 4 11.96 14.83 2.07
CA SER A 4 10.84 14.18 1.41
C SER A 4 10.92 12.66 1.56
N MET A 5 11.58 12.21 2.63
CA MET A 5 11.74 10.79 2.89
C MET A 5 11.46 10.46 4.35
N ASP A 6 10.28 9.93 4.62
CA ASP A 6 9.89 9.58 5.98
C ASP A 6 8.83 8.47 5.97
N ASN A 7 8.74 7.74 7.08
CA ASN A 7 7.78 6.65 7.20
C ASN A 7 6.37 7.14 6.88
N ASP A 8 6.00 8.29 7.44
CA ASP A 8 4.69 8.87 7.21
C ASP A 8 4.67 9.71 5.93
N GLU A 9 5.77 9.68 5.20
CA GLU A 9 5.88 10.44 3.96
C GLU A 9 5.75 9.52 2.75
N ILE A 10 6.06 8.24 2.94
CA ILE A 10 5.97 7.26 1.87
C ILE A 10 4.53 7.09 1.39
N PHE A 11 3.65 6.77 2.33
CA PHE A 11 2.23 6.57 2.01
C PHE A 11 1.56 7.90 1.68
N SER A 12 2.02 8.97 2.33
CA SER A 12 1.47 10.29 2.10
C SER A 12 1.83 10.81 0.71
N LYS A 13 3.09 10.59 0.32
CA LYS A 13 3.56 11.02 -0.98
C LYS A 13 2.91 10.22 -2.10
N VAL A 14 2.89 8.91 -1.95
CA VAL A 14 2.30 8.02 -2.95
C VAL A 14 0.80 8.26 -3.06
N ARG A 15 0.17 8.57 -1.94
CA ARG A 15 -1.26 8.82 -1.91
C ARG A 15 -1.61 10.13 -2.62
N SER A 16 -0.85 11.18 -2.31
CA SER A 16 -1.07 12.49 -2.92
C SER A 16 -1.05 12.39 -4.44
N ILE A 17 -0.38 11.36 -4.95
CA ILE A 17 -0.30 11.16 -6.40
C ILE A 17 -1.66 10.79 -6.99
N ILE A 18 -2.25 9.74 -6.44
CA ILE A 18 -3.56 9.29 -6.90
C ILE A 18 -4.67 10.19 -6.40
N SER A 19 -4.46 10.79 -5.23
CA SER A 19 -5.45 11.69 -4.64
C SER A 19 -5.92 12.73 -5.65
N GLU A 20 -5.04 13.06 -6.60
CA GLU A 20 -5.37 14.03 -7.63
C GLU A 20 -6.61 13.62 -8.40
N GLN A 21 -6.57 12.41 -8.97
CA GLN A 21 -7.69 11.90 -9.74
C GLN A 21 -8.72 11.23 -8.84
N LEU A 22 -8.23 10.39 -7.93
CA LEU A 22 -9.11 9.68 -7.00
C LEU A 22 -9.87 10.67 -6.11
N ASP A 23 -9.27 11.83 -5.88
CA ASP A 23 -9.90 12.85 -5.05
C ASP A 23 -10.37 12.26 -3.72
N LYS A 24 -9.61 11.32 -3.20
CA LYS A 24 -9.95 10.68 -1.93
C LYS A 24 -9.04 11.18 -0.81
N LYS A 25 -9.31 10.72 0.41
CA LYS A 25 -8.51 11.12 1.57
C LYS A 25 -7.54 10.01 1.96
N GLU A 26 -6.33 10.41 2.35
CA GLU A 26 -5.30 9.45 2.75
C GLU A 26 -5.74 8.67 3.99
N ASP A 27 -6.75 9.19 4.69
CA ASP A 27 -7.27 8.54 5.89
C ASP A 27 -8.32 7.51 5.53
N GLU A 28 -8.44 7.20 4.24
CA GLU A 28 -9.42 6.23 3.77
C GLU A 28 -8.96 4.81 4.06
N ILE A 29 -7.74 4.69 4.60
CA ILE A 29 -7.18 3.39 4.93
C ILE A 29 -8.16 2.56 5.75
N THR A 30 -8.71 1.50 5.14
CA THR A 30 -9.66 0.64 5.82
C THR A 30 -9.86 -0.66 5.04
N THR A 31 -10.33 -1.69 5.74
CA THR A 31 -10.58 -2.99 5.11
C THR A 31 -11.91 -3.00 4.36
N ASP A 32 -12.68 -1.94 4.55
CA ASP A 32 -13.98 -1.83 3.89
C ASP A 32 -13.86 -1.07 2.58
N SER A 33 -12.63 -0.87 2.13
CA SER A 33 -12.38 -0.15 0.89
C SER A 33 -11.70 -1.05 -0.14
N ARG A 34 -10.58 -1.65 0.26
CA ARG A 34 -9.84 -2.54 -0.63
C ARG A 34 -9.34 -1.79 -1.86
N PHE A 35 -8.79 -2.53 -2.81
CA PHE A 35 -8.27 -1.93 -4.04
C PHE A 35 -9.42 -1.40 -4.91
N VAL A 36 -10.58 -2.03 -4.81
CA VAL A 36 -11.75 -1.61 -5.58
C VAL A 36 -12.13 -0.18 -5.25
N GLU A 37 -12.21 0.13 -3.95
CA GLU A 37 -12.58 1.47 -3.51
C GLU A 37 -11.37 2.41 -3.53
N ASP A 38 -10.32 2.02 -2.81
CA ASP A 38 -9.10 2.81 -2.75
C ASP A 38 -8.45 2.93 -4.13
N LEU A 39 -8.01 1.80 -4.67
CA LEU A 39 -7.37 1.78 -5.98
C LEU A 39 -8.41 1.85 -7.09
N ASN A 40 -7.94 1.86 -8.34
CA ASN A 40 -8.83 1.92 -9.49
C ASN A 40 -8.77 0.63 -10.29
N ALA A 41 -8.75 -0.49 -9.59
CA ALA A 41 -8.70 -1.80 -10.24
C ALA A 41 -9.14 -2.91 -9.30
N ASP A 42 -9.09 -4.15 -9.78
CA ASP A 42 -9.50 -5.29 -8.97
C ASP A 42 -8.28 -6.09 -8.51
N SER A 43 -8.46 -6.88 -7.45
CA SER A 43 -7.38 -7.69 -6.91
C SER A 43 -6.71 -8.50 -8.01
N LEU A 44 -7.47 -8.79 -9.07
CA LEU A 44 -6.95 -9.57 -10.20
C LEU A 44 -5.63 -8.99 -10.69
N ASP A 45 -5.61 -7.68 -10.94
CA ASP A 45 -4.42 -7.00 -11.42
C ASP A 45 -3.46 -6.73 -10.27
N ILE A 46 -3.99 -6.67 -9.05
CA ILE A 46 -3.17 -6.42 -7.87
C ILE A 46 -2.31 -7.62 -7.53
N TYR A 47 -2.79 -8.81 -7.90
CA TYR A 47 -2.05 -10.03 -7.63
C TYR A 47 -0.60 -9.93 -8.11
N GLU A 48 -0.42 -9.46 -9.33
CA GLU A 48 0.91 -9.32 -9.91
C GLU A 48 1.65 -8.15 -9.26
N LEU A 49 0.91 -7.09 -8.94
CA LEU A 49 1.50 -5.92 -8.31
C LEU A 49 2.28 -6.29 -7.06
N LEU A 50 1.57 -6.88 -6.08
CA LEU A 50 2.19 -7.30 -4.83
C LEU A 50 3.16 -8.46 -5.06
N TYR A 51 2.77 -9.37 -5.96
CA TYR A 51 3.60 -10.53 -6.26
C TYR A 51 5.03 -10.12 -6.60
N LEU A 52 5.15 -9.10 -7.45
CA LEU A 52 6.46 -8.60 -7.86
C LEU A 52 7.05 -7.69 -6.78
N LEU A 53 6.18 -7.06 -6.01
CA LEU A 53 6.61 -6.16 -4.94
C LEU A 53 7.38 -6.92 -3.87
N GLU A 54 6.84 -8.06 -3.45
CA GLU A 54 7.48 -8.88 -2.43
C GLU A 54 8.79 -9.46 -2.94
N GLU A 55 8.86 -9.69 -4.25
CA GLU A 55 10.06 -10.25 -4.87
C GLU A 55 11.21 -9.25 -4.82
N ALA A 56 10.91 -7.99 -5.12
CA ALA A 56 11.92 -6.93 -5.11
C ALA A 56 12.56 -6.80 -3.74
N PHE A 57 11.86 -7.29 -2.72
CA PHE A 57 12.37 -7.23 -1.34
C PHE A 57 12.75 -8.63 -0.84
N ASP A 58 12.41 -9.64 -1.62
CA ASP A 58 12.71 -11.02 -1.25
C ASP A 58 11.98 -11.41 0.04
N ASP A 59 10.68 -11.67 -0.08
CA ASP A 59 9.87 -12.05 1.07
C ASP A 59 8.54 -12.64 0.63
N LYS A 60 8.08 -13.66 1.34
CA LYS A 60 6.82 -14.31 1.02
C LYS A 60 5.63 -13.47 1.51
N ILE A 61 4.69 -13.22 0.60
CA ILE A 61 3.51 -12.43 0.93
C ILE A 61 2.54 -13.23 1.79
N PRO A 62 2.07 -14.37 1.26
CA PRO A 62 1.13 -15.25 1.96
C PRO A 62 1.78 -15.95 3.15
N GLU A 63 3.09 -15.74 3.33
CA GLU A 63 3.82 -16.36 4.43
C GLU A 63 4.27 -15.29 5.43
N ASN A 64 5.16 -14.42 4.99
CA ASN A 64 5.69 -13.36 5.85
C ASN A 64 4.64 -12.27 6.06
N GLU A 65 4.26 -11.61 4.98
CA GLU A 65 3.27 -10.55 5.03
C GLU A 65 1.95 -11.06 5.59
N ALA A 66 1.74 -12.37 5.50
CA ALA A 66 0.51 -12.99 5.99
C ALA A 66 0.43 -12.90 7.52
N ASN A 67 1.55 -12.53 8.14
CA ASN A 67 1.61 -12.41 9.59
C ASN A 67 0.60 -11.38 10.09
N GLU A 68 0.26 -10.43 9.22
CA GLU A 68 -0.70 -9.38 9.58
C GLU A 68 -1.32 -8.76 8.33
N PHE A 69 -1.68 -9.59 7.37
CA PHE A 69 -2.27 -9.13 6.13
C PHE A 69 -3.78 -9.26 6.16
N GLU A 70 -4.47 -8.36 5.45
CA GLU A 70 -5.93 -8.37 5.40
C GLU A 70 -6.44 -7.56 4.22
N THR A 71 -6.05 -6.29 4.18
CA THR A 71 -6.48 -5.40 3.10
C THR A 71 -5.39 -4.38 2.77
N VAL A 72 -5.69 -3.48 1.84
CA VAL A 72 -4.74 -2.45 1.43
C VAL A 72 -4.16 -1.72 2.64
N GLY A 73 -5.03 -1.42 3.61
CA GLY A 73 -4.59 -0.73 4.80
C GLY A 73 -3.36 -1.37 5.43
N ASP A 74 -3.29 -2.70 5.35
CA ASP A 74 -2.17 -3.43 5.92
C ASP A 74 -0.89 -3.15 5.13
N VAL A 75 -0.99 -3.22 3.81
CA VAL A 75 0.16 -2.98 2.94
C VAL A 75 0.70 -1.56 3.12
N VAL A 76 -0.20 -0.59 3.06
CA VAL A 76 0.19 0.81 3.21
C VAL A 76 1.03 1.02 4.47
N ASN A 77 0.55 0.48 5.58
CA ASN A 77 1.25 0.61 6.86
C ASN A 77 2.46 -0.32 6.90
N PHE A 78 2.42 -1.37 6.07
CA PHE A 78 3.51 -2.34 6.01
C PHE A 78 4.73 -1.75 5.30
N ILE A 79 4.54 -1.39 4.04
CA ILE A 79 5.62 -0.80 3.24
C ILE A 79 6.20 0.42 3.92
N LYS A 80 5.39 1.11 4.71
CA LYS A 80 5.82 2.30 5.42
C LYS A 80 6.99 1.99 6.34
N LYS A 81 6.81 1.01 7.22
CA LYS A 81 7.86 0.61 8.14
C LYS A 81 8.85 -0.33 7.48
N ARG A 82 8.40 -1.05 6.46
CA ARG A 82 9.25 -1.99 5.73
C ARG A 82 10.24 -1.23 4.86
N LYS A 83 9.90 -0.01 4.49
CA LYS A 83 10.76 0.82 3.65
C LYS A 83 11.40 1.93 4.47
N GLY A 84 10.57 2.72 5.13
CA GLY A 84 11.07 3.82 5.95
C GLY A 84 11.22 5.10 5.14
N GLY A 1 5.67 18.82 5.76
CA GLY A 1 6.41 17.57 5.72
C GLY A 1 7.85 17.73 6.18
N PRO A 2 8.57 16.60 6.30
CA PRO A 2 9.97 16.60 6.73
C PRO A 2 10.90 17.21 5.69
N GLY A 3 10.62 16.93 4.42
CA GLY A 3 11.44 17.47 3.35
C GLY A 3 12.22 16.39 2.63
N SER A 4 12.44 15.26 3.30
CA SER A 4 13.18 14.15 2.73
C SER A 4 12.40 12.85 2.83
N MET A 5 12.96 11.78 2.28
CA MET A 5 12.30 10.48 2.32
C MET A 5 12.00 10.06 3.76
N ASP A 6 10.88 9.38 3.95
CA ASP A 6 10.49 8.91 5.27
C ASP A 6 9.22 8.06 5.19
N ASN A 7 8.97 7.29 6.24
CA ASN A 7 7.79 6.42 6.29
C ASN A 7 6.52 7.23 6.05
N ASP A 8 6.44 8.39 6.69
CA ASP A 8 5.27 9.25 6.56
C ASP A 8 5.24 9.93 5.18
N GLU A 9 6.32 9.75 4.43
CA GLU A 9 6.43 10.33 3.10
C GLU A 9 6.09 9.30 2.02
N ILE A 10 6.28 8.04 2.35
CA ILE A 10 6.00 6.95 1.41
C ILE A 10 4.49 6.82 1.16
N PHE A 11 3.74 6.64 2.23
CA PHE A 11 2.28 6.50 2.11
C PHE A 11 1.65 7.81 1.66
N SER A 12 2.29 8.92 1.99
CA SER A 12 1.78 10.23 1.62
C SER A 12 2.04 10.52 0.14
N LYS A 13 3.30 10.35 -0.27
CA LYS A 13 3.68 10.59 -1.66
C LYS A 13 2.87 9.71 -2.61
N VAL A 14 2.85 8.42 -2.34
CA VAL A 14 2.11 7.47 -3.17
C VAL A 14 0.62 7.80 -3.18
N ARG A 15 0.10 8.23 -2.03
CA ARG A 15 -1.30 8.58 -1.92
C ARG A 15 -1.62 9.84 -2.70
N SER A 16 -0.63 10.72 -2.83
CA SER A 16 -0.79 11.98 -3.55
C SER A 16 -1.16 11.71 -5.00
N ILE A 17 -0.79 10.54 -5.51
CA ILE A 17 -1.09 10.17 -6.88
C ILE A 17 -2.55 9.75 -7.04
N ILE A 18 -2.97 8.79 -6.22
CA ILE A 18 -4.35 8.30 -6.27
C ILE A 18 -5.32 9.36 -5.75
N SER A 19 -4.85 10.16 -4.81
CA SER A 19 -5.69 11.21 -4.22
C SER A 19 -6.07 12.25 -5.27
N GLU A 20 -5.21 12.43 -6.26
CA GLU A 20 -5.45 13.39 -7.32
C GLU A 20 -6.64 12.96 -8.18
N GLN A 21 -6.72 11.67 -8.45
CA GLN A 21 -7.81 11.12 -9.27
C GLN A 21 -9.03 10.84 -8.41
N LEU A 22 -8.83 10.04 -7.36
CA LEU A 22 -9.93 9.68 -6.46
C LEU A 22 -10.46 10.91 -5.73
N ASP A 23 -9.60 11.92 -5.59
CA ASP A 23 -10.00 13.16 -4.91
C ASP A 23 -10.32 12.90 -3.44
N LYS A 24 -9.78 11.80 -2.91
CA LYS A 24 -10.01 11.43 -1.52
C LYS A 24 -8.87 11.94 -0.63
N LYS A 25 -8.96 11.65 0.67
CA LYS A 25 -7.94 12.07 1.62
C LYS A 25 -7.05 10.89 2.00
N GLU A 26 -5.88 11.21 2.56
CA GLU A 26 -4.94 10.18 2.98
C GLU A 26 -5.51 9.33 4.11
N ASP A 27 -6.57 9.84 4.73
CA ASP A 27 -7.21 9.13 5.84
C ASP A 27 -8.14 8.05 5.32
N GLU A 28 -8.06 7.77 4.03
CA GLU A 28 -8.91 6.76 3.40
C GLU A 28 -8.42 5.35 3.75
N ILE A 29 -7.15 5.26 4.14
CA ILE A 29 -6.56 3.97 4.51
C ILE A 29 -7.45 3.22 5.50
N THR A 30 -8.14 2.20 5.00
CA THR A 30 -9.02 1.40 5.83
C THR A 30 -9.33 0.05 5.18
N THR A 31 -9.85 -0.88 5.97
CA THR A 31 -10.19 -2.21 5.47
C THR A 31 -11.52 -2.19 4.74
N ASP A 32 -12.23 -1.07 4.82
CA ASP A 32 -13.53 -0.94 4.16
C ASP A 32 -13.38 -0.24 2.81
N SER A 33 -12.16 -0.29 2.27
CA SER A 33 -11.89 0.34 0.97
C SER A 33 -11.34 -0.68 -0.02
N ARG A 34 -10.28 -1.36 0.37
CA ARG A 34 -9.66 -2.37 -0.48
C ARG A 34 -9.11 -1.73 -1.76
N PHE A 35 -8.66 -2.58 -2.68
CA PHE A 35 -8.11 -2.09 -3.95
C PHE A 35 -9.21 -1.51 -4.82
N VAL A 36 -10.43 -2.00 -4.65
CA VAL A 36 -11.57 -1.52 -5.42
C VAL A 36 -11.81 -0.03 -5.16
N GLU A 37 -11.84 0.34 -3.89
CA GLU A 37 -12.08 1.72 -3.50
C GLU A 37 -10.78 2.53 -3.55
N ASP A 38 -9.77 2.07 -2.82
CA ASP A 38 -8.48 2.75 -2.78
C ASP A 38 -7.85 2.79 -4.18
N LEU A 39 -7.63 1.61 -4.75
CA LEU A 39 -7.04 1.51 -6.08
C LEU A 39 -8.11 1.55 -7.16
N ASN A 40 -7.68 1.49 -8.42
CA ASN A 40 -8.60 1.52 -9.54
C ASN A 40 -8.60 0.19 -10.29
N ALA A 41 -8.81 -0.90 -9.55
CA ALA A 41 -8.83 -2.24 -10.14
C ALA A 41 -9.24 -3.28 -9.11
N ASP A 42 -9.25 -4.54 -9.54
CA ASP A 42 -9.62 -5.64 -8.65
C ASP A 42 -8.40 -6.45 -8.25
N SER A 43 -8.53 -7.24 -7.19
CA SER A 43 -7.43 -8.07 -6.70
C SER A 43 -6.81 -8.88 -7.84
N LEU A 44 -7.61 -9.16 -8.87
CA LEU A 44 -7.15 -9.92 -10.02
C LEU A 44 -5.85 -9.34 -10.56
N ASP A 45 -5.84 -8.03 -10.79
CA ASP A 45 -4.66 -7.36 -11.32
C ASP A 45 -3.65 -7.08 -10.20
N ILE A 46 -4.14 -7.07 -8.96
CA ILE A 46 -3.28 -6.82 -7.82
C ILE A 46 -2.39 -8.02 -7.52
N TYR A 47 -2.86 -9.20 -7.93
CA TYR A 47 -2.10 -10.44 -7.71
C TYR A 47 -0.65 -10.27 -8.13
N GLU A 48 -0.44 -9.76 -9.35
CA GLU A 48 0.90 -9.56 -9.88
C GLU A 48 1.57 -8.37 -9.20
N LEU A 49 0.78 -7.35 -8.89
CA LEU A 49 1.30 -6.15 -8.25
C LEU A 49 2.12 -6.52 -7.01
N LEU A 50 1.47 -7.17 -6.05
CA LEU A 50 2.14 -7.57 -4.81
C LEU A 50 3.16 -8.66 -5.09
N TYR A 51 2.79 -9.63 -5.91
CA TYR A 51 3.68 -10.73 -6.25
C TYR A 51 5.03 -10.22 -6.73
N LEU A 52 5.00 -9.20 -7.59
CA LEU A 52 6.22 -8.61 -8.12
C LEU A 52 6.88 -7.69 -7.09
N LEU A 53 6.07 -7.14 -6.19
CA LEU A 53 6.57 -6.25 -5.15
C LEU A 53 7.48 -7.01 -4.18
N GLU A 54 6.97 -8.12 -3.65
CA GLU A 54 7.72 -8.92 -2.71
C GLU A 54 8.99 -9.47 -3.36
N GLU A 55 8.92 -9.76 -4.65
CA GLU A 55 10.06 -10.28 -5.39
C GLU A 55 11.19 -9.27 -5.45
N ALA A 56 10.85 -7.99 -5.22
CA ALA A 56 11.83 -6.92 -5.24
C ALA A 56 12.42 -6.69 -3.85
N PHE A 57 11.71 -7.14 -2.82
CA PHE A 57 12.15 -6.98 -1.45
C PHE A 57 12.56 -8.33 -0.85
N ASP A 58 12.57 -9.36 -1.68
CA ASP A 58 12.94 -10.70 -1.24
C ASP A 58 12.14 -11.09 0.00
N ASP A 59 10.89 -11.46 -0.20
CA ASP A 59 10.02 -11.87 0.90
C ASP A 59 8.79 -12.59 0.38
N LYS A 60 8.03 -13.18 1.30
CA LYS A 60 6.82 -13.91 0.94
C LYS A 60 5.57 -13.12 1.33
N ILE A 61 4.66 -12.94 0.38
CA ILE A 61 3.42 -12.21 0.63
C ILE A 61 2.47 -13.02 1.49
N PRO A 62 2.11 -14.22 1.01
CA PRO A 62 1.19 -15.11 1.72
C PRO A 62 1.83 -15.71 2.98
N GLU A 63 3.10 -15.42 3.19
CA GLU A 63 3.82 -15.92 4.36
C GLU A 63 4.15 -14.79 5.32
N ASN A 64 5.00 -13.87 4.87
CA ASN A 64 5.39 -12.73 5.70
C ASN A 64 4.25 -11.75 5.85
N GLU A 65 3.81 -11.17 4.74
CA GLU A 65 2.72 -10.21 4.76
C GLU A 65 1.47 -10.80 5.40
N ALA A 66 1.28 -12.10 5.20
CA ALA A 66 0.13 -12.80 5.77
C ALA A 66 0.15 -12.77 7.29
N ASN A 67 1.32 -12.43 7.85
CA ASN A 67 1.48 -12.37 9.30
C ASN A 67 0.46 -11.41 9.91
N GLU A 68 0.07 -10.39 9.14
CA GLU A 68 -0.90 -9.41 9.60
C GLU A 68 -1.55 -8.68 8.42
N PHE A 69 -1.87 -9.43 7.38
CA PHE A 69 -2.49 -8.85 6.18
C PHE A 69 -4.01 -8.91 6.28
N GLU A 70 -4.68 -8.07 5.49
CA GLU A 70 -6.13 -8.03 5.50
C GLU A 70 -6.65 -7.16 4.36
N THR A 71 -6.13 -5.94 4.27
CA THR A 71 -6.53 -5.01 3.22
C THR A 71 -5.37 -4.13 2.77
N VAL A 72 -5.64 -3.21 1.86
CA VAL A 72 -4.61 -2.31 1.35
C VAL A 72 -3.95 -1.53 2.48
N GLY A 73 -4.77 -1.06 3.42
CA GLY A 73 -4.25 -0.30 4.55
C GLY A 73 -3.08 -0.99 5.22
N ASP A 74 -3.13 -2.32 5.30
CA ASP A 74 -2.07 -3.09 5.92
C ASP A 74 -0.81 -3.07 5.05
N VAL A 75 -1.00 -3.08 3.75
CA VAL A 75 0.12 -3.07 2.81
C VAL A 75 0.79 -1.70 2.78
N VAL A 76 -0.02 -0.64 2.71
CA VAL A 76 0.50 0.71 2.68
C VAL A 76 1.45 0.98 3.84
N ASN A 77 1.00 0.65 5.05
CA ASN A 77 1.81 0.84 6.25
C ASN A 77 2.93 -0.19 6.31
N PHE A 78 2.75 -1.30 5.61
CA PHE A 78 3.75 -2.36 5.59
C PHE A 78 4.96 -1.95 4.75
N ILE A 79 4.69 -1.53 3.51
CA ILE A 79 5.76 -1.10 2.62
C ILE A 79 6.64 -0.03 3.26
N LYS A 80 6.04 0.75 4.16
CA LYS A 80 6.77 1.82 4.84
C LYS A 80 8.00 1.27 5.54
N LYS A 81 7.81 0.23 6.35
CA LYS A 81 8.91 -0.39 7.08
C LYS A 81 9.74 -1.27 6.15
N ARG A 82 9.08 -1.92 5.20
CA ARG A 82 9.76 -2.79 4.25
C ARG A 82 10.90 -2.05 3.55
N LYS A 83 10.65 -0.79 3.20
CA LYS A 83 11.65 0.03 2.53
C LYS A 83 12.46 0.85 3.55
N GLY A 84 11.79 1.29 4.60
CA GLY A 84 12.44 2.08 5.62
C GLY A 84 11.48 2.66 6.63
N GLY A 1 10.66 16.37 7.59
CA GLY A 1 9.40 15.76 7.21
C GLY A 1 9.09 15.92 5.75
N PRO A 2 8.67 17.14 5.35
CA PRO A 2 8.33 17.46 3.96
C PRO A 2 9.56 17.47 3.05
N GLY A 3 9.64 16.51 2.15
CA GLY A 3 10.76 16.44 1.23
C GLY A 3 11.84 15.49 1.72
N SER A 4 11.47 14.55 2.58
CA SER A 4 12.41 13.59 3.12
C SER A 4 11.83 12.18 3.10
N MET A 5 12.71 11.19 3.06
CA MET A 5 12.29 9.78 3.04
C MET A 5 11.74 9.36 4.39
N ASP A 6 10.44 9.60 4.60
CA ASP A 6 9.79 9.24 5.86
C ASP A 6 8.62 8.29 5.60
N ASN A 7 8.28 7.50 6.61
CA ASN A 7 7.18 6.55 6.50
C ASN A 7 5.88 7.27 6.13
N ASP A 8 5.67 8.44 6.72
CA ASP A 8 4.46 9.23 6.45
C ASP A 8 4.59 9.95 5.11
N GLU A 9 5.75 9.82 4.47
CA GLU A 9 5.99 10.46 3.18
C GLU A 9 5.89 9.46 2.04
N ILE A 10 6.12 8.18 2.36
CA ILE A 10 6.05 7.13 1.35
C ILE A 10 4.62 6.92 0.87
N PHE A 11 3.71 6.67 1.81
CA PHE A 11 2.31 6.46 1.47
C PHE A 11 1.66 7.75 1.02
N SER A 12 2.19 8.88 1.49
CA SER A 12 1.66 10.19 1.14
C SER A 12 2.09 10.59 -0.27
N LYS A 13 3.36 10.40 -0.58
CA LYS A 13 3.90 10.75 -1.89
C LYS A 13 3.33 9.82 -2.96
N VAL A 14 3.40 8.53 -2.73
CA VAL A 14 2.89 7.54 -3.68
C VAL A 14 1.41 7.76 -3.95
N ARG A 15 0.63 7.92 -2.89
CA ARG A 15 -0.81 8.15 -3.00
C ARG A 15 -1.09 9.50 -3.63
N SER A 16 -0.26 10.50 -3.31
CA SER A 16 -0.42 11.84 -3.84
C SER A 16 -0.47 11.83 -5.36
N ILE A 17 0.13 10.80 -5.96
CA ILE A 17 0.15 10.66 -7.40
C ILE A 17 -1.23 10.34 -7.96
N ILE A 18 -1.84 9.29 -7.43
CA ILE A 18 -3.17 8.87 -7.86
C ILE A 18 -4.25 9.80 -7.30
N SER A 19 -3.97 10.37 -6.14
CA SER A 19 -4.91 11.28 -5.50
C SER A 19 -5.43 12.33 -6.48
N GLU A 20 -4.60 12.65 -7.48
CA GLU A 20 -4.96 13.64 -8.48
C GLU A 20 -6.26 13.24 -9.18
N GLN A 21 -6.28 12.05 -9.76
CA GLN A 21 -7.46 11.56 -10.46
C GLN A 21 -8.42 10.87 -9.49
N LEU A 22 -7.87 10.01 -8.65
CA LEU A 22 -8.67 9.28 -7.66
C LEU A 22 -9.37 10.24 -6.72
N ASP A 23 -8.74 11.38 -6.45
CA ASP A 23 -9.31 12.38 -5.55
C ASP A 23 -9.70 11.76 -4.22
N LYS A 24 -8.99 10.69 -3.84
CA LYS A 24 -9.27 10.00 -2.59
C LYS A 24 -8.48 10.64 -1.44
N LYS A 25 -8.80 10.22 -0.21
CA LYS A 25 -8.12 10.75 0.97
C LYS A 25 -7.10 9.74 1.50
N GLU A 26 -5.88 10.20 1.73
CA GLU A 26 -4.82 9.34 2.25
C GLU A 26 -5.14 8.86 3.65
N ASP A 27 -6.06 9.55 4.31
CA ASP A 27 -6.47 9.19 5.67
C ASP A 27 -7.60 8.17 5.65
N GLU A 28 -7.86 7.61 4.48
CA GLU A 28 -8.92 6.61 4.33
C GLU A 28 -8.44 5.23 4.74
N ILE A 29 -7.20 5.16 5.23
CA ILE A 29 -6.62 3.90 5.66
C ILE A 29 -7.56 3.16 6.62
N THR A 30 -8.13 2.05 6.14
CA THR A 30 -9.04 1.26 6.96
C THR A 30 -9.28 -0.11 6.33
N THR A 31 -9.79 -1.04 7.13
CA THR A 31 -10.07 -2.39 6.65
C THR A 31 -11.38 -2.45 5.88
N ASP A 32 -12.14 -1.35 5.93
CA ASP A 32 -13.42 -1.28 5.23
C ASP A 32 -13.27 -0.53 3.91
N SER A 33 -12.05 -0.49 3.39
CA SER A 33 -11.77 0.20 2.14
C SER A 33 -11.29 -0.79 1.08
N ARG A 34 -10.21 -1.50 1.39
CA ARG A 34 -9.65 -2.48 0.47
C ARG A 34 -9.16 -1.80 -0.81
N PHE A 35 -8.69 -2.59 -1.77
CA PHE A 35 -8.19 -2.07 -3.03
C PHE A 35 -9.31 -1.42 -3.83
N VAL A 36 -10.53 -1.91 -3.64
CA VAL A 36 -11.70 -1.38 -4.34
C VAL A 36 -11.91 0.09 -4.00
N GLU A 37 -11.91 0.40 -2.70
CA GLU A 37 -12.10 1.78 -2.25
C GLU A 37 -10.79 2.55 -2.29
N ASP A 38 -9.79 2.04 -1.58
CA ASP A 38 -8.48 2.69 -1.53
C ASP A 38 -7.90 2.86 -2.93
N LEU A 39 -7.82 1.75 -3.67
CA LEU A 39 -7.28 1.78 -5.03
C LEU A 39 -8.41 1.88 -6.05
N ASN A 40 -8.04 2.04 -7.32
CA ASN A 40 -9.01 2.16 -8.40
C ASN A 40 -9.04 0.89 -9.24
N ALA A 41 -9.07 -0.25 -8.58
CA ALA A 41 -9.10 -1.53 -9.27
C ALA A 41 -9.45 -2.67 -8.31
N ASP A 42 -9.46 -3.90 -8.82
CA ASP A 42 -9.78 -5.07 -8.02
C ASP A 42 -8.53 -5.88 -7.73
N SER A 43 -8.65 -6.82 -6.80
CA SER A 43 -7.52 -7.68 -6.43
C SER A 43 -6.92 -8.35 -7.66
N LEU A 44 -7.72 -8.48 -8.71
CA LEU A 44 -7.28 -9.10 -9.95
C LEU A 44 -5.97 -8.48 -10.42
N ASP A 45 -5.94 -7.15 -10.49
CA ASP A 45 -4.75 -6.44 -10.93
C ASP A 45 -3.74 -6.32 -9.80
N ILE A 46 -4.22 -6.39 -8.56
CA ILE A 46 -3.36 -6.30 -7.39
C ILE A 46 -2.50 -7.54 -7.25
N TYR A 47 -2.99 -8.66 -7.76
CA TYR A 47 -2.26 -9.92 -7.69
C TYR A 47 -0.82 -9.75 -8.15
N GLU A 48 -0.65 -9.03 -9.26
CA GLU A 48 0.68 -8.79 -9.83
C GLU A 48 1.45 -7.79 -8.97
N LEU A 49 0.75 -6.78 -8.46
CA LEU A 49 1.38 -5.76 -7.62
C LEU A 49 2.14 -6.39 -6.46
N LEU A 50 1.41 -7.12 -5.62
CA LEU A 50 2.01 -7.79 -4.47
C LEU A 50 2.99 -8.87 -4.92
N TYR A 51 2.57 -9.67 -5.90
CA TYR A 51 3.41 -10.75 -6.42
C TYR A 51 4.81 -10.22 -6.77
N LEU A 52 4.85 -9.13 -7.52
CA LEU A 52 6.12 -8.54 -7.92
C LEU A 52 6.84 -7.91 -6.72
N LEU A 53 6.07 -7.47 -5.74
CA LEU A 53 6.62 -6.85 -4.54
C LEU A 53 7.40 -7.89 -3.72
N GLU A 54 6.97 -9.15 -3.80
CA GLU A 54 7.63 -10.23 -3.07
C GLU A 54 9.14 -10.20 -3.29
N GLU A 55 9.54 -10.15 -4.55
CA GLU A 55 10.96 -10.13 -4.91
C GLU A 55 11.59 -8.79 -4.51
N ALA A 56 10.82 -7.73 -4.63
CA ALA A 56 11.30 -6.40 -4.29
C ALA A 56 11.72 -6.32 -2.82
N PHE A 57 11.21 -7.25 -2.02
CA PHE A 57 11.53 -7.29 -0.60
C PHE A 57 12.11 -8.65 -0.22
N ASP A 58 12.32 -9.51 -1.21
CA ASP A 58 12.87 -10.83 -0.98
C ASP A 58 12.09 -11.57 0.11
N ASP A 59 10.77 -11.66 -0.07
CA ASP A 59 9.91 -12.33 0.89
C ASP A 59 8.55 -12.64 0.28
N LYS A 60 7.99 -13.78 0.65
CA LYS A 60 6.68 -14.20 0.13
C LYS A 60 5.58 -13.31 0.70
N ILE A 61 4.58 -13.01 -0.13
CA ILE A 61 3.47 -12.17 0.28
C ILE A 61 2.50 -12.96 1.17
N PRO A 62 1.98 -14.07 0.63
CA PRO A 62 1.04 -14.93 1.35
C PRO A 62 1.70 -15.67 2.51
N GLU A 63 3.01 -15.51 2.64
CA GLU A 63 3.76 -16.16 3.70
C GLU A 63 4.29 -15.14 4.71
N ASN A 64 5.12 -14.23 4.23
CA ASN A 64 5.70 -13.19 5.07
C ASN A 64 4.69 -12.10 5.36
N GLU A 65 4.24 -11.42 4.31
CA GLU A 65 3.27 -10.34 4.45
C GLU A 65 1.98 -10.85 5.09
N ALA A 66 1.73 -12.15 4.94
CA ALA A 66 0.54 -12.77 5.50
C ALA A 66 0.57 -12.74 7.02
N ASN A 67 1.73 -12.42 7.59
CA ASN A 67 1.89 -12.37 9.03
C ASN A 67 0.90 -11.39 9.65
N GLU A 68 0.55 -10.35 8.89
CA GLU A 68 -0.39 -9.34 9.36
C GLU A 68 -1.06 -8.62 8.20
N PHE A 69 -1.46 -9.39 7.19
CA PHE A 69 -2.11 -8.82 6.01
C PHE A 69 -3.63 -8.87 6.15
N GLU A 70 -4.29 -7.87 5.59
CA GLU A 70 -5.75 -7.80 5.66
C GLU A 70 -6.29 -6.88 4.55
N THR A 71 -5.88 -5.62 4.58
CA THR A 71 -6.34 -4.65 3.59
C THR A 71 -5.21 -3.69 3.22
N VAL A 72 -5.52 -2.73 2.36
CA VAL A 72 -4.54 -1.74 1.91
C VAL A 72 -3.82 -1.11 3.10
N GLY A 73 -4.57 -0.83 4.16
CA GLY A 73 -4.00 -0.22 5.34
C GLY A 73 -2.75 -0.96 5.81
N ASP A 74 -2.78 -2.28 5.73
CA ASP A 74 -1.64 -3.10 6.14
C ASP A 74 -0.45 -2.89 5.20
N VAL A 75 -0.72 -2.92 3.90
CA VAL A 75 0.34 -2.74 2.91
C VAL A 75 1.01 -1.38 3.06
N VAL A 76 0.22 -0.36 3.39
CA VAL A 76 0.73 0.99 3.58
C VAL A 76 1.79 1.03 4.68
N ASN A 77 1.41 0.58 5.87
CA ASN A 77 2.33 0.57 7.00
C ASN A 77 3.40 -0.50 6.82
N PHE A 78 3.09 -1.51 6.00
CA PHE A 78 4.04 -2.60 5.75
C PHE A 78 5.25 -2.09 4.97
N ILE A 79 5.01 -1.57 3.77
CA ILE A 79 6.09 -1.05 2.93
C ILE A 79 6.75 0.15 3.58
N LYS A 80 6.04 0.80 4.49
CA LYS A 80 6.57 1.97 5.19
C LYS A 80 7.70 1.57 6.13
N LYS A 81 7.43 0.59 6.99
CA LYS A 81 8.43 0.12 7.95
C LYS A 81 9.43 -0.81 7.27
N ARG A 82 9.02 -1.42 6.17
CA ARG A 82 9.87 -2.34 5.43
C ARG A 82 11.01 -1.59 4.75
N LYS A 83 10.72 -0.41 4.22
CA LYS A 83 11.71 0.42 3.56
C LYS A 83 12.29 1.46 4.51
N GLY A 84 11.41 2.17 5.20
CA GLY A 84 11.86 3.19 6.14
C GLY A 84 12.12 2.62 7.53
N GLY A 1 2.85 11.49 13.79
CA GLY A 1 3.74 12.47 14.38
C GLY A 1 4.63 13.14 13.35
N PRO A 2 5.27 14.24 13.74
CA PRO A 2 6.17 15.00 12.85
C PRO A 2 7.46 14.24 12.55
N GLY A 3 8.37 14.88 11.81
CA GLY A 3 9.62 14.25 11.47
C GLY A 3 10.04 14.52 10.04
N SER A 4 9.06 14.62 9.15
CA SER A 4 9.33 14.87 7.73
C SER A 4 10.35 13.88 7.19
N MET A 5 10.12 12.59 7.44
CA MET A 5 11.03 11.55 6.98
C MET A 5 10.47 10.84 5.75
N ASP A 6 11.34 10.20 4.99
CA ASP A 6 10.93 9.49 3.79
C ASP A 6 9.88 8.42 4.11
N ASN A 7 9.89 7.96 5.36
CA ASN A 7 8.95 6.94 5.80
C ASN A 7 7.52 7.32 5.42
N ASP A 8 7.13 8.53 5.80
CA ASP A 8 5.78 9.02 5.50
C ASP A 8 5.76 9.79 4.18
N GLU A 9 6.82 9.64 3.40
CA GLU A 9 6.93 10.32 2.12
C GLU A 9 6.70 9.33 0.96
N ILE A 10 6.95 8.06 1.23
CA ILE A 10 6.76 7.02 0.21
C ILE A 10 5.28 6.85 -0.14
N PHE A 11 4.47 6.60 0.88
CA PHE A 11 3.03 6.42 0.68
C PHE A 11 2.38 7.72 0.24
N SER A 12 2.92 8.84 0.70
CA SER A 12 2.39 10.15 0.36
C SER A 12 2.73 10.52 -1.08
N LYS A 13 3.99 10.35 -1.44
CA LYS A 13 4.45 10.66 -2.79
C LYS A 13 3.71 9.82 -3.82
N VAL A 14 3.70 8.50 -3.62
CA VAL A 14 3.03 7.59 -4.53
C VAL A 14 1.53 7.87 -4.58
N ARG A 15 0.98 8.28 -3.45
CA ARG A 15 -0.45 8.57 -3.35
C ARG A 15 -0.80 9.81 -4.18
N SER A 16 0.09 10.80 -4.16
CA SER A 16 -0.12 12.04 -4.91
C SER A 16 -0.36 11.75 -6.39
N ILE A 17 0.17 10.63 -6.85
CA ILE A 17 0.02 10.23 -8.25
C ILE A 17 -1.37 9.67 -8.51
N ILE A 18 -1.75 8.65 -7.75
CA ILE A 18 -3.05 8.02 -7.90
C ILE A 18 -4.17 8.98 -7.49
N SER A 19 -3.87 9.88 -6.58
CA SER A 19 -4.84 10.86 -6.10
C SER A 19 -5.54 11.54 -7.28
N GLU A 20 -4.83 11.65 -8.39
CA GLU A 20 -5.37 12.28 -9.59
C GLU A 20 -6.58 11.51 -10.11
N GLN A 21 -6.43 10.20 -10.23
CA GLN A 21 -7.51 9.35 -10.73
C GLN A 21 -8.45 8.95 -9.59
N LEU A 22 -7.87 8.46 -8.50
CA LEU A 22 -8.67 8.06 -7.34
C LEU A 22 -9.44 9.23 -6.77
N ASP A 23 -8.86 10.43 -6.88
CA ASP A 23 -9.50 11.64 -6.37
C ASP A 23 -9.95 11.44 -4.92
N LYS A 24 -9.22 10.62 -4.17
CA LYS A 24 -9.54 10.35 -2.78
C LYS A 24 -8.51 11.02 -1.85
N LYS A 25 -8.67 10.78 -0.56
CA LYS A 25 -7.76 11.34 0.44
C LYS A 25 -6.76 10.30 0.92
N GLU A 26 -5.54 10.75 1.21
CA GLU A 26 -4.49 9.84 1.69
C GLU A 26 -4.85 9.28 3.06
N ASP A 27 -5.79 9.92 3.73
CA ASP A 27 -6.22 9.47 5.05
C ASP A 27 -7.31 8.41 4.95
N GLU A 28 -7.52 7.91 3.73
CA GLU A 28 -8.53 6.89 3.49
C GLU A 28 -8.07 5.53 4.00
N ILE A 29 -6.81 5.47 4.44
CA ILE A 29 -6.25 4.23 4.95
C ILE A 29 -7.15 3.61 6.01
N THR A 30 -7.75 2.47 5.67
CA THR A 30 -8.64 1.77 6.60
C THR A 30 -8.96 0.37 6.09
N THR A 31 -9.44 -0.49 6.99
CA THR A 31 -9.79 -1.86 6.64
C THR A 31 -11.16 -1.92 5.99
N ASP A 32 -11.88 -0.79 5.99
CA ASP A 32 -13.20 -0.72 5.40
C ASP A 32 -13.16 -0.01 4.06
N SER A 33 -11.99 -0.02 3.42
CA SER A 33 -11.81 0.64 2.13
C SER A 33 -11.36 -0.36 1.07
N ARG A 34 -10.30 -1.11 1.38
CA ARG A 34 -9.78 -2.10 0.46
C ARG A 34 -9.37 -1.46 -0.87
N PHE A 35 -8.89 -2.27 -1.79
CA PHE A 35 -8.46 -1.77 -3.10
C PHE A 35 -9.67 -1.29 -3.90
N VAL A 36 -10.81 -1.90 -3.68
CA VAL A 36 -12.04 -1.53 -4.38
C VAL A 36 -12.38 -0.05 -4.15
N GLU A 37 -12.37 0.36 -2.89
CA GLU A 37 -12.67 1.74 -2.54
C GLU A 37 -11.43 2.62 -2.65
N ASP A 38 -10.38 2.24 -1.93
CA ASP A 38 -9.13 2.99 -1.95
C ASP A 38 -8.56 3.06 -3.36
N LEU A 39 -8.18 1.90 -3.89
CA LEU A 39 -7.61 1.83 -5.24
C LEU A 39 -8.72 1.88 -6.30
N ASN A 40 -8.32 1.89 -7.56
CA ASN A 40 -9.27 1.94 -8.67
C ASN A 40 -9.26 0.62 -9.44
N ALA A 41 -9.38 -0.49 -8.71
CA ALA A 41 -9.39 -1.81 -9.34
C ALA A 41 -9.81 -2.87 -8.34
N ASP A 42 -9.79 -4.13 -8.77
CA ASP A 42 -10.16 -5.25 -7.92
C ASP A 42 -8.93 -6.01 -7.45
N SER A 43 -9.03 -6.63 -6.27
CA SER A 43 -7.92 -7.38 -5.71
C SER A 43 -7.35 -8.36 -6.74
N LEU A 44 -8.21 -8.85 -7.62
CA LEU A 44 -7.79 -9.79 -8.66
C LEU A 44 -6.59 -9.24 -9.44
N ASP A 45 -6.67 -7.96 -9.81
CA ASP A 45 -5.60 -7.32 -10.55
C ASP A 45 -4.46 -6.90 -9.63
N ILE A 46 -4.79 -6.71 -8.35
CA ILE A 46 -3.80 -6.30 -7.36
C ILE A 46 -2.89 -7.47 -6.99
N TYR A 47 -3.43 -8.68 -7.07
CA TYR A 47 -2.66 -9.88 -6.74
C TYR A 47 -1.32 -9.89 -7.46
N GLU A 48 -1.37 -9.70 -8.77
CA GLU A 48 -0.15 -9.69 -9.59
C GLU A 48 0.74 -8.51 -9.20
N LEU A 49 0.12 -7.39 -8.85
CA LEU A 49 0.86 -6.20 -8.46
C LEU A 49 1.80 -6.49 -7.30
N LEU A 50 1.22 -6.92 -6.18
CA LEU A 50 2.01 -7.24 -4.99
C LEU A 50 2.86 -8.49 -5.21
N TYR A 51 2.28 -9.47 -5.92
CA TYR A 51 2.98 -10.71 -6.20
C TYR A 51 4.36 -10.45 -6.81
N LEU A 52 4.39 -9.61 -7.83
CA LEU A 52 5.64 -9.26 -8.50
C LEU A 52 6.45 -8.29 -7.65
N LEU A 53 5.78 -7.49 -6.85
CA LEU A 53 6.44 -6.52 -5.98
C LEU A 53 7.38 -7.23 -4.99
N GLU A 54 6.85 -8.23 -4.30
CA GLU A 54 7.65 -8.98 -3.34
C GLU A 54 8.84 -9.65 -4.01
N GLU A 55 8.64 -10.09 -5.26
CA GLU A 55 9.70 -10.75 -6.01
C GLU A 55 10.91 -9.82 -6.18
N ALA A 56 10.68 -8.53 -6.00
CA ALA A 56 11.74 -7.54 -6.13
C ALA A 56 12.45 -7.32 -4.79
N PHE A 57 11.78 -7.68 -3.71
CA PHE A 57 12.35 -7.52 -2.37
C PHE A 57 12.73 -8.87 -1.78
N ASP A 58 12.46 -9.93 -2.53
CA ASP A 58 12.78 -11.28 -2.08
C ASP A 58 12.01 -11.62 -0.80
N ASP A 59 10.74 -11.96 -0.95
CA ASP A 59 9.90 -12.30 0.19
C ASP A 59 8.62 -12.99 -0.27
N LYS A 60 7.90 -13.60 0.67
CA LYS A 60 6.66 -14.30 0.36
C LYS A 60 5.46 -13.49 0.85
N ILE A 61 4.44 -13.38 0.00
CA ILE A 61 3.24 -12.64 0.35
C ILE A 61 2.44 -13.38 1.41
N PRO A 62 2.04 -14.63 1.10
CA PRO A 62 1.26 -15.46 2.02
C PRO A 62 2.08 -15.91 3.22
N GLU A 63 3.34 -15.49 3.27
CA GLU A 63 4.22 -15.86 4.37
C GLU A 63 4.57 -14.63 5.22
N ASN A 64 5.32 -13.70 4.63
CA ASN A 64 5.72 -12.49 5.33
C ASN A 64 4.52 -11.55 5.51
N GLU A 65 3.92 -11.15 4.40
CA GLU A 65 2.76 -10.26 4.44
C GLU A 65 1.64 -10.87 5.26
N ALA A 66 1.19 -12.05 4.85
CA ALA A 66 0.11 -12.74 5.53
C ALA A 66 0.39 -12.85 7.03
N ASN A 67 1.67 -12.88 7.39
CA ASN A 67 2.06 -12.98 8.79
C ASN A 67 1.45 -11.86 9.61
N GLU A 68 1.05 -10.79 8.94
CA GLU A 68 0.44 -9.64 9.61
C GLU A 68 -0.28 -8.75 8.61
N PHE A 69 -0.97 -9.36 7.65
CA PHE A 69 -1.70 -8.63 6.63
C PHE A 69 -3.17 -8.49 7.01
N GLU A 70 -3.88 -7.63 6.29
CA GLU A 70 -5.30 -7.41 6.54
C GLU A 70 -5.96 -6.65 5.39
N THR A 71 -5.54 -5.40 5.19
CA THR A 71 -6.08 -4.58 4.12
C THR A 71 -5.02 -3.63 3.56
N VAL A 72 -5.43 -2.79 2.62
CA VAL A 72 -4.51 -1.83 2.00
C VAL A 72 -3.73 -1.06 3.07
N GLY A 73 -4.41 -0.73 4.16
CA GLY A 73 -3.76 0.01 5.23
C GLY A 73 -2.45 -0.61 5.66
N ASP A 74 -2.46 -1.93 5.87
CA ASP A 74 -1.26 -2.64 6.29
C ASP A 74 -0.17 -2.51 5.25
N VAL A 75 -0.54 -2.65 3.98
CA VAL A 75 0.42 -2.54 2.89
C VAL A 75 1.17 -1.21 2.94
N VAL A 76 0.43 -0.12 3.10
CA VAL A 76 1.03 1.20 3.17
C VAL A 76 2.10 1.26 4.24
N ASN A 77 1.76 0.84 5.45
CA ASN A 77 2.70 0.84 6.57
C ASN A 77 3.80 -0.19 6.35
N PHE A 78 3.51 -1.19 5.53
CA PHE A 78 4.48 -2.24 5.24
C PHE A 78 5.57 -1.73 4.31
N ILE A 79 5.18 -1.32 3.11
CA ILE A 79 6.14 -0.82 2.13
C ILE A 79 6.80 0.46 2.63
N LYS A 80 6.14 1.15 3.55
CA LYS A 80 6.68 2.39 4.11
C LYS A 80 7.93 2.12 4.93
N LYS A 81 7.82 1.19 5.88
CA LYS A 81 8.95 0.84 6.73
C LYS A 81 9.89 -0.12 6.02
N ARG A 82 9.33 -0.97 5.17
CA ARG A 82 10.14 -1.94 4.42
C ARG A 82 11.25 -1.24 3.65
N LYS A 83 10.93 -0.10 3.05
CA LYS A 83 11.91 0.66 2.28
C LYS A 83 12.47 1.81 3.12
N GLY A 84 11.59 2.54 3.78
CA GLY A 84 12.01 3.65 4.60
C GLY A 84 12.70 3.21 5.88
#